data_1Z13
# 
_entry.id   1Z13 
# 
_audit_conform.dict_name       mmcif_pdbx.dic 
_audit_conform.dict_version    5.376 
_audit_conform.dict_location   http://mmcif.pdb.org/dictionaries/ascii/mmcif_pdbx.dic 
# 
loop_
_database_2.database_id 
_database_2.database_code 
_database_2.pdbx_database_accession 
_database_2.pdbx_DOI 
PDB   1Z13         pdb_00001z13 10.2210/pdb1z13/pdb 
RCSB  RCSB032164   ?            ?                   
WWPDB D_1000032164 ?            ?                   
# 
loop_
_pdbx_database_related.db_name 
_pdbx_database_related.db_id 
_pdbx_database_related.details 
_pdbx_database_related.content_type 
PDB 1DG9 'Same protein complexed with HEPES'    unspecified 
PDB 1Z12 'Same protein complexed with Vanadate' unspecified 
# 
_pdbx_database_status.status_code                     REL 
_pdbx_database_status.entry_id                        1Z13 
_pdbx_database_status.recvd_initial_deposition_date   2005-03-03 
_pdbx_database_status.deposit_site                    RCSB 
_pdbx_database_status.process_site                    RCSB 
_pdbx_database_status.status_code_sf                  ? 
_pdbx_database_status.status_code_mr                  ? 
_pdbx_database_status.SG_entry                        ? 
_pdbx_database_status.status_code_cs                  ? 
_pdbx_database_status.pdb_format_compatible           Y 
_pdbx_database_status.status_code_nmr_data            ? 
_pdbx_database_status.methods_development_category    ? 
# 
loop_
_audit_author.name 
_audit_author.pdbx_ordinal 
'Zhang, M.'         1 
'Zhou, M.'          2 
'Van Etten, R.L.'   3 
'Stauffacher, C.V.' 4 
# 
_citation.id                        primary 
_citation.title                     
'Crystal Structure of Bovine Low Molecular Weight Phosphotyrosyl Phosphatase Complexed with the Transition State Analog Vanadate' 
_citation.journal_abbrev            Biochemistry 
_citation.journal_volume            36 
_citation.page_first                15 
_citation.page_last                 23 
_citation.year                      1997 
_citation.journal_id_ASTM           BICHAW 
_citation.country                   US 
_citation.journal_id_ISSN           0006-2960 
_citation.journal_id_CSD            0033 
_citation.book_publisher            ? 
_citation.pdbx_database_id_PubMed   8993313 
_citation.pdbx_database_id_DOI      10.1021/bi961804n 
# 
loop_
_citation_author.citation_id 
_citation_author.name 
_citation_author.ordinal 
_citation_author.identifier_ORCID 
primary 'Zhang, M.'         1 ? 
primary 'Zhou, M.'          2 ? 
primary 'Van Etten, R.L.'   3 ? 
primary 'Stauffacher, C.V.' 4 ? 
# 
_cell.entry_id           1Z13 
_cell.length_a           95.300 
_cell.length_b           43.400 
_cell.length_c           41.200 
_cell.angle_alpha        90.00 
_cell.angle_beta         113.40 
_cell.angle_gamma        90.00 
_cell.Z_PDB              4 
_cell.pdbx_unique_axis   ? 
_cell.length_a_esd       ? 
_cell.length_b_esd       ? 
_cell.length_c_esd       ? 
_cell.angle_alpha_esd    ? 
_cell.angle_beta_esd     ? 
_cell.angle_gamma_esd    ? 
# 
_symmetry.entry_id                         1Z13 
_symmetry.space_group_name_H-M             'C 1 2 1' 
_symmetry.pdbx_full_space_group_name_H-M   ? 
_symmetry.cell_setting                     ? 
_symmetry.Int_Tables_number                5 
_symmetry.space_group_name_Hall            ? 
# 
loop_
_entity.id 
_entity.type 
_entity.src_method 
_entity.pdbx_description 
_entity.formula_weight 
_entity.pdbx_number_of_molecules 
_entity.pdbx_ec 
_entity.pdbx_mutation 
_entity.pdbx_fragment 
_entity.details 
1 polymer     man 'Low molecular weight phosphotyrosine protein phosphatase' 17946.326 1 '3.1.3.48, 3.1.3.2' ? ? ? 
2 non-polymer syn 'MOLYBDATE ION'                                            159.938   1 ?                   ? ? ? 
# 
_entity_name_com.entity_id   1 
_entity_name_com.name        'Low molecular weight cytosolic acid phosphatase, PTPase' 
# 
_entity_poly.entity_id                      1 
_entity_poly.type                           'polypeptide(L)' 
_entity_poly.nstd_linkage                   no 
_entity_poly.nstd_monomer                   no 
_entity_poly.pdbx_seq_one_letter_code       
;AEQVTKSVLFVCLGNICRSPIAEAVFRKLVTDQNISDNWVIDSGAVSDWNVGRSPDPRAVSCLRNHGINTAHKARQVTKE
DFVTFDYILCMDESNLRDLNRKSNQVKNCRAKIELLGSYDPQKQLIIEDPYYGNDADFETVYQQCVRCCRAFLEKVR
;
_entity_poly.pdbx_seq_one_letter_code_can   
;AEQVTKSVLFVCLGNICRSPIAEAVFRKLVTDQNISDNWVIDSGAVSDWNVGRSPDPRAVSCLRNHGINTAHKARQVTKE
DFVTFDYILCMDESNLRDLNRKSNQVKNCRAKIELLGSYDPQKQLIIEDPYYGNDADFETVYQQCVRCCRAFLEKVR
;
_entity_poly.pdbx_strand_id                 A 
_entity_poly.pdbx_target_identifier         ? 
# 
loop_
_entity_poly_seq.entity_id 
_entity_poly_seq.num 
_entity_poly_seq.mon_id 
_entity_poly_seq.hetero 
1 1   ALA n 
1 2   GLU n 
1 3   GLN n 
1 4   VAL n 
1 5   THR n 
1 6   LYS n 
1 7   SER n 
1 8   VAL n 
1 9   LEU n 
1 10  PHE n 
1 11  VAL n 
1 12  CYS n 
1 13  LEU n 
1 14  GLY n 
1 15  ASN n 
1 16  ILE n 
1 17  CYS n 
1 18  ARG n 
1 19  SER n 
1 20  PRO n 
1 21  ILE n 
1 22  ALA n 
1 23  GLU n 
1 24  ALA n 
1 25  VAL n 
1 26  PHE n 
1 27  ARG n 
1 28  LYS n 
1 29  LEU n 
1 30  VAL n 
1 31  THR n 
1 32  ASP n 
1 33  GLN n 
1 34  ASN n 
1 35  ILE n 
1 36  SER n 
1 37  ASP n 
1 38  ASN n 
1 39  TRP n 
1 40  VAL n 
1 41  ILE n 
1 42  ASP n 
1 43  SER n 
1 44  GLY n 
1 45  ALA n 
1 46  VAL n 
1 47  SER n 
1 48  ASP n 
1 49  TRP n 
1 50  ASN n 
1 51  VAL n 
1 52  GLY n 
1 53  ARG n 
1 54  SER n 
1 55  PRO n 
1 56  ASP n 
1 57  PRO n 
1 58  ARG n 
1 59  ALA n 
1 60  VAL n 
1 61  SER n 
1 62  CYS n 
1 63  LEU n 
1 64  ARG n 
1 65  ASN n 
1 66  HIS n 
1 67  GLY n 
1 68  ILE n 
1 69  ASN n 
1 70  THR n 
1 71  ALA n 
1 72  HIS n 
1 73  LYS n 
1 74  ALA n 
1 75  ARG n 
1 76  GLN n 
1 77  VAL n 
1 78  THR n 
1 79  LYS n 
1 80  GLU n 
1 81  ASP n 
1 82  PHE n 
1 83  VAL n 
1 84  THR n 
1 85  PHE n 
1 86  ASP n 
1 87  TYR n 
1 88  ILE n 
1 89  LEU n 
1 90  CYS n 
1 91  MET n 
1 92  ASP n 
1 93  GLU n 
1 94  SER n 
1 95  ASN n 
1 96  LEU n 
1 97  ARG n 
1 98  ASP n 
1 99  LEU n 
1 100 ASN n 
1 101 ARG n 
1 102 LYS n 
1 103 SER n 
1 104 ASN n 
1 105 GLN n 
1 106 VAL n 
1 107 LYS n 
1 108 ASN n 
1 109 CYS n 
1 110 ARG n 
1 111 ALA n 
1 112 LYS n 
1 113 ILE n 
1 114 GLU n 
1 115 LEU n 
1 116 LEU n 
1 117 GLY n 
1 118 SER n 
1 119 TYR n 
1 120 ASP n 
1 121 PRO n 
1 122 GLN n 
1 123 LYS n 
1 124 GLN n 
1 125 LEU n 
1 126 ILE n 
1 127 ILE n 
1 128 GLU n 
1 129 ASP n 
1 130 PRO n 
1 131 TYR n 
1 132 TYR n 
1 133 GLY n 
1 134 ASN n 
1 135 ASP n 
1 136 ALA n 
1 137 ASP n 
1 138 PHE n 
1 139 GLU n 
1 140 THR n 
1 141 VAL n 
1 142 TYR n 
1 143 GLN n 
1 144 GLN n 
1 145 CYS n 
1 146 VAL n 
1 147 ARG n 
1 148 CYS n 
1 149 CYS n 
1 150 ARG n 
1 151 ALA n 
1 152 PHE n 
1 153 LEU n 
1 154 GLU n 
1 155 LYS n 
1 156 VAL n 
1 157 ARG n 
# 
_entity_src_gen.entity_id                          1 
_entity_src_gen.pdbx_src_id                        1 
_entity_src_gen.pdbx_alt_source_flag               sample 
_entity_src_gen.pdbx_seq_type                      ? 
_entity_src_gen.pdbx_beg_seq_num                   ? 
_entity_src_gen.pdbx_end_seq_num                   ? 
_entity_src_gen.gene_src_common_name               cattle 
_entity_src_gen.gene_src_genus                     Bos 
_entity_src_gen.pdbx_gene_src_gene                 ACP1 
_entity_src_gen.gene_src_species                   ? 
_entity_src_gen.gene_src_strain                    ? 
_entity_src_gen.gene_src_tissue                    ? 
_entity_src_gen.gene_src_tissue_fraction           ? 
_entity_src_gen.gene_src_details                   ? 
_entity_src_gen.pdbx_gene_src_fragment             ? 
_entity_src_gen.pdbx_gene_src_scientific_name      'Bos taurus' 
_entity_src_gen.pdbx_gene_src_ncbi_taxonomy_id     9913 
_entity_src_gen.pdbx_gene_src_variant              ? 
_entity_src_gen.pdbx_gene_src_cell_line            ? 
_entity_src_gen.pdbx_gene_src_atcc                 ? 
_entity_src_gen.pdbx_gene_src_organ                ? 
_entity_src_gen.pdbx_gene_src_organelle            ? 
_entity_src_gen.pdbx_gene_src_cell                 ? 
_entity_src_gen.pdbx_gene_src_cellular_location    ? 
_entity_src_gen.host_org_common_name               ? 
_entity_src_gen.pdbx_host_org_scientific_name      'Escherichia coli' 
_entity_src_gen.pdbx_host_org_ncbi_taxonomy_id     562 
_entity_src_gen.host_org_genus                     Escherichia 
_entity_src_gen.pdbx_host_org_gene                 ? 
_entity_src_gen.pdbx_host_org_organ                ? 
_entity_src_gen.host_org_species                   ? 
_entity_src_gen.pdbx_host_org_tissue               ? 
_entity_src_gen.pdbx_host_org_tissue_fraction      ? 
_entity_src_gen.pdbx_host_org_strain               ? 
_entity_src_gen.pdbx_host_org_variant              ? 
_entity_src_gen.pdbx_host_org_cell_line            ? 
_entity_src_gen.pdbx_host_org_atcc                 ? 
_entity_src_gen.pdbx_host_org_culture_collection   ? 
_entity_src_gen.pdbx_host_org_cell                 ? 
_entity_src_gen.pdbx_host_org_organelle            ? 
_entity_src_gen.pdbx_host_org_cellular_location    ? 
_entity_src_gen.pdbx_host_org_vector_type          ? 
_entity_src_gen.pdbx_host_org_vector               ? 
_entity_src_gen.host_org_details                   ? 
_entity_src_gen.expression_system_id               ? 
_entity_src_gen.plasmid_name                       ? 
_entity_src_gen.plasmid_details                    ? 
_entity_src_gen.pdbx_description                   ? 
# 
_struct_ref.id                         1 
_struct_ref.db_name                    UNP 
_struct_ref.db_code                    PPAC_BOVIN 
_struct_ref.pdbx_db_accession          P11064 
_struct_ref.entity_id                  1 
_struct_ref.pdbx_seq_one_letter_code   
;AEQVTKSVLFVCLGNICRSPIAEAVFRKLVTDQNISDNWVIDSGAVSDWNVGRSPDPRAVSCLRNHGINTAHKARQVTKE
DFVTFDYILCMDESNLRDLNRKSNQVKNCRAKIELLGSYDPQKQLIIEDPYYGNDADFETVYQQCVRCCRAFLEKVR
;
_struct_ref.pdbx_align_begin           1 
_struct_ref.pdbx_db_isoform            ? 
# 
_struct_ref_seq.align_id                      1 
_struct_ref_seq.ref_id                        1 
_struct_ref_seq.pdbx_PDB_id_code              1Z13 
_struct_ref_seq.pdbx_strand_id                A 
_struct_ref_seq.seq_align_beg                 1 
_struct_ref_seq.pdbx_seq_align_beg_ins_code   ? 
_struct_ref_seq.seq_align_end                 157 
_struct_ref_seq.pdbx_seq_align_end_ins_code   ? 
_struct_ref_seq.pdbx_db_accession             P11064 
_struct_ref_seq.db_align_beg                  1 
_struct_ref_seq.pdbx_db_align_beg_ins_code    ? 
_struct_ref_seq.db_align_end                  157 
_struct_ref_seq.pdbx_db_align_end_ins_code    ? 
_struct_ref_seq.pdbx_auth_seq_align_beg       1 
_struct_ref_seq.pdbx_auth_seq_align_end       157 
# 
loop_
_chem_comp.id 
_chem_comp.type 
_chem_comp.mon_nstd_flag 
_chem_comp.name 
_chem_comp.pdbx_synonyms 
_chem_comp.formula 
_chem_comp.formula_weight 
ALA 'L-peptide linking' y ALANINE         ?         'C3 H7 N O2'     89.093  
ARG 'L-peptide linking' y ARGININE        ?         'C6 H15 N4 O2 1' 175.209 
ASN 'L-peptide linking' y ASPARAGINE      ?         'C4 H8 N2 O3'    132.118 
ASP 'L-peptide linking' y 'ASPARTIC ACID' ?         'C4 H7 N O4'     133.103 
CYS 'L-peptide linking' y CYSTEINE        ?         'C3 H7 N O2 S'   121.158 
GLN 'L-peptide linking' y GLUTAMINE       ?         'C5 H10 N2 O3'   146.144 
GLU 'L-peptide linking' y 'GLUTAMIC ACID' ?         'C5 H9 N O4'     147.129 
GLY 'peptide linking'   y GLYCINE         ?         'C2 H5 N O2'     75.067  
HIS 'L-peptide linking' y HISTIDINE       ?         'C6 H10 N3 O2 1' 156.162 
ILE 'L-peptide linking' y ISOLEUCINE      ?         'C6 H13 N O2'    131.173 
LEU 'L-peptide linking' y LEUCINE         ?         'C6 H13 N O2'    131.173 
LYS 'L-peptide linking' y LYSINE          ?         'C6 H15 N2 O2 1' 147.195 
MET 'L-peptide linking' y METHIONINE      ?         'C5 H11 N O2 S'  149.211 
MOO non-polymer         . 'MOLYBDATE ION' MOLYBDATE 'Mo O4 -2'       159.938 
PHE 'L-peptide linking' y PHENYLALANINE   ?         'C9 H11 N O2'    165.189 
PRO 'L-peptide linking' y PROLINE         ?         'C5 H9 N O2'     115.130 
SER 'L-peptide linking' y SERINE          ?         'C3 H7 N O3'     105.093 
THR 'L-peptide linking' y THREONINE       ?         'C4 H9 N O3'     119.119 
TRP 'L-peptide linking' y TRYPTOPHAN      ?         'C11 H12 N2 O2'  204.225 
TYR 'L-peptide linking' y TYROSINE        ?         'C9 H11 N O3'    181.189 
VAL 'L-peptide linking' y VALINE          ?         'C5 H11 N O2'    117.146 
# 
_exptl.entry_id          1Z13 
_exptl.method            'X-RAY DIFFRACTION' 
_exptl.crystals_number   1 
# 
_exptl_crystal.id                    1 
_exptl_crystal.density_meas          ? 
_exptl_crystal.density_Matthews      2.17 
_exptl_crystal.density_percent_sol   43.08 
_exptl_crystal.description           ? 
_exptl_crystal.F_000                 ? 
_exptl_crystal.preparation           ? 
# 
_exptl_crystal_grow.crystal_id      1 
_exptl_crystal_grow.method          'VAPOR DIFFUSION, SITTING DROP' 
_exptl_crystal_grow.temp            295 
_exptl_crystal_grow.temp_details    ? 
_exptl_crystal_grow.pH              7.5 
_exptl_crystal_grow.pdbx_details    
'PEG 4000, HEPES, Isopropanol, Na2MoO4, pH 7.5, VAPOR DIFFUSION, SITTING DROP, temperature 295K' 
_exptl_crystal_grow.pdbx_pH_range   . 
# 
_diffrn.id                     1 
_diffrn.ambient_temp           298 
_diffrn.ambient_temp_details   ? 
_diffrn.crystal_id             1 
# 
_diffrn_detector.diffrn_id              1 
_diffrn_detector.detector               'IMAGE PLATE' 
_diffrn_detector.type                   'RIGAKU RAXIS II' 
_diffrn_detector.pdbx_collection_date   1995-01-01 
_diffrn_detector.details                ? 
# 
_diffrn_radiation.diffrn_id                        1 
_diffrn_radiation.wavelength_id                    1 
_diffrn_radiation.pdbx_monochromatic_or_laue_m_l   M 
_diffrn_radiation.monochromator                    'Yale Mirrors' 
_diffrn_radiation.pdbx_diffrn_protocol             'SINGLE WAVELENGTH' 
_diffrn_radiation.pdbx_scattering_type             x-ray 
# 
_diffrn_radiation_wavelength.id           1 
_diffrn_radiation_wavelength.wavelength   1.54 
_diffrn_radiation_wavelength.wt           1.0 
# 
_diffrn_source.diffrn_id                   1 
_diffrn_source.source                      'ROTATING ANODE' 
_diffrn_source.type                        'RIGAKU RU200' 
_diffrn_source.pdbx_synchrotron_site       ? 
_diffrn_source.pdbx_synchrotron_beamline   ? 
_diffrn_source.pdbx_wavelength             ? 
_diffrn_source.pdbx_wavelength_list        1.54 
# 
_reflns.entry_id                     1Z13 
_reflns.observed_criterion_sigma_F   ? 
_reflns.observed_criterion_sigma_I   ? 
_reflns.d_resolution_high            2.2 
_reflns.d_resolution_low             50 
_reflns.number_all                   ? 
_reflns.number_obs                   5798 
_reflns.percent_possible_obs         73.3 
_reflns.pdbx_Rmerge_I_obs            ? 
_reflns.pdbx_Rsym_value              0.066 
_reflns.pdbx_netI_over_sigmaI        ? 
_reflns.B_iso_Wilson_estimate        ? 
_reflns.pdbx_redundancy              ? 
_reflns.R_free_details               ? 
_reflns.limit_h_max                  ? 
_reflns.limit_h_min                  ? 
_reflns.limit_k_max                  ? 
_reflns.limit_k_min                  ? 
_reflns.limit_l_max                  ? 
_reflns.limit_l_min                  ? 
_reflns.observed_criterion_F_max     ? 
_reflns.observed_criterion_F_min     ? 
_reflns.pdbx_chi_squared             ? 
_reflns.pdbx_scaling_rejects         ? 
_reflns.pdbx_diffrn_id               1 
_reflns.pdbx_ordinal                 1 
# 
_refine.entry_id                                 1Z13 
_refine.ls_d_res_high                            2.2 
_refine.ls_d_res_low                             20 
_refine.pdbx_ls_sigma_F                          0 
_refine.pdbx_ls_sigma_I                          ? 
_refine.ls_number_reflns_all                     ? 
_refine.ls_number_reflns_obs                     5798 
_refine.ls_number_reflns_R_free                  ? 
_refine.ls_percent_reflns_obs                    ? 
_refine.ls_R_factor_all                          ? 
_refine.ls_R_factor_obs                          0.159 
_refine.ls_R_factor_R_work                       ? 
_refine.ls_R_factor_R_free                       ? 
_refine.ls_redundancy_reflns_obs                 ? 
_refine.pdbx_data_cutoff_high_absF               ? 
_refine.pdbx_data_cutoff_low_absF                ? 
_refine.ls_number_parameters                     ? 
_refine.ls_number_restraints                     ? 
_refine.ls_percent_reflns_R_free                 ? 
_refine.ls_R_factor_R_free_error                 ? 
_refine.ls_R_factor_R_free_error_details         ? 
_refine.pdbx_method_to_determine_struct          'MOLECULAR REPLACEMENT' 
_refine.pdbx_starting_model                      'PDB entry 1DG9' 
_refine.pdbx_ls_cross_valid_method               ? 
_refine.pdbx_R_Free_selection_details            Random 
_refine.pdbx_stereochem_target_val_spec_case     ? 
_refine.pdbx_stereochemistry_target_values       'Engh & Huber' 
_refine.solvent_model_details                    ? 
_refine.solvent_model_param_bsol                 ? 
_refine.solvent_model_param_ksol                 ? 
_refine.occupancy_max                            ? 
_refine.occupancy_min                            ? 
_refine.pdbx_isotropic_thermal_model             ? 
_refine.B_iso_mean                               ? 
_refine.aniso_B[1][1]                            ? 
_refine.aniso_B[1][2]                            ? 
_refine.aniso_B[1][3]                            ? 
_refine.aniso_B[2][2]                            ? 
_refine.aniso_B[2][3]                            ? 
_refine.aniso_B[3][3]                            ? 
_refine.details                                  ? 
_refine.B_iso_min                                ? 
_refine.B_iso_max                                ? 
_refine.correlation_coeff_Fo_to_Fc               ? 
_refine.correlation_coeff_Fo_to_Fc_free          ? 
_refine.pdbx_solvent_vdw_probe_radii             ? 
_refine.pdbx_solvent_ion_probe_radii             ? 
_refine.pdbx_solvent_shrinkage_radii             ? 
_refine.overall_SU_R_Cruickshank_DPI             ? 
_refine.overall_SU_R_free                        ? 
_refine.overall_SU_B                             ? 
_refine.overall_SU_ML                            ? 
_refine.pdbx_overall_ESU_R_Free                  ? 
_refine.pdbx_data_cutoff_high_rms_absF           ? 
_refine.ls_wR_factor_R_free                      ? 
_refine.ls_wR_factor_R_work                      ? 
_refine.overall_FOM_free_R_set                   ? 
_refine.overall_FOM_work_R_set                   ? 
_refine.pdbx_refine_id                           'X-RAY DIFFRACTION' 
_refine.pdbx_overall_ESU_R                       ? 
_refine.pdbx_overall_phase_error                 ? 
_refine.pdbx_diffrn_id                           1 
_refine.pdbx_TLS_residual_ADP_flag               ? 
_refine.pdbx_overall_SU_R_free_Cruickshank_DPI   ? 
_refine.pdbx_overall_SU_R_Blow_DPI               ? 
_refine.pdbx_overall_SU_R_free_Blow_DPI          ? 
# 
_refine_hist.pdbx_refine_id                   'X-RAY DIFFRACTION' 
_refine_hist.cycle_id                         LAST 
_refine_hist.pdbx_number_atoms_protein        1256 
_refine_hist.pdbx_number_atoms_nucleic_acid   0 
_refine_hist.pdbx_number_atoms_ligand         5 
_refine_hist.number_atoms_solvent             0 
_refine_hist.number_atoms_total               1261 
_refine_hist.d_res_high                       2.2 
_refine_hist.d_res_low                        20 
# 
loop_
_refine_ls_restr.type 
_refine_ls_restr.dev_ideal 
_refine_ls_restr.dev_ideal_target 
_refine_ls_restr.weight 
_refine_ls_restr.number 
_refine_ls_restr.pdbx_refine_id 
_refine_ls_restr.pdbx_restraint_function 
t_angle_deg        2.45  ? ? ? 'X-RAY DIFFRACTION' ? 
t_bond_d           0.010 ? ? ? 'X-RAY DIFFRACTION' ? 
t_dihedral_angle_d 14.2  ? ? ? 'X-RAY DIFFRACTION' ? 
# 
_struct.entry_id                  1Z13 
_struct.title                     'Crystal Structure of Bovine Low Molecular Weight PTPase Complexed with Molybdate' 
_struct.pdbx_model_details        ? 
_struct.pdbx_CASP_flag            ? 
_struct.pdbx_model_type_details   ? 
# 
_struct_keywords.entry_id        1Z13 
_struct_keywords.pdbx_keywords   HYDROLASE 
_struct_keywords.text            'PTPase, Molybdate Complex, Hydrolase' 
# 
loop_
_struct_asym.id 
_struct_asym.pdbx_blank_PDB_chainid_flag 
_struct_asym.pdbx_modified 
_struct_asym.entity_id 
_struct_asym.details 
A N N 1 ? 
B N N 2 ? 
# 
_struct_biol.id                    1 
_struct_biol.pdbx_parent_biol_id   ? 
_struct_biol.details               ? 
# 
loop_
_struct_conf.conf_type_id 
_struct_conf.id 
_struct_conf.pdbx_PDB_helix_id 
_struct_conf.beg_label_comp_id 
_struct_conf.beg_label_asym_id 
_struct_conf.beg_label_seq_id 
_struct_conf.pdbx_beg_PDB_ins_code 
_struct_conf.end_label_comp_id 
_struct_conf.end_label_asym_id 
_struct_conf.end_label_seq_id 
_struct_conf.pdbx_end_PDB_ins_code 
_struct_conf.beg_auth_comp_id 
_struct_conf.beg_auth_asym_id 
_struct_conf.beg_auth_seq_id 
_struct_conf.end_auth_comp_id 
_struct_conf.end_auth_asym_id 
_struct_conf.end_auth_seq_id 
_struct_conf.pdbx_PDB_helix_class 
_struct_conf.details 
_struct_conf.pdbx_PDB_helix_length 
HELX_P HELX_P1 1 CYS A 17  ? GLN A 33  ? CYS A 17  GLN A 33  1 ? 17 
HELX_P HELX_P2 2 ILE A 35  ? ASP A 37  ? ILE A 35  ASP A 37  5 ? 3  
HELX_P HELX_P3 3 ASP A 56  ? HIS A 66  ? ASP A 56  HIS A 66  1 ? 11 
HELX_P HELX_P4 4 GLU A 80  ? PHE A 85  ? GLU A 80  PHE A 85  1 ? 6  
HELX_P HELX_P5 5 ASP A 92  ? ASN A 104 ? ASP A 92  ASN A 104 1 ? 13 
HELX_P HELX_P6 6 GLY A 117 ? ASP A 120 ? GLY A 117 ASP A 120 5 ? 4  
HELX_P HELX_P7 7 ASN A 134 ? ARG A 157 ? ASN A 134 ARG A 157 1 ? 24 
# 
_struct_conf_type.id          HELX_P 
_struct_conf_type.criteria    ? 
_struct_conf_type.reference   ? 
# 
_struct_sheet.id               A 
_struct_sheet.type             ? 
_struct_sheet.number_strands   4 
_struct_sheet.details          ? 
# 
loop_
_struct_sheet_order.sheet_id 
_struct_sheet_order.range_id_1 
_struct_sheet_order.range_id_2 
_struct_sheet_order.offset 
_struct_sheet_order.sense 
A 1 2 ? parallel 
A 2 3 ? parallel 
A 3 4 ? parallel 
# 
loop_
_struct_sheet_range.sheet_id 
_struct_sheet_range.id 
_struct_sheet_range.beg_label_comp_id 
_struct_sheet_range.beg_label_asym_id 
_struct_sheet_range.beg_label_seq_id 
_struct_sheet_range.pdbx_beg_PDB_ins_code 
_struct_sheet_range.end_label_comp_id 
_struct_sheet_range.end_label_asym_id 
_struct_sheet_range.end_label_seq_id 
_struct_sheet_range.pdbx_end_PDB_ins_code 
_struct_sheet_range.beg_auth_comp_id 
_struct_sheet_range.beg_auth_asym_id 
_struct_sheet_range.beg_auth_seq_id 
_struct_sheet_range.end_auth_comp_id 
_struct_sheet_range.end_auth_asym_id 
_struct_sheet_range.end_auth_seq_id 
A 1 TRP A 39  ? ALA A 45  ? TRP A 39  ALA A 45  
A 2 LYS A 6   ? CYS A 12  ? LYS A 6   CYS A 12  
A 3 TYR A 87  ? CYS A 90  ? TYR A 87  CYS A 90  
A 4 LYS A 112 ? LEU A 115 ? LYS A 112 LEU A 115 
# 
loop_
_pdbx_struct_sheet_hbond.sheet_id 
_pdbx_struct_sheet_hbond.range_id_1 
_pdbx_struct_sheet_hbond.range_id_2 
_pdbx_struct_sheet_hbond.range_1_label_atom_id 
_pdbx_struct_sheet_hbond.range_1_label_comp_id 
_pdbx_struct_sheet_hbond.range_1_label_asym_id 
_pdbx_struct_sheet_hbond.range_1_label_seq_id 
_pdbx_struct_sheet_hbond.range_1_PDB_ins_code 
_pdbx_struct_sheet_hbond.range_1_auth_atom_id 
_pdbx_struct_sheet_hbond.range_1_auth_comp_id 
_pdbx_struct_sheet_hbond.range_1_auth_asym_id 
_pdbx_struct_sheet_hbond.range_1_auth_seq_id 
_pdbx_struct_sheet_hbond.range_2_label_atom_id 
_pdbx_struct_sheet_hbond.range_2_label_comp_id 
_pdbx_struct_sheet_hbond.range_2_label_asym_id 
_pdbx_struct_sheet_hbond.range_2_label_seq_id 
_pdbx_struct_sheet_hbond.range_2_PDB_ins_code 
_pdbx_struct_sheet_hbond.range_2_auth_atom_id 
_pdbx_struct_sheet_hbond.range_2_auth_comp_id 
_pdbx_struct_sheet_hbond.range_2_auth_asym_id 
_pdbx_struct_sheet_hbond.range_2_auth_seq_id 
A 1 2 O ASP A 42 ? O ASP A 42 N PHE A 10  ? N PHE A 10  
A 2 3 N VAL A 11 ? N VAL A 11 O LEU A 89  ? O LEU A 89  
A 3 4 N CYS A 90 ? N CYS A 90 O GLU A 114 ? O GLU A 114 
# 
_struct_site.id                   AC1 
_struct_site.pdbx_evidence_code   Software 
_struct_site.pdbx_auth_asym_id    A 
_struct_site.pdbx_auth_comp_id    MOO 
_struct_site.pdbx_auth_seq_id     158 
_struct_site.pdbx_auth_ins_code   ? 
_struct_site.pdbx_num_residues    8 
_struct_site.details              'BINDING SITE FOR RESIDUE MOO A 158' 
# 
loop_
_struct_site_gen.id 
_struct_site_gen.site_id 
_struct_site_gen.pdbx_num_res 
_struct_site_gen.label_comp_id 
_struct_site_gen.label_asym_id 
_struct_site_gen.label_seq_id 
_struct_site_gen.pdbx_auth_ins_code 
_struct_site_gen.auth_comp_id 
_struct_site_gen.auth_asym_id 
_struct_site_gen.auth_seq_id 
_struct_site_gen.label_atom_id 
_struct_site_gen.label_alt_id 
_struct_site_gen.symmetry 
_struct_site_gen.details 
1 AC1 8 CYS A 12  ? CYS A 12  . ? 1_555 ? 
2 AC1 8 LEU A 13  ? LEU A 13  . ? 1_555 ? 
3 AC1 8 GLY A 14  ? GLY A 14  . ? 1_555 ? 
4 AC1 8 ASN A 15  ? ASN A 15  . ? 1_555 ? 
5 AC1 8 ILE A 16  ? ILE A 16  . ? 1_555 ? 
6 AC1 8 CYS A 17  ? CYS A 17  . ? 1_555 ? 
7 AC1 8 ARG A 18  ? ARG A 18  . ? 1_555 ? 
8 AC1 8 ASP A 129 ? ASP A 129 . ? 1_555 ? 
# 
_atom_sites.entry_id                    1Z13 
_atom_sites.fract_transf_matrix[1][1]   0.00835265 
_atom_sites.fract_transf_matrix[1][2]   -0.00650825 
_atom_sites.fract_transf_matrix[1][3]   -0.00431272 
_atom_sites.fract_transf_matrix[2][1]   -0.01565045 
_atom_sites.fract_transf_matrix[2][2]   -0.01526591 
_atom_sites.fract_transf_matrix[2][3]   -0.00727345 
_atom_sites.fract_transf_matrix[3][1]   0.00596908 
_atom_sites.fract_transf_matrix[3][2]   0.00583695 
_atom_sites.fract_transf_matrix[3][3]   -0.02509470 
_atom_sites.fract_transf_vector[1]      0.320184 
_atom_sites.fract_transf_vector[2]      0.727725 
_atom_sites.fract_transf_vector[3]      0.839375 
# 
loop_
_atom_type.symbol 
C  
MO 
N  
O  
S  
# 
loop_
_atom_site.group_PDB 
_atom_site.id 
_atom_site.type_symbol 
_atom_site.label_atom_id 
_atom_site.label_alt_id 
_atom_site.label_comp_id 
_atom_site.label_asym_id 
_atom_site.label_entity_id 
_atom_site.label_seq_id 
_atom_site.pdbx_PDB_ins_code 
_atom_site.Cartn_x 
_atom_site.Cartn_y 
_atom_site.Cartn_z 
_atom_site.occupancy 
_atom_site.B_iso_or_equiv 
_atom_site.pdbx_formal_charge 
_atom_site.auth_seq_id 
_atom_site.auth_comp_id 
_atom_site.auth_asym_id 
_atom_site.auth_atom_id 
_atom_site.pdbx_PDB_model_num 
ATOM   1    N  N   . ALA A 1 1   ? 24.288  12.498  -3.194  1.00 100.00 ? 1   ALA A N   1 
ATOM   2    C  CA  . ALA A 1 1   ? 23.210  11.542  -2.995  1.00 100.00 ? 1   ALA A CA  1 
ATOM   3    C  C   . ALA A 1 1   ? 22.566  11.099  -4.307  1.00 100.00 ? 1   ALA A C   1 
ATOM   4    O  O   . ALA A 1 1   ? 21.585  11.669  -4.795  1.00 100.00 ? 1   ALA A O   1 
ATOM   5    C  CB  . ALA A 1 1   ? 22.186  12.003  -1.959  1.00 100.00 ? 1   ALA A CB  1 
ATOM   6    N  N   . GLU A 1 2   ? 23.118  10.019  -4.846  1.00 100.00 ? 2   GLU A N   1 
ATOM   7    C  CA  . GLU A 1 2   ? 22.644  9.457   -6.090  1.00 99.38  ? 2   GLU A CA  1 
ATOM   8    C  C   . GLU A 1 2   ? 22.578  7.930   -6.076  1.00 97.41  ? 2   GLU A C   1 
ATOM   9    O  O   . GLU A 1 2   ? 23.538  7.243   -5.720  1.00 97.62  ? 2   GLU A O   1 
ATOM   10   C  CB  . GLU A 1 2   ? 23.430  10.020  -7.291  1.00 99.68  ? 2   GLU A CB  1 
ATOM   11   C  CG  . GLU A 1 2   ? 22.952  9.444   -8.639  1.00 100.00 ? 2   GLU A CG  1 
ATOM   12   C  CD  . GLU A 1 2   ? 21.464  9.552   -8.879  1.00 100.00 ? 2   GLU A CD  1 
ATOM   13   O  OE1 . GLU A 1 2   ? 20.641  9.858   -8.018  1.00 100.00 ? 2   GLU A OE1 1 
ATOM   14   O  OE2 . GLU A 1 2   ? 21.148  9.195   -10.107 1.00 100.00 ? 2   GLU A OE2 1 
ATOM   15   N  N   . GLN A 1 3   ? 21.423  7.402   -6.477  1.00 94.56  ? 3   GLN A N   1 
ATOM   16   C  CA  . GLN A 1 3   ? 21.180  5.970   -6.511  1.00 91.84  ? 3   GLN A CA  1 
ATOM   17   C  C   . GLN A 1 3   ? 20.422  5.511   -7.757  1.00 85.13  ? 3   GLN A C   1 
ATOM   18   O  O   . GLN A 1 3   ? 20.689  5.928   -8.888  1.00 85.32  ? 3   GLN A O   1 
ATOM   19   C  CB  . GLN A 1 3   ? 20.549  5.536   -5.170  1.00 95.62  ? 3   GLN A CB  1 
ATOM   20   C  CG  . GLN A 1 3   ? 19.408  6.471   -4.699  1.00 98.67  ? 3   GLN A CG  1 
ATOM   21   C  CD  . GLN A 1 3   ? 19.139  6.498   -3.190  1.00 99.79  ? 3   GLN A CD  1 
ATOM   22   O  OE1 . GLN A 1 3   ? 18.008  6.756   -2.732  1.00 100.00 ? 3   GLN A OE1 1 
ATOM   23   N  NE2 . GLN A 1 3   ? 20.199  6.351   -2.394  1.00 99.43  ? 3   GLN A NE2 1 
ATOM   24   N  N   . VAL A 1 4   ? 19.525  4.559   -7.547  1.00 77.29  ? 4   VAL A N   1 
ATOM   25   C  CA  . VAL A 1 4   ? 18.643  4.031   -8.573  1.00 66.74  ? 4   VAL A CA  1 
ATOM   26   C  C   . VAL A 1 4   ? 17.188  4.282   -8.132  1.00 52.77  ? 4   VAL A C   1 
ATOM   27   O  O   . VAL A 1 4   ? 16.918  4.680   -6.989  1.00 48.96  ? 4   VAL A O   1 
ATOM   28   C  CB  . VAL A 1 4   ? 18.982  2.609   -9.039  1.00 68.50  ? 4   VAL A CB  1 
ATOM   29   C  CG1 . VAL A 1 4   ? 19.110  1.661   -7.850  1.00 70.04  ? 4   VAL A CG1 1 
ATOM   30   C  CG2 . VAL A 1 4   ? 17.916  2.062   -9.983  1.00 67.78  ? 4   VAL A CG2 1 
ATOM   31   N  N   . THR A 1 5   ? 16.226  4.103   -9.032  1.00 43.76  ? 5   THR A N   1 
ATOM   32   C  CA  . THR A 1 5   ? 14.853  4.390   -8.666  1.00 37.66  ? 5   THR A CA  1 
ATOM   33   C  C   . THR A 1 5   ? 13.934  3.181   -8.449  1.00 27.15  ? 5   THR A C   1 
ATOM   34   O  O   . THR A 1 5   ? 13.702  2.369   -9.329  1.00 27.57  ? 5   THR A O   1 
ATOM   35   C  CB  . THR A 1 5   ? 14.280  5.418   -9.654  1.00 45.14  ? 5   THR A CB  1 
ATOM   36   O  OG1 . THR A 1 5   ? 12.999  5.865   -9.222  1.00 47.24  ? 5   THR A OG1 1 
ATOM   37   C  CG2 . THR A 1 5   ? 14.271  4.818   -11.070 1.00 48.11  ? 5   THR A CG2 1 
ATOM   38   N  N   . LYS A 1 6   ? 13.375  3.064   -7.244  1.00 19.64  ? 6   LYS A N   1 
ATOM   39   C  CA  . LYS A 1 6   ? 12.509  1.974   -6.881  1.00 14.65  ? 6   LYS A CA  1 
ATOM   40   C  C   . LYS A 1 6   ? 11.068  2.436   -6.800  1.00 15.72  ? 6   LYS A C   1 
ATOM   41   O  O   . LYS A 1 6   ? 10.754  3.566   -6.416  1.00 17.78  ? 6   LYS A O   1 
ATOM   42   C  CB  . LYS A 1 6   ? 13.010  1.428   -5.557  1.00 18.69  ? 6   LYS A CB  1 
ATOM   43   C  CG  . LYS A 1 6   ? 14.424  0.824   -5.643  1.00 26.35  ? 6   LYS A CG  1 
ATOM   44   C  CD  . LYS A 1 6   ? 15.048  0.578   -4.281  1.00 28.77  ? 6   LYS A CD  1 
ATOM   45   C  CE  . LYS A 1 6   ? 16.200  -0.410  -4.296  1.00 32.72  ? 6   LYS A CE  1 
ATOM   46   N  NZ  . LYS A 1 6   ? 17.404  0.066   -4.978  1.00 31.84  ? 6   LYS A NZ  1 
ATOM   47   N  N   . SER A 1 7   ? 10.169  1.510   -7.066  1.00 15.47  ? 7   SER A N   1 
ATOM   48   C  CA  . SER A 1 7   ? 8.751   1.819   -7.044  1.00 16.63  ? 7   SER A CA  1 
ATOM   49   C  C   . SER A 1 7   ? 7.944   0.795   -6.286  1.00 13.70  ? 7   SER A C   1 
ATOM   50   O  O   . SER A 1 7   ? 8.247   -0.397  -6.304  1.00 14.22  ? 7   SER A O   1 
ATOM   51   C  CB  . SER A 1 7   ? 8.248   1.851   -8.472  1.00 14.79  ? 7   SER A CB  1 
ATOM   52   O  OG  . SER A 1 7   ? 8.454   0.587   -9.053  1.00 17.30  ? 7   SER A OG  1 
ATOM   53   N  N   . VAL A 1 8   ? 6.911   1.248   -5.609  1.00 9.38   ? 8   VAL A N   1 
ATOM   54   C  CA  . VAL A 1 8   ? 6.058   0.300   -4.943  1.00 10.01  ? 8   VAL A CA  1 
ATOM   55   C  C   . VAL A 1 8   ? 4.613   0.735   -5.037  1.00 13.67  ? 8   VAL A C   1 
ATOM   56   O  O   . VAL A 1 8   ? 4.292   1.924   -4.810  1.00 10.87  ? 8   VAL A O   1 
ATOM   57   C  CB  . VAL A 1 8   ? 6.448   0.093   -3.482  1.00 15.17  ? 8   VAL A CB  1 
ATOM   58   C  CG1 . VAL A 1 8   ? 6.383   1.432   -2.776  1.00 18.39  ? 8   VAL A CG1 1 
ATOM   59   C  CG2 . VAL A 1 8   ? 5.547   -0.906  -2.751  1.00 16.58  ? 8   VAL A CG2 1 
ATOM   60   N  N   . LEU A 1 9   ? 3.770   -0.276  -5.286  1.00 9.37   ? 9   LEU A N   1 
ATOM   61   C  CA  . LEU A 1 9   ? 2.335   -0.112  -5.357  1.00 12.47  ? 9   LEU A CA  1 
ATOM   62   C  C   . LEU A 1 9   ? 1.659   -0.823  -4.189  1.00 13.40  ? 9   LEU A C   1 
ATOM   63   O  O   . LEU A 1 9   ? 1.862   -2.027  -3.968  1.00 12.37  ? 9   LEU A O   1 
ATOM   64   C  CB  . LEU A 1 9   ? 1.811   -0.557  -6.754  1.00 14.82  ? 9   LEU A CB  1 
ATOM   65   C  CG  . LEU A 1 9   ? 0.284   -0.478  -6.926  1.00 16.96  ? 9   LEU A CG  1 
ATOM   66   C  CD1 . LEU A 1 9   ? -0.218  0.961   -6.839  1.00 10.75  ? 9   LEU A CD1 1 
ATOM   67   C  CD2 . LEU A 1 9   ? -0.150  -1.073  -8.260  1.00 11.83  ? 9   LEU A CD2 1 
ATOM   68   N  N   . PHE A 1 10  ? 0.891   -0.068  -3.388  1.00 6.67   ? 10  PHE A N   1 
ATOM   69   C  CA  . PHE A 1 10  ? 0.177   -0.646  -2.265  1.00 13.69  ? 10  PHE A CA  1 
ATOM   70   C  C   . PHE A 1 10  ? -1.235  -1.005  -2.701  1.00 16.53  ? 10  PHE A C   1 
ATOM   71   O  O   . PHE A 1 10  ? -1.898  -0.145  -3.272  1.00 19.88  ? 10  PHE A O   1 
ATOM   72   C  CB  . PHE A 1 10  ? 0.168   0.174   -0.940  1.00 15.86  ? 10  PHE A CB  1 
ATOM   73   C  CG  . PHE A 1 10  ? 1.558   0.387   -0.357  1.00 10.36  ? 10  PHE A CG  1 
ATOM   74   C  CD1 . PHE A 1 10  ? 2.324   1.487   -0.733  1.00 10.41  ? 10  PHE A CD1 1 
ATOM   75   C  CD2 . PHE A 1 10  ? 2.078   -0.486  0.598   1.00 11.28  ? 10  PHE A CD2 1 
ATOM   76   C  CE1 . PHE A 1 10  ? 3.629   1.656   -0.278  1.00 11.92  ? 10  PHE A CE1 1 
ATOM   77   C  CE2 . PHE A 1 10  ? 3.366   -0.306  1.107   1.00 11.71  ? 10  PHE A CE2 1 
ATOM   78   C  CZ  . PHE A 1 10  ? 4.148   0.750   0.644   1.00 9.95   ? 10  PHE A CZ  1 
ATOM   79   N  N   . VAL A 1 11  ? -1.696  -2.235  -2.414  1.00 9.75   ? 11  VAL A N   1 
ATOM   80   C  CA  . VAL A 1 11  ? -2.982  -2.676  -2.916  1.00 12.91  ? 11  VAL A CA  1 
ATOM   81   C  C   . VAL A 1 11  ? -4.002  -3.280  -1.941  1.00 13.98  ? 11  VAL A C   1 
ATOM   82   O  O   . VAL A 1 11  ? -3.731  -4.170  -1.092  1.00 12.63  ? 11  VAL A O   1 
ATOM   83   C  CB  . VAL A 1 11  ? -2.814  -3.551  -4.169  1.00 11.65  ? 11  VAL A CB  1 
ATOM   84   C  CG1 . VAL A 1 11  ? -4.162  -4.055  -4.658  1.00 16.15  ? 11  VAL A CG1 1 
ATOM   85   C  CG2 . VAL A 1 11  ? -2.064  -2.864  -5.318  1.00 12.80  ? 11  VAL A CG2 1 
ATOM   86   N  N   . CYS A 1 12  ? -5.213  -2.730  -2.125  1.00 9.70   ? 12  CYS A N   1 
ATOM   87   C  CA  . CYS A 1 12  ? -6.377  -3.178  -1.426  1.00 5.83   ? 12  CYS A CA  1 
ATOM   88   C  C   . CYS A 1 12  ? -7.560  -3.400  -2.344  1.00 10.29  ? 12  CYS A C   1 
ATOM   89   O  O   . CYS A 1 12  ? -7.543  -3.342  -3.583  1.00 9.89   ? 12  CYS A O   1 
ATOM   90   C  CB  . CYS A 1 12  ? -6.684  -2.552  -0.080  1.00 8.30   ? 12  CYS A CB  1 
ATOM   91   S  SG  . CYS A 1 12  ? -7.434  -0.893  -0.205  1.00 14.18  ? 12  CYS A SG  1 
ATOM   92   N  N   . LEU A 1 13  ? -8.603  -3.905  -1.757  1.00 14.96  ? 13  LEU A N   1 
ATOM   93   C  CA  . LEU A 1 13  ? -9.752  -4.214  -2.579  1.00 16.64  ? 13  LEU A CA  1 
ATOM   94   C  C   . LEU A 1 13  ? -10.308 -2.915  -3.176  1.00 19.06  ? 13  LEU A C   1 
ATOM   95   O  O   . LEU A 1 13  ? -10.425 -2.756  -4.397  1.00 20.30  ? 13  LEU A O   1 
ATOM   96   C  CB  . LEU A 1 13  ? -10.851 -4.816  -1.667  1.00 16.52  ? 13  LEU A CB  1 
ATOM   97   C  CG  . LEU A 1 13  ? -12.072 -5.274  -2.449  1.00 20.35  ? 13  LEU A CG  1 
ATOM   98   C  CD1 . LEU A 1 13  ? -11.639 -6.326  -3.451  1.00 17.75  ? 13  LEU A CD1 1 
ATOM   99   C  CD2 . LEU A 1 13  ? -13.131 -5.851  -1.515  1.00 21.87  ? 13  LEU A CD2 1 
ATOM   100  N  N   . GLY A 1 14  ? -10.579 -1.955  -2.288  1.00 14.70  ? 14  GLY A N   1 
ATOM   101  C  CA  . GLY A 1 14  ? -11.194 -0.724  -2.710  1.00 18.70  ? 14  GLY A CA  1 
ATOM   102  C  C   . GLY A 1 14  ? -10.292 0.497   -2.756  1.00 22.33  ? 14  GLY A C   1 
ATOM   103  O  O   . GLY A 1 14  ? -10.775 1.544   -3.238  1.00 17.42  ? 14  GLY A O   1 
ATOM   104  N  N   . ASN A 1 15  ? -9.062  0.375   -2.222  1.00 16.04  ? 15  ASN A N   1 
ATOM   105  C  CA  . ASN A 1 15  ? -8.226  1.567   -2.213  1.00 14.97  ? 15  ASN A CA  1 
ATOM   106  C  C   . ASN A 1 15  ? -8.897  2.771   -1.531  1.00 16.57  ? 15  ASN A C   1 
ATOM   107  O  O   . ASN A 1 15  ? -8.737  3.893   -2.003  1.00 16.20  ? 15  ASN A O   1 
ATOM   108  C  CB  . ASN A 1 15  ? -7.715  1.932   -3.627  1.00 11.90  ? 15  ASN A CB  1 
ATOM   109  C  CG  . ASN A 1 15  ? -6.655  3.030   -3.757  1.00 12.50  ? 15  ASN A CG  1 
ATOM   110  O  OD1 . ASN A 1 15  ? -6.567  3.677   -4.810  1.00 12.89  ? 15  ASN A OD1 1 
ATOM   111  N  ND2 . ASN A 1 15  ? -5.737  3.172   -2.804  1.00 12.83  ? 15  ASN A ND2 1 
ATOM   112  N  N   . ILE A 1 16  ? -9.710  2.559   -0.491  1.00 16.75  ? 16  ILE A N   1 
ATOM   113  C  CA  . ILE A 1 16  ? -10.326 3.629   0.266   1.00 22.17  ? 16  ILE A CA  1 
ATOM   114  C  C   . ILE A 1 16  ? -9.924  3.631   1.747   1.00 21.68  ? 16  ILE A C   1 
ATOM   115  O  O   . ILE A 1 16  ? -9.943  4.684   2.396   1.00 20.27  ? 16  ILE A O   1 
ATOM   116  C  CB  . ILE A 1 16  ? -11.827 3.912   0.064   1.00 22.39  ? 16  ILE A CB  1 
ATOM   117  C  CG1 . ILE A 1 16  ? -12.651 2.704   0.461   1.00 22.87  ? 16  ILE A CG1 1 
ATOM   118  C  CG2 . ILE A 1 16  ? -12.176 4.350   -1.353  1.00 20.86  ? 16  ILE A CG2 1 
ATOM   119  C  CD1 . ILE A 1 16  ? -14.166 2.898   0.416   1.00 26.48  ? 16  ILE A CD1 1 
ATOM   120  N  N   . CYS A 1 17  ? -9.565  2.479   2.330   1.00 17.82  ? 17  CYS A N   1 
ATOM   121  C  CA  . CYS A 1 17  ? -9.197  2.517   3.746   1.00 15.27  ? 17  CYS A CA  1 
ATOM   122  C  C   . CYS A 1 17  ? -7.741  2.111   4.014   1.00 17.10  ? 17  CYS A C   1 
ATOM   123  O  O   . CYS A 1 17  ? -6.945  2.944   4.482   1.00 15.43  ? 17  CYS A O   1 
ATOM   124  C  CB  . CYS A 1 17  ? -10.179 1.693   4.605   1.00 18.81  ? 17  CYS A CB  1 
ATOM   125  S  SG  . CYS A 1 17  ? -11.906 2.071   4.263   1.00 24.38  ? 17  CYS A SG  1 
ATOM   126  N  N   . ARG A 1 18  ? -7.368  0.878   3.573   1.00 15.09  ? 18  ARG A N   1 
ATOM   127  C  CA  . ARG A 1 18  ? -6.064  0.269   3.772   1.00 12.71  ? 18  ARG A CA  1 
ATOM   128  C  C   . ARG A 1 18  ? -4.826  0.791   3.035   1.00 13.69  ? 18  ARG A C   1 
ATOM   129  O  O   . ARG A 1 18  ? -3.830  1.240   3.668   1.00 9.25   ? 18  ARG A O   1 
ATOM   130  C  CB  . ARG A 1 18  ? -6.149  -1.255  3.782   1.00 11.80  ? 18  ARG A CB  1 
ATOM   131  C  CG  . ARG A 1 18  ? -6.916  -1.819  4.994   1.00 15.97  ? 18  ARG A CG  1 
ATOM   132  C  CD  . ARG A 1 18  ? -7.223  -3.323  4.944   1.00 9.84   ? 18  ARG A CD  1 
ATOM   133  N  NE  . ARG A 1 18  ? -7.974  -3.568  3.727   1.00 15.06  ? 18  ARG A NE  1 
ATOM   134  C  CZ  . ARG A 1 18  ? -8.322  -4.737  3.206   1.00 19.25  ? 18  ARG A CZ  1 
ATOM   135  N  NH1 . ARG A 1 18  ? -7.979  -5.895  3.764   1.00 24.33  ? 18  ARG A NH1 1 
ATOM   136  N  NH2 . ARG A 1 18  ? -9.048  -4.735  2.087   1.00 19.29  ? 18  ARG A NH2 1 
ATOM   137  N  N   . SER A 1 19  ? -4.868  0.698   1.697   1.00 12.81  ? 19  SER A N   1 
ATOM   138  C  CA  . SER A 1 19  ? -3.706  1.088   0.905   1.00 13.98  ? 19  SER A CA  1 
ATOM   139  C  C   . SER A 1 19  ? -3.385  2.551   0.931   1.00 11.07  ? 19  SER A C   1 
ATOM   140  O  O   . SER A 1 19  ? -2.229  2.882   0.837   1.00 14.39  ? 19  SER A O   1 
ATOM   141  C  CB  . SER A 1 19  ? -3.666  0.527   -0.497  1.00 12.72  ? 19  SER A CB  1 
ATOM   142  O  OG  . SER A 1 19  ? -4.915  0.739   -1.092  1.00 13.76  ? 19  SER A OG  1 
ATOM   143  N  N   . PRO A 1 20  ? -4.394  3.409   1.091   1.00 12.91  ? 20  PRO A N   1 
ATOM   144  C  CA  . PRO A 1 20  ? -4.124  4.811   1.183   1.00 9.62   ? 20  PRO A CA  1 
ATOM   145  C  C   . PRO A 1 20  ? -3.398  5.057   2.504   1.00 9.07   ? 20  PRO A C   1 
ATOM   146  O  O   . PRO A 1 20  ? -2.488  5.880   2.564   1.00 10.36  ? 20  PRO A O   1 
ATOM   147  C  CB  . PRO A 1 20  ? -5.481  5.549   1.108   1.00 9.53   ? 20  PRO A CB  1 
ATOM   148  C  CG  . PRO A 1 20  ? -6.513  4.509   0.672   1.00 14.13  ? 20  PRO A CG  1 
ATOM   149  C  CD  . PRO A 1 20  ? -5.823  3.150   0.704   1.00 11.89  ? 20  PRO A CD  1 
ATOM   150  N  N   . ILE A 1 21  ? -3.740  4.320   3.548   1.00 8.04   ? 21  ILE A N   1 
ATOM   151  C  CA  . ILE A 1 21  ? -3.005  4.462   4.801   1.00 10.20  ? 21  ILE A CA  1 
ATOM   152  C  C   . ILE A 1 21  ? -1.574  3.964   4.584   1.00 12.80  ? 21  ILE A C   1 
ATOM   153  O  O   . ILE A 1 21  ? -0.606  4.668   4.891   1.00 15.59  ? 21  ILE A O   1 
ATOM   154  C  CB  . ILE A 1 21  ? -3.677  3.760   5.998   1.00 16.39  ? 21  ILE A CB  1 
ATOM   155  C  CG1 . ILE A 1 21  ? -5.001  4.427   6.395   1.00 17.08  ? 21  ILE A CG1 1 
ATOM   156  C  CG2 . ILE A 1 21  ? -2.760  3.747   7.223   1.00 19.41  ? 21  ILE A CG2 1 
ATOM   157  C  CD1 . ILE A 1 21  ? -5.858  3.603   7.342   1.00 11.40  ? 21  ILE A CD1 1 
ATOM   158  N  N   . ALA A 1 22  ? -1.410  2.806   3.914   1.00 11.88  ? 22  ALA A N   1 
ATOM   159  C  CA  . ALA A 1 22  ? -0.080  2.244   3.695   1.00 14.24  ? 22  ALA A CA  1 
ATOM   160  C  C   . ALA A 1 22  ? 0.809   3.164   2.881   1.00 15.27  ? 22  ALA A C   1 
ATOM   161  O  O   . ALA A 1 22  ? 1.989   3.470   3.155   1.00 10.41  ? 22  ALA A O   1 
ATOM   162  C  CB  . ALA A 1 22  ? -0.186  0.882   2.997   1.00 12.44  ? 22  ALA A CB  1 
ATOM   163  N  N   . GLU A 1 23  ? 0.197   3.592   1.787   1.00 19.11  ? 23  GLU A N   1 
ATOM   164  C  CA  . GLU A 1 23  ? 0.900   4.470   0.878   1.00 11.14  ? 23  GLU A CA  1 
ATOM   165  C  C   . GLU A 1 23  ? 1.365   5.730   1.568   1.00 10.39  ? 23  GLU A C   1 
ATOM   166  O  O   . GLU A 1 23  ? 2.499   6.122   1.401   1.00 11.10  ? 23  GLU A O   1 
ATOM   167  C  CB  . GLU A 1 23  ? -0.064  4.851   -0.232  1.00 8.58   ? 23  GLU A CB  1 
ATOM   168  C  CG  . GLU A 1 23  ? 0.517   5.979   -1.085  1.00 10.89  ? 23  GLU A CG  1 
ATOM   169  C  CD  . GLU A 1 23  ? -0.491  6.590   -2.017  1.00 17.35  ? 23  GLU A CD  1 
ATOM   170  O  OE1 . GLU A 1 23  ? -0.195  7.353   -2.901  1.00 21.33  ? 23  GLU A OE1 1 
ATOM   171  O  OE2 . GLU A 1 23  ? -1.722  6.223   -1.793  1.00 19.67  ? 23  GLU A OE2 1 
ATOM   172  N  N   . ALA A 1 24  ? 0.517   6.363   2.381   1.00 11.39  ? 24  ALA A N   1 
ATOM   173  C  CA  . ALA A 1 24  ? 0.889   7.607   3.058   1.00 15.30  ? 24  ALA A CA  1 
ATOM   174  C  C   . ALA A 1 24  ? 1.927   7.402   4.173   1.00 16.46  ? 24  ALA A C   1 
ATOM   175  O  O   . ALA A 1 24  ? 2.815   8.203   4.415   1.00 17.54  ? 24  ALA A O   1 
ATOM   176  C  CB  . ALA A 1 24  ? -0.359  8.338   3.544   1.00 12.26  ? 24  ALA A CB  1 
ATOM   177  N  N   . VAL A 1 25  ? 1.848   6.287   4.860   1.00 18.49  ? 25  VAL A N   1 
ATOM   178  C  CA  . VAL A 1 25  ? 2.846   5.930   5.850   1.00 18.41  ? 25  VAL A CA  1 
ATOM   179  C  C   . VAL A 1 25  ? 4.168   5.742   5.142   1.00 14.68  ? 25  VAL A C   1 
ATOM   180  O  O   . VAL A 1 25  ? 5.204   6.224   5.584   1.00 16.47  ? 25  VAL A O   1 
ATOM   181  C  CB  . VAL A 1 25  ? 2.459   4.650   6.601   1.00 15.88  ? 25  VAL A CB  1 
ATOM   182  C  CG1 . VAL A 1 25  ? 3.628   4.025   7.349   1.00 13.88  ? 25  VAL A CG1 1 
ATOM   183  C  CG2 . VAL A 1 25  ? 1.290   4.926   7.545   1.00 14.11  ? 25  VAL A CG2 1 
ATOM   184  N  N   . PHE A 1 26  ? 4.123   5.131   3.965   1.00 14.99  ? 26  PHE A N   1 
ATOM   185  C  CA  . PHE A 1 26  ? 5.315   4.870   3.193   1.00 14.37  ? 26  PHE A CA  1 
ATOM   186  C  C   . PHE A 1 26  ? 6.015   6.136   2.705   1.00 13.46  ? 26  PHE A C   1 
ATOM   187  O  O   . PHE A 1 26  ? 7.233   6.257   2.766   1.00 13.85  ? 26  PHE A O   1 
ATOM   188  C  CB  . PHE A 1 26  ? 5.099   3.823   2.097   1.00 12.15  ? 26  PHE A CB  1 
ATOM   189  C  CG  . PHE A 1 26  ? 6.436   3.317   1.617   1.00 13.58  ? 26  PHE A CG  1 
ATOM   190  C  CD1 . PHE A 1 26  ? 7.171   2.393   2.365   1.00 19.90  ? 26  PHE A CD1 1 
ATOM   191  C  CD2 . PHE A 1 26  ? 7.015   3.820   0.450   1.00 13.25  ? 26  PHE A CD2 1 
ATOM   192  C  CE1 . PHE A 1 26  ? 8.427   1.950   1.942   1.00 17.14  ? 26  PHE A CE1 1 
ATOM   193  C  CE2 . PHE A 1 26  ? 8.245   3.354   -0.024  1.00 15.85  ? 26  PHE A CE2 1 
ATOM   194  C  CZ  . PHE A 1 26  ? 8.952   2.426   0.740   1.00 13.37  ? 26  PHE A CZ  1 
ATOM   195  N  N   . ARG A 1 27  ? 5.273   7.101   2.204   1.00 8.32   ? 27  ARG A N   1 
ATOM   196  C  CA  . ARG A 1 27  ? 5.911   8.337   1.773   1.00 14.36  ? 27  ARG A CA  1 
ATOM   197  C  C   . ARG A 1 27  ? 6.589   9.046   2.945   1.00 16.38  ? 27  ARG A C   1 
ATOM   198  O  O   . ARG A 1 27  ? 7.647   9.650   2.875   1.00 20.66  ? 27  ARG A O   1 
ATOM   199  C  CB  . ARG A 1 27  ? 4.895   9.378   1.329   1.00 13.46  ? 27  ARG A CB  1 
ATOM   200  C  CG  . ARG A 1 27  ? 4.106   8.998   0.109   1.00 15.02  ? 27  ARG A CG  1 
ATOM   201  C  CD  . ARG A 1 27  ? 3.390   10.154  -0.564  1.00 11.34  ? 27  ARG A CD  1 
ATOM   202  N  NE  . ARG A 1 27  ? 2.645   9.570   -1.679  1.00 13.28  ? 27  ARG A NE  1 
ATOM   203  C  CZ  . ARG A 1 27  ? 3.093   9.240   -2.892  1.00 12.86  ? 27  ARG A CZ  1 
ATOM   204  N  NH1 . ARG A 1 27  ? 4.346   9.445   -3.303  1.00 16.41  ? 27  ARG A NH1 1 
ATOM   205  N  NH2 . ARG A 1 27  ? 2.226   8.714   -3.762  1.00 11.21  ? 27  ARG A NH2 1 
ATOM   206  N  N   . LYS A 1 28  ? 5.911   9.072   4.057   1.00 13.74  ? 28  LYS A N   1 
ATOM   207  C  CA  . LYS A 1 28  ? 6.454   9.722   5.214   1.00 12.35  ? 28  LYS A CA  1 
ATOM   208  C  C   . LYS A 1 28  ? 7.796   9.079   5.610   1.00 14.83  ? 28  LYS A C   1 
ATOM   209  O  O   . LYS A 1 28  ? 8.793   9.786   5.876   1.00 13.52  ? 28  LYS A O   1 
ATOM   210  C  CB  . LYS A 1 28  ? 5.352   9.615   6.243   1.00 14.50  ? 28  LYS A CB  1 
ATOM   211  C  CG  . LYS A 1 28  ? 5.658   10.082  7.658   1.00 23.83  ? 28  LYS A CG  1 
ATOM   212  C  CD  . LYS A 1 28  ? 5.953   11.569  7.825   1.00 33.34  ? 28  LYS A CD  1 
ATOM   213  C  CE  . LYS A 1 28  ? 6.134   11.988  9.293   1.00 37.58  ? 28  LYS A CE  1 
ATOM   214  N  NZ  . LYS A 1 28  ? 7.019   13.157  9.439   1.00 37.81  ? 28  LYS A NZ  1 
ATOM   215  N  N   . LEU A 1 29  ? 7.872   7.735   5.550   1.00 14.05  ? 29  LEU A N   1 
ATOM   216  C  CA  . LEU A 1 29  ? 9.117   7.095   5.940   1.00 13.60  ? 29  LEU A CA  1 
ATOM   217  C  C   . LEU A 1 29  ? 10.185  7.577   5.033   1.00 14.46  ? 29  LEU A C   1 
ATOM   218  O  O   . LEU A 1 29  ? 11.214  8.034   5.469   1.00 18.05  ? 29  LEU A O   1 
ATOM   219  C  CB  . LEU A 1 29  ? 9.144   5.572   5.860   1.00 11.74  ? 29  LEU A CB  1 
ATOM   220  C  CG  . LEU A 1 29  ? 8.214   4.944   6.864   1.00 18.26  ? 29  LEU A CG  1 
ATOM   221  C  CD1 . LEU A 1 29  ? 8.310   3.415   6.750   1.00 21.97  ? 29  LEU A CD1 1 
ATOM   222  C  CD2 . LEU A 1 29  ? 8.635   5.477   8.226   1.00 21.56  ? 29  LEU A CD2 1 
ATOM   223  N  N   . VAL A 1 30  ? 9.898   7.479   3.756   1.00 13.54  ? 30  VAL A N   1 
ATOM   224  C  CA  . VAL A 1 30  ? 10.858  7.886   2.741   1.00 14.88  ? 30  VAL A CA  1 
ATOM   225  C  C   . VAL A 1 30  ? 11.241  9.355   2.798   1.00 15.50  ? 30  VAL A C   1 
ATOM   226  O  O   . VAL A 1 30  ? 12.388  9.718   2.562   1.00 14.01  ? 30  VAL A O   1 
ATOM   227  C  CB  . VAL A 1 30  ? 10.393  7.503   1.340   1.00 19.47  ? 30  VAL A CB  1 
ATOM   228  C  CG1 . VAL A 1 30  ? 11.248  8.229   0.326   1.00 22.61  ? 30  VAL A CG1 1 
ATOM   229  C  CG2 . VAL A 1 30  ? 10.620  6.006   1.129   1.00 22.16  ? 30  VAL A CG2 1 
ATOM   230  N  N   . THR A 1 31  ? 10.243  10.192  3.045   1.00 12.63  ? 31  THR A N   1 
ATOM   231  C  CA  . THR A 1 31  ? 10.539  11.583  3.123   1.00 20.81  ? 31  THR A CA  1 
ATOM   232  C  C   . THR A 1 31  ? 11.465  11.838  4.301   1.00 23.10  ? 31  THR A C   1 
ATOM   233  O  O   . THR A 1 31  ? 12.422  12.597  4.156   1.00 20.14  ? 31  THR A O   1 
ATOM   234  C  CB  . THR A 1 31  ? 9.261   12.426  3.304   1.00 20.74  ? 31  THR A CB  1 
ATOM   235  O  OG1 . THR A 1 31  ? 8.512   12.407  2.103   1.00 21.49  ? 31  THR A OG1 1 
ATOM   236  C  CG2 . THR A 1 31  ? 9.679   13.844  3.699   1.00 21.42  ? 31  THR A CG2 1 
ATOM   237  N  N   . ASP A 1 32  ? 11.135  11.197  5.439   1.00 25.24  ? 32  ASP A N   1 
ATOM   238  C  CA  . ASP A 1 32  ? 11.888  11.313  6.684   1.00 30.28  ? 32  ASP A CA  1 
ATOM   239  C  C   . ASP A 1 32  ? 13.308  10.782  6.533   1.00 33.43  ? 32  ASP A C   1 
ATOM   240  O  O   . ASP A 1 32  ? 14.171  11.161  7.307   1.00 36.62  ? 32  ASP A O   1 
ATOM   241  C  CB  . ASP A 1 32  ? 11.252  10.685  7.953   1.00 30.88  ? 32  ASP A CB  1 
ATOM   242  C  CG  . ASP A 1 32  ? 10.015  11.297  8.566   1.00 35.69  ? 32  ASP A CG  1 
ATOM   243  O  OD1 . ASP A 1 32  ? 9.330   10.682  9.374   1.00 39.07  ? 32  ASP A OD1 1 
ATOM   244  O  OD2 . ASP A 1 32  ? 9.768   12.541  8.217   1.00 37.06  ? 32  ASP A OD2 1 
ATOM   245  N  N   . GLN A 1 33  ? 13.544  9.894   5.579   1.00 31.01  ? 33  GLN A N   1 
ATOM   246  C  CA  . GLN A 1 33  ? 14.880  9.359   5.340   1.00 31.41  ? 33  GLN A CA  1 
ATOM   247  C  C   . GLN A 1 33  ? 15.569  10.087  4.217   1.00 26.38  ? 33  GLN A C   1 
ATOM   248  O  O   . GLN A 1 33  ? 16.624  9.668   3.747   1.00 28.96  ? 33  GLN A O   1 
ATOM   249  C  CB  . GLN A 1 33  ? 14.994  7.831   5.191   1.00 32.10  ? 33  GLN A CB  1 
ATOM   250  C  CG  . GLN A 1 33  ? 14.534  7.162   6.494   1.00 35.28  ? 33  GLN A CG  1 
ATOM   251  C  CD  . GLN A 1 33  ? 14.476  5.648   6.428   1.00 43.71  ? 33  GLN A CD  1 
ATOM   252  O  OE1 . GLN A 1 33  ? 15.049  5.002   5.536   1.00 45.68  ? 33  GLN A OE1 1 
ATOM   253  N  NE2 . GLN A 1 33  ? 13.729  5.066   7.369   1.00 48.57  ? 33  GLN A NE2 1 
ATOM   254  N  N   . ASN A 1 34  ? 14.935  11.161  3.750   1.00 23.81  ? 34  ASN A N   1 
ATOM   255  C  CA  . ASN A 1 34  ? 15.584  11.919  2.695   1.00 24.92  ? 34  ASN A CA  1 
ATOM   256  C  C   . ASN A 1 34  ? 15.814  11.156  1.423   1.00 20.33  ? 34  ASN A C   1 
ATOM   257  O  O   . ASN A 1 34  ? 16.725  11.503  0.671   1.00 20.77  ? 34  ASN A O   1 
ATOM   258  C  CB  . ASN A 1 34  ? 16.912  12.545  3.156   1.00 29.53  ? 34  ASN A CB  1 
ATOM   259  C  CG  . ASN A 1 34  ? 16.656  13.841  3.885   1.00 37.90  ? 34  ASN A CG  1 
ATOM   260  O  OD1 . ASN A 1 34  ? 16.117  14.791  3.303   1.00 43.68  ? 34  ASN A OD1 1 
ATOM   261  N  ND2 . ASN A 1 34  ? 16.956  13.878  5.175   1.00 41.29  ? 34  ASN A ND2 1 
ATOM   262  N  N   . ILE A 1 35  ? 15.006  10.139  1.178   1.00 18.22  ? 35  ILE A N   1 
ATOM   263  C  CA  . ILE A 1 35  ? 15.123  9.359   -0.049  1.00 22.05  ? 35  ILE A CA  1 
ATOM   264  C  C   . ILE A 1 35  ? 13.937  9.414   -1.021  1.00 23.11  ? 35  ILE A C   1 
ATOM   265  O  O   . ILE A 1 35  ? 13.908  8.631   -1.975  1.00 21.88  ? 35  ILE A O   1 
ATOM   266  C  CB  . ILE A 1 35  ? 15.514  7.920   0.262   1.00 25.86  ? 35  ILE A CB  1 
ATOM   267  C  CG1 . ILE A 1 35  ? 14.491  7.300   1.206   1.00 22.77  ? 35  ILE A CG1 1 
ATOM   268  C  CG2 . ILE A 1 35  ? 16.844  7.918   1.004   1.00 24.88  ? 35  ILE A CG2 1 
ATOM   269  C  CD1 . ILE A 1 35  ? 14.931  5.899   1.588   1.00 22.37  ? 35  ILE A CD1 1 
ATOM   270  N  N   . SER A 1 36  ? 12.962  10.324  -0.817  1.00 19.74  ? 36  SER A N   1 
ATOM   271  C  CA  . SER A 1 36  ? 11.810  10.437  -1.717  1.00 14.82  ? 36  SER A CA  1 
ATOM   272  C  C   . SER A 1 36  ? 12.205  10.355  -3.161  1.00 12.17  ? 36  SER A C   1 
ATOM   273  O  O   . SER A 1 36  ? 11.621  9.634   -3.946  1.00 12.03  ? 36  SER A O   1 
ATOM   274  C  CB  . SER A 1 36  ? 11.136  11.810  -1.700  1.00 18.46  ? 36  SER A CB  1 
ATOM   275  O  OG  . SER A 1 36  ? 10.116  12.001  -0.778  1.00 20.66  ? 36  SER A OG  1 
ATOM   276  N  N   . ASP A 1 37  ? 13.183  11.169  -3.519  1.00 16.39  ? 37  ASP A N   1 
ATOM   277  C  CA  . ASP A 1 37  ? 13.646  11.285  -4.896  1.00 20.25  ? 37  ASP A CA  1 
ATOM   278  C  C   . ASP A 1 37  ? 13.952  9.953   -5.554  1.00 19.66  ? 37  ASP A C   1 
ATOM   279  O  O   . ASP A 1 37  ? 14.111  9.889   -6.776  1.00 22.88  ? 37  ASP A O   1 
ATOM   280  C  CB  . ASP A 1 37  ? 14.821  12.292  -5.062  1.00 20.44  ? 37  ASP A CB  1 
ATOM   281  C  CG  . ASP A 1 37  ? 14.610  13.655  -4.454  1.00 25.39  ? 37  ASP A CG  1 
ATOM   282  O  OD1 . ASP A 1 37  ? 13.659  14.384  -4.642  1.00 28.44  ? 37  ASP A OD1 1 
ATOM   283  O  OD2 . ASP A 1 37  ? 15.569  13.986  -3.648  1.00 29.69  ? 37  ASP A OD2 1 
ATOM   284  N  N   . ASN A 1 38  ? 14.097  8.891   -4.777  1.00 15.11  ? 38  ASN A N   1 
ATOM   285  C  CA  . ASN A 1 38  ? 14.418  7.619   -5.415  1.00 19.99  ? 38  ASN A CA  1 
ATOM   286  C  C   . ASN A 1 38  ? 13.263  6.658   -5.399  1.00 25.10  ? 38  ASN A C   1 
ATOM   287  O  O   . ASN A 1 38  ? 13.412  5.474   -5.701  1.00 26.16  ? 38  ASN A O   1 
ATOM   288  C  CB  . ASN A 1 38  ? 15.640  6.963   -4.785  1.00 21.68  ? 38  ASN A CB  1 
ATOM   289  C  CG  . ASN A 1 38  ? 16.801  7.892   -5.056  1.00 35.41  ? 38  ASN A CG  1 
ATOM   290  O  OD1 . ASN A 1 38  ? 17.184  8.162   -6.218  1.00 40.95  ? 38  ASN A OD1 1 
ATOM   291  N  ND2 . ASN A 1 38  ? 17.249  8.501   -3.969  1.00 38.90  ? 38  ASN A ND2 1 
ATOM   292  N  N   . TRP A 1 39  ? 12.128  7.194   -4.996  1.00 19.87  ? 39  TRP A N   1 
ATOM   293  C  CA  . TRP A 1 39  ? 10.979  6.353   -4.866  1.00 18.62  ? 39  TRP A CA  1 
ATOM   294  C  C   . TRP A 1 39  ? 9.779   6.869   -5.624  1.00 20.10  ? 39  TRP A C   1 
ATOM   295  O  O   . TRP A 1 39  ? 9.498   8.091   -5.621  1.00 21.98  ? 39  TRP A O   1 
ATOM   296  C  CB  . TRP A 1 39  ? 10.660  6.187   -3.354  1.00 16.06  ? 39  TRP A CB  1 
ATOM   297  C  CG  . TRP A 1 39  ? 11.458  5.089   -2.702  1.00 21.68  ? 39  TRP A CG  1 
ATOM   298  C  CD1 . TRP A 1 39  ? 12.630  5.232   -2.010  1.00 24.05  ? 39  TRP A CD1 1 
ATOM   299  C  CD2 . TRP A 1 39  ? 11.180  3.675   -2.712  1.00 22.68  ? 39  TRP A CD2 1 
ATOM   300  N  NE1 . TRP A 1 39  ? 13.119  4.020   -1.599  1.00 20.01  ? 39  TRP A NE1 1 
ATOM   301  C  CE2 . TRP A 1 39  ? 12.250  3.033   -2.025  1.00 23.45  ? 39  TRP A CE2 1 
ATOM   302  C  CE3 . TRP A 1 39  ? 10.170  2.880   -3.262  1.00 21.12  ? 39  TRP A CE3 1 
ATOM   303  C  CZ2 . TRP A 1 39  ? 12.269  1.640   -1.843  1.00 18.98  ? 39  TRP A CZ2 1 
ATOM   304  C  CZ3 . TRP A 1 39  ? 10.202  1.516   -3.082  1.00 20.88  ? 39  TRP A CZ3 1 
ATOM   305  C  CH2 . TRP A 1 39  ? 11.247  0.904   -2.395  1.00 19.80  ? 39  TRP A CH2 1 
ATOM   306  N  N   . VAL A 1 40  ? 9.125   5.897   -6.277  1.00 9.73   ? 40  VAL A N   1 
ATOM   307  C  CA  . VAL A 1 40  ? 7.867   6.104   -6.924  1.00 12.54  ? 40  VAL A CA  1 
ATOM   308  C  C   . VAL A 1 40  ? 6.905   5.256   -6.081  1.00 16.89  ? 40  VAL A C   1 
ATOM   309  O  O   . VAL A 1 40  ? 7.123   4.063   -5.872  1.00 16.75  ? 40  VAL A O   1 
ATOM   310  C  CB  . VAL A 1 40  ? 7.858   5.689   -8.372  1.00 17.42  ? 40  VAL A CB  1 
ATOM   311  C  CG1 . VAL A 1 40  ? 6.485   6.029   -8.959  1.00 16.45  ? 40  VAL A CG1 1 
ATOM   312  C  CG2 . VAL A 1 40  ? 8.916   6.447   -9.156  1.00 19.83  ? 40  VAL A CG2 1 
ATOM   313  N  N   . ILE A 1 41  ? 5.868   5.867   -5.541  1.00 12.66  ? 41  ILE A N   1 
ATOM   314  C  CA  . ILE A 1 41  ? 4.982   5.162   -4.657  1.00 16.27  ? 41  ILE A CA  1 
ATOM   315  C  C   . ILE A 1 41  ? 3.551   5.391   -5.089  1.00 17.65  ? 41  ILE A C   1 
ATOM   316  O  O   . ILE A 1 41  ? 3.220   6.497   -5.496  1.00 21.27  ? 41  ILE A O   1 
ATOM   317  C  CB  . ILE A 1 41  ? 5.168   5.774   -3.259  1.00 15.30  ? 41  ILE A CB  1 
ATOM   318  C  CG1 . ILE A 1 41  ? 6.597   5.569   -2.762  1.00 13.46  ? 41  ILE A CG1 1 
ATOM   319  C  CG2 . ILE A 1 41  ? 4.150   5.251   -2.237  1.00 9.24   ? 41  ILE A CG2 1 
ATOM   320  C  CD1 . ILE A 1 41  ? 6.830   6.518   -1.601  1.00 15.97  ? 41  ILE A CD1 1 
ATOM   321  N  N   . ASP A 1 42  ? 2.694   4.398   -4.928  1.00 14.08  ? 42  ASP A N   1 
ATOM   322  C  CA  . ASP A 1 42  ? 1.314   4.617   -5.331  1.00 17.63  ? 42  ASP A CA  1 
ATOM   323  C  C   . ASP A 1 42  ? 0.397   3.613   -4.662  1.00 15.85  ? 42  ASP A C   1 
ATOM   324  O  O   . ASP A 1 42  ? 0.870   2.673   -4.042  1.00 18.89  ? 42  ASP A O   1 
ATOM   325  C  CB  . ASP A 1 42  ? 1.208   4.526   -6.859  1.00 18.27  ? 42  ASP A CB  1 
ATOM   326  C  CG  . ASP A 1 42  ? -0.030  5.167   -7.436  1.00 16.60  ? 42  ASP A CG  1 
ATOM   327  O  OD1 . ASP A 1 42  ? -0.863  5.782   -6.806  1.00 16.91  ? 42  ASP A OD1 1 
ATOM   328  O  OD2 . ASP A 1 42  ? -0.131  4.929   -8.703  1.00 16.11  ? 42  ASP A OD2 1 
ATOM   329  N  N   . SER A 1 43  ? -0.907  3.831   -4.711  1.00 16.04  ? 43  SER A N   1 
ATOM   330  C  CA  . SER A 1 43  ? -1.822  2.853   -4.157  1.00 11.21  ? 43  SER A CA  1 
ATOM   331  C  C   . SER A 1 43  ? -2.952  2.655   -5.148  1.00 15.20  ? 43  SER A C   1 
ATOM   332  O  O   . SER A 1 43  ? -3.307  3.605   -5.852  1.00 17.56  ? 43  SER A O   1 
ATOM   333  C  CB  . SER A 1 43  ? -2.318  3.155   -2.758  1.00 12.99  ? 43  SER A CB  1 
ATOM   334  O  OG  . SER A 1 43  ? -3.045  4.344   -2.816  1.00 15.89  ? 43  SER A OG  1 
ATOM   335  N  N   . GLY A 1 44  ? -3.485  1.424   -5.199  1.00 12.59  ? 44  GLY A N   1 
ATOM   336  C  CA  . GLY A 1 44  ? -4.536  1.040   -6.104  1.00 8.15   ? 44  GLY A CA  1 
ATOM   337  C  C   . GLY A 1 44  ? -5.467  0.006   -5.527  1.00 13.84  ? 44  GLY A C   1 
ATOM   338  O  O   . GLY A 1 44  ? -5.171  -0.541  -4.489  1.00 19.46  ? 44  GLY A O   1 
ATOM   339  N  N   . ALA A 1 45  ? -6.552  -0.309  -6.255  1.00 15.81  ? 45  ALA A N   1 
ATOM   340  C  CA  . ALA A 1 45  ? -7.613  -1.240  -5.830  1.00 13.09  ? 45  ALA A CA  1 
ATOM   341  C  C   . ALA A 1 45  ? -7.791  -2.446  -6.711  1.00 9.01   ? 45  ALA A C   1 
ATOM   342  O  O   . ALA A 1 45  ? -7.573  -2.381  -7.925  1.00 8.36   ? 45  ALA A O   1 
ATOM   343  C  CB  . ALA A 1 45  ? -8.972  -0.550  -5.937  1.00 8.33   ? 45  ALA A CB  1 
ATOM   344  N  N   . VAL A 1 46  ? -8.270  -3.524  -6.119  1.00 7.75   ? 46  VAL A N   1 
ATOM   345  C  CA  . VAL A 1 46  ? -8.535  -4.639  -7.005  1.00 16.92  ? 46  VAL A CA  1 
ATOM   346  C  C   . VAL A 1 46  ? -9.856  -4.333  -7.722  1.00 18.18  ? 46  VAL A C   1 
ATOM   347  O  O   . VAL A 1 46  ? -10.056 -4.615  -8.875  1.00 17.52  ? 46  VAL A O   1 
ATOM   348  C  CB  . VAL A 1 46  ? -8.576  -5.968  -6.209  1.00 24.79  ? 46  VAL A CB  1 
ATOM   349  C  CG1 . VAL A 1 46  ? -9.043  -7.163  -7.041  1.00 23.37  ? 46  VAL A CG1 1 
ATOM   350  C  CG2 . VAL A 1 46  ? -7.196  -6.275  -5.637  1.00 24.22  ? 46  VAL A CG2 1 
ATOM   351  N  N   . SER A 1 47  ? -10.753 -3.654  -7.021  1.00 18.87  ? 47  SER A N   1 
ATOM   352  C  CA  . SER A 1 47  ? -12.070 -3.320  -7.525  1.00 20.35  ? 47  SER A CA  1 
ATOM   353  C  C   . SER A 1 47  ? -12.192 -1.921  -8.116  1.00 18.17  ? 47  SER A C   1 
ATOM   354  O  O   . SER A 1 47  ? -11.519 -0.983  -7.719  1.00 17.94  ? 47  SER A O   1 
ATOM   355  C  CB  . SER A 1 47  ? -13.065 -3.497  -6.389  1.00 18.62  ? 47  SER A CB  1 
ATOM   356  O  OG  . SER A 1 47  ? -14.333 -2.962  -6.726  1.00 22.99  ? 47  SER A OG  1 
ATOM   357  N  N   . ASP A 1 48  ? -13.129 -1.754  -9.034  1.00 18.24  ? 48  ASP A N   1 
ATOM   358  C  CA  . ASP A 1 48  ? -13.344 -0.448  -9.638  1.00 17.79  ? 48  ASP A CA  1 
ATOM   359  C  C   . ASP A 1 48  ? -14.449 0.329   -8.970  1.00 17.94  ? 48  ASP A C   1 
ATOM   360  O  O   . ASP A 1 48  ? -14.673 1.493   -9.266  1.00 23.37  ? 48  ASP A O   1 
ATOM   361  C  CB  . ASP A 1 48  ? -13.589 -0.555  -11.163 1.00 19.37  ? 48  ASP A CB  1 
ATOM   362  C  CG  . ASP A 1 48  ? -14.761 -1.415  -11.538 1.00 16.72  ? 48  ASP A CG  1 
ATOM   363  O  OD1 . ASP A 1 48  ? -15.496 -1.951  -10.743 1.00 19.79  ? 48  ASP A OD1 1 
ATOM   364  O  OD2 . ASP A 1 48  ? -14.860 -1.594  -12.819 1.00 19.11  ? 48  ASP A OD2 1 
ATOM   365  N  N   . TRP A 1 49  ? -15.139 -0.343  -8.056  1.00 16.89  ? 49  TRP A N   1 
ATOM   366  C  CA  . TRP A 1 49  ? -16.306 0.200   -7.397  1.00 16.26  ? 49  TRP A CA  1 
ATOM   367  C  C   . TRP A 1 49  ? -16.109 1.598   -6.848  1.00 20.28  ? 49  TRP A C   1 
ATOM   368  O  O   . TRP A 1 49  ? -17.020 2.425   -6.847  1.00 21.91  ? 49  TRP A O   1 
ATOM   369  C  CB  . TRP A 1 49  ? -16.791 -0.764  -6.306  1.00 18.54  ? 49  TRP A CB  1 
ATOM   370  C  CG  . TRP A 1 49  ? -18.050 -0.299  -5.658  1.00 27.51  ? 49  TRP A CG  1 
ATOM   371  C  CD1 . TRP A 1 49  ? -18.161 0.165   -4.390  1.00 34.12  ? 49  TRP A CD1 1 
ATOM   372  C  CD2 . TRP A 1 49  ? -19.404 -0.371  -6.170  1.00 31.56  ? 49  TRP A CD2 1 
ATOM   373  N  NE1 . TRP A 1 49  ? -19.473 0.466   -4.084  1.00 33.67  ? 49  TRP A NE1 1 
ATOM   374  C  CE2 . TRP A 1 49  ? -20.261 0.175   -5.169  1.00 32.70  ? 49  TRP A CE2 1 
ATOM   375  C  CE3 . TRP A 1 49  ? -19.964 -0.758  -7.395  1.00 31.36  ? 49  TRP A CE3 1 
ATOM   376  C  CZ2 . TRP A 1 49  ? -21.648 0.316   -5.353  1.00 29.59  ? 49  TRP A CZ2 1 
ATOM   377  C  CZ3 . TRP A 1 49  ? -21.328 -0.608  -7.569  1.00 31.70  ? 49  TRP A CZ3 1 
ATOM   378  C  CH2 . TRP A 1 49  ? -22.161 -0.107  -6.555  1.00 30.90  ? 49  TRP A CH2 1 
ATOM   379  N  N   . ASN A 1 50  ? -14.921 1.883   -6.341  1.00 16.97  ? 50  ASN A N   1 
ATOM   380  C  CA  . ASN A 1 50  ? -14.715 3.182   -5.737  1.00 14.68  ? 50  ASN A CA  1 
ATOM   381  C  C   . ASN A 1 50  ? -13.717 4.071   -6.434  1.00 15.63  ? 50  ASN A C   1 
ATOM   382  O  O   . ASN A 1 50  ? -13.179 4.956   -5.763  1.00 17.01  ? 50  ASN A O   1 
ATOM   383  C  CB  . ASN A 1 50  ? -14.299 3.117   -4.263  1.00 19.86  ? 50  ASN A CB  1 
ATOM   384  C  CG  . ASN A 1 50  ? -15.241 2.309   -3.381  1.00 27.59  ? 50  ASN A CG  1 
ATOM   385  O  OD1 . ASN A 1 50  ? -14.913 1.169   -3.016  1.00 33.91  ? 50  ASN A OD1 1 
ATOM   386  N  ND2 . ASN A 1 50  ? -16.337 2.900   -2.932  1.00 27.37  ? 50  ASN A ND2 1 
ATOM   387  N  N   . VAL A 1 51  ? -13.452 3.889   -7.727  1.00 13.20  ? 51  VAL A N   1 
ATOM   388  C  CA  . VAL A 1 51  ? -12.486 4.800   -8.319  1.00 15.56  ? 51  VAL A CA  1 
ATOM   389  C  C   . VAL A 1 51  ? -12.916 6.283   -8.292  1.00 22.19  ? 51  VAL A C   1 
ATOM   390  O  O   . VAL A 1 51  ? -14.115 6.652   -8.290  1.00 22.62  ? 51  VAL A O   1 
ATOM   391  C  CB  . VAL A 1 51  ? -12.023 4.324   -9.676  1.00 13.45  ? 51  VAL A CB  1 
ATOM   392  C  CG1 . VAL A 1 51  ? -12.060 2.819   -9.758  1.00 15.61  ? 51  VAL A CG1 1 
ATOM   393  C  CG2 . VAL A 1 51  ? -12.747 4.973   -10.814 1.00 16.11  ? 51  VAL A CG2 1 
ATOM   394  N  N   . GLY A 1 52  ? -11.920 7.174   -8.219  1.00 20.73  ? 52  GLY A N   1 
ATOM   395  C  CA  . GLY A 1 52  ? -12.249 8.580   -8.182  1.00 19.99  ? 52  GLY A CA  1 
ATOM   396  C  C   . GLY A 1 52  ? -12.613 9.108   -6.801  1.00 19.44  ? 52  GLY A C   1 
ATOM   397  O  O   . GLY A 1 52  ? -12.621 10.323  -6.611  1.00 19.60  ? 52  GLY A O   1 
ATOM   398  N  N   . ARG A 1 53  ? -12.956 8.211   -5.864  1.00 15.90  ? 53  ARG A N   1 
ATOM   399  C  CA  . ARG A 1 53  ? -13.346 8.594   -4.511  1.00 15.81  ? 53  ARG A CA  1 
ATOM   400  C  C   . ARG A 1 53  ? -12.209 8.919   -3.594  1.00 19.08  ? 53  ARG A C   1 
ATOM   401  O  O   . ARG A 1 53  ? -11.160 8.301   -3.613  1.00 15.00  ? 53  ARG A O   1 
ATOM   402  C  CB  . ARG A 1 53  ? -14.137 7.520   -3.785  1.00 16.97  ? 53  ARG A CB  1 
ATOM   403  C  CG  . ARG A 1 53  ? -15.560 7.387   -4.329  1.00 21.26  ? 53  ARG A CG  1 
ATOM   404  C  CD  . ARG A 1 53  ? -16.401 6.374   -3.557  1.00 26.78  ? 53  ARG A CD  1 
ATOM   405  N  NE  . ARG A 1 53  ? -17.823 6.372   -3.910  1.00 28.59  ? 53  ARG A NE  1 
ATOM   406  C  CZ  . ARG A 1 53  ? -18.793 6.749   -3.062  1.00 36.01  ? 53  ARG A CZ  1 
ATOM   407  N  NH1 . ARG A 1 53  ? -18.551 7.125   -1.804  1.00 35.75  ? 53  ARG A NH1 1 
ATOM   408  N  NH2 . ARG A 1 53  ? -20.064 6.729   -3.474  1.00 39.94  ? 53  ARG A NH2 1 
ATOM   409  N  N   . SER A 1 54  ? -12.493 9.817   -2.683  1.00 25.47  ? 54  SER A N   1 
ATOM   410  C  CA  . SER A 1 54  ? -11.503 10.148  -1.665  1.00 25.46  ? 54  SER A CA  1 
ATOM   411  C  C   . SER A 1 54  ? -11.409 9.025   -0.656  1.00 24.36  ? 54  SER A C   1 
ATOM   412  O  O   . SER A 1 54  ? -12.284 8.191   -0.502  1.00 28.03  ? 54  SER A O   1 
ATOM   413  C  CB  . SER A 1 54  ? -11.922 11.368  -0.875  1.00 24.14  ? 54  SER A CB  1 
ATOM   414  O  OG  . SER A 1 54  ? -12.022 12.430  -1.780  1.00 29.86  ? 54  SER A OG  1 
ATOM   415  N  N   . PRO A 1 55  ? -10.359 9.076   0.117   1.00 18.18  ? 55  PRO A N   1 
ATOM   416  C  CA  . PRO A 1 55  ? -10.192 8.068   1.124   1.00 15.79  ? 55  PRO A CA  1 
ATOM   417  C  C   . PRO A 1 55  ? -11.256 8.199   2.181   1.00 16.90  ? 55  PRO A C   1 
ATOM   418  O  O   . PRO A 1 55  ? -11.763 9.285   2.434   1.00 19.79  ? 55  PRO A O   1 
ATOM   419  C  CB  . PRO A 1 55  ? -8.823  8.378   1.739   1.00 19.82  ? 55  PRO A CB  1 
ATOM   420  C  CG  . PRO A 1 55  ? -8.042  9.188   0.700   1.00 19.45  ? 55  PRO A CG  1 
ATOM   421  C  CD  . PRO A 1 55  ? -9.072  9.693   -0.307  1.00 14.47  ? 55  PRO A CD  1 
ATOM   422  N  N   . ASP A 1 56  ? -11.574 7.099   2.845   1.00 17.98  ? 56  ASP A N   1 
ATOM   423  C  CA  . ASP A 1 56  ? -12.574 7.133   3.890   1.00 13.27  ? 56  ASP A CA  1 
ATOM   424  C  C   . ASP A 1 56  ? -12.222 8.155   4.917   1.00 13.99  ? 56  ASP A C   1 
ATOM   425  O  O   . ASP A 1 56  ? -11.069 8.274   5.304   1.00 20.64  ? 56  ASP A O   1 
ATOM   426  C  CB  . ASP A 1 56  ? -12.603 5.797   4.598   1.00 14.62  ? 56  ASP A CB  1 
ATOM   427  C  CG  . ASP A 1 56  ? -13.625 5.843   5.672   1.00 19.65  ? 56  ASP A CG  1 
ATOM   428  O  OD1 . ASP A 1 56  ? -13.565 6.532   6.657   1.00 23.10  ? 56  ASP A OD1 1 
ATOM   429  O  OD2 . ASP A 1 56  ? -14.657 5.150   5.322   1.00 25.85  ? 56  ASP A OD2 1 
ATOM   430  N  N   . PRO A 1 57  ? -13.206 8.858   5.411   1.00 20.64  ? 57  PRO A N   1 
ATOM   431  C  CA  . PRO A 1 57  ? -12.948 9.889   6.404   1.00 21.69  ? 57  PRO A CA  1 
ATOM   432  C  C   . PRO A 1 57  ? -12.236 9.417   7.662   1.00 18.34  ? 57  PRO A C   1 
ATOM   433  O  O   . PRO A 1 57  ? -11.479 10.162  8.281   1.00 14.45  ? 57  PRO A O   1 
ATOM   434  C  CB  . PRO A 1 57  ? -14.319 10.508  6.746   1.00 22.81  ? 57  PRO A CB  1 
ATOM   435  C  CG  . PRO A 1 57  ? -15.292 10.084  5.640   1.00 21.59  ? 57  PRO A CG  1 
ATOM   436  C  CD  . PRO A 1 57  ? -14.561 9.039   4.800   1.00 21.32  ? 57  PRO A CD  1 
ATOM   437  N  N   . ARG A 1 58  ? -12.468 8.187   8.071   1.00 14.54  ? 58  ARG A N   1 
ATOM   438  C  CA  . ARG A 1 58  ? -11.822 7.692   9.272   1.00 17.08  ? 58  ARG A CA  1 
ATOM   439  C  C   . ARG A 1 58  ? -10.357 7.398   8.988   1.00 15.07  ? 58  ARG A C   1 
ATOM   440  O  O   . ARG A 1 58  ? -9.500  7.441   9.862   1.00 15.15  ? 58  ARG A O   1 
ATOM   441  C  CB  . ARG A 1 58  ? -12.517 6.410   9.725   1.00 16.22  ? 58  ARG A CB  1 
ATOM   442  C  CG  . ARG A 1 58  ? -13.908 6.693   10.213  1.00 14.08  ? 58  ARG A CG  1 
ATOM   443  C  CD  . ARG A 1 58  ? -14.781 5.450   10.197  1.00 14.01  ? 58  ARG A CD  1 
ATOM   444  N  NE  . ARG A 1 58  ? -14.811 4.923   8.837   1.00 15.76  ? 58  ARG A NE  1 
ATOM   445  C  CZ  . ARG A 1 58  ? -15.289 3.705   8.643   1.00 19.36  ? 58  ARG A CZ  1 
ATOM   446  N  NH1 . ARG A 1 58  ? -15.687 3.042   9.716   1.00 20.37  ? 58  ARG A NH1 1 
ATOM   447  N  NH2 . ARG A 1 58  ? -15.341 3.125   7.428   1.00 21.33  ? 58  ARG A NH2 1 
ATOM   448  N  N   . ALA A 1 59  ? -10.041 7.054   7.764   1.00 15.44  ? 59  ALA A N   1 
ATOM   449  C  CA  . ALA A 1 59  ? -8.625  6.874   7.454   1.00 18.64  ? 59  ALA A CA  1 
ATOM   450  C  C   . ALA A 1 59  ? -7.940  8.230   7.451   1.00 18.10  ? 59  ALA A C   1 
ATOM   451  O  O   . ALA A 1 59  ? -6.821  8.375   7.900   1.00 19.10  ? 59  ALA A O   1 
ATOM   452  C  CB  . ALA A 1 59  ? -8.413  6.306   6.063   1.00 19.86  ? 59  ALA A CB  1 
ATOM   453  N  N   . VAL A 1 60  ? -8.605  9.255   6.933   1.00 23.69  ? 60  VAL A N   1 
ATOM   454  C  CA  . VAL A 1 60  ? -7.992  10.589  6.941   1.00 22.81  ? 60  VAL A CA  1 
ATOM   455  C  C   . VAL A 1 60  ? -7.751  11.040  8.390   1.00 16.22  ? 60  VAL A C   1 
ATOM   456  O  O   . VAL A 1 60  ? -6.647  11.394  8.830   1.00 12.42  ? 60  VAL A O   1 
ATOM   457  C  CB  . VAL A 1 60  ? -8.842  11.628  6.184   1.00 24.48  ? 60  VAL A CB  1 
ATOM   458  C  CG1 . VAL A 1 60  ? -8.270  13.055  6.247   1.00 20.99  ? 60  VAL A CG1 1 
ATOM   459  C  CG2 . VAL A 1 60  ? -9.036  11.211  4.729   1.00 22.77  ? 60  VAL A CG2 1 
ATOM   460  N  N   . SER A 1 61  ? -8.770  10.954  9.209   1.00 11.90  ? 61  SER A N   1 
ATOM   461  C  CA  . SER A 1 61  ? -8.527  11.391  10.565  1.00 18.23  ? 61  SER A CA  1 
ATOM   462  C  C   . SER A 1 61  ? -7.484  10.551  11.264  1.00 19.45  ? 61  SER A C   1 
ATOM   463  O  O   . SER A 1 61  ? -6.624  11.084  11.942  1.00 17.91  ? 61  SER A O   1 
ATOM   464  C  CB  . SER A 1 61  ? -9.788  11.531  11.378  1.00 21.17  ? 61  SER A CB  1 
ATOM   465  O  OG  . SER A 1 61  ? -10.511 10.384  11.031  1.00 28.64  ? 61  SER A OG  1 
ATOM   466  N  N   . CYS A 1 62  ? -7.487  9.241   11.037  1.00 22.44  ? 62  CYS A N   1 
ATOM   467  C  CA  . CYS A 1 62  ? -6.442  8.434   11.647  1.00 19.49  ? 62  CYS A CA  1 
ATOM   468  C  C   . CYS A 1 62  ? -5.014  8.935   11.293  1.00 15.39  ? 62  CYS A C   1 
ATOM   469  O  O   . CYS A 1 62  ? -4.136  9.203   12.111  1.00 17.75  ? 62  CYS A O   1 
ATOM   470  C  CB  . CYS A 1 62  ? -6.706  6.955   11.350  1.00 19.31  ? 62  CYS A CB  1 
ATOM   471  S  SG  . CYS A 1 62  ? -5.242  5.951   11.720  1.00 24.51  ? 62  CYS A SG  1 
ATOM   472  N  N   . LEU A 1 63  ? -4.735  9.116   10.023  1.00 15.10  ? 63  LEU A N   1 
ATOM   473  C  CA  . LEU A 1 63  ? -3.434  9.615   9.579   1.00 13.95  ? 63  LEU A CA  1 
ATOM   474  C  C   . LEU A 1 63  ? -3.126  10.988  10.179  1.00 15.21  ? 63  LEU A C   1 
ATOM   475  O  O   . LEU A 1 63  ? -1.982  11.299  10.501  1.00 16.82  ? 63  LEU A O   1 
ATOM   476  C  CB  . LEU A 1 63  ? -3.530  9.756   8.046   1.00 9.89   ? 63  LEU A CB  1 
ATOM   477  C  CG  . LEU A 1 63  ? -2.901  8.736   7.094   1.00 14.22  ? 63  LEU A CG  1 
ATOM   478  C  CD1 . LEU A 1 63  ? -2.262  7.491   7.701   1.00 14.57  ? 63  LEU A CD1 1 
ATOM   479  C  CD2 . LEU A 1 63  ? -3.968  8.300   6.099   1.00 13.27  ? 63  LEU A CD2 1 
ATOM   480  N  N   . ARG A 1 64  ? -4.159  11.842  10.296  1.00 18.67  ? 64  ARG A N   1 
ATOM   481  C  CA  . ARG A 1 64  ? -3.982  13.187  10.824  1.00 21.49  ? 64  ARG A CA  1 
ATOM   482  C  C   . ARG A 1 64  ? -3.496  13.139  12.264  1.00 18.02  ? 64  ARG A C   1 
ATOM   483  O  O   . ARG A 1 64  ? -2.604  13.875  12.683  1.00 16.83  ? 64  ARG A O   1 
ATOM   484  C  CB  . ARG A 1 64  ? -5.220  14.095  10.629  1.00 29.57  ? 64  ARG A CB  1 
ATOM   485  C  CG  . ARG A 1 64  ? -5.311  14.716  9.228   1.00 43.08  ? 64  ARG A CG  1 
ATOM   486  C  CD  . ARG A 1 64  ? -5.114  13.730  8.056   1.00 51.49  ? 64  ARG A CD  1 
ATOM   487  N  NE  . ARG A 1 64  ? -4.789  14.384  6.791   1.00 58.13  ? 64  ARG A NE  1 
ATOM   488  C  CZ  . ARG A 1 64  ? -4.774  13.754  5.619   1.00 61.87  ? 64  ARG A CZ  1 
ATOM   489  N  NH1 . ARG A 1 64  ? -5.086  12.463  5.570   1.00 64.53  ? 64  ARG A NH1 1 
ATOM   490  N  NH2 . ARG A 1 64  ? -4.472  14.425  4.495   1.00 58.62  ? 64  ARG A NH2 1 
ATOM   491  N  N   . ASN A 1 65  ? -4.080  12.213  12.999  1.00 22.64  ? 65  ASN A N   1 
ATOM   492  C  CA  . ASN A 1 65  ? -3.686  11.999  14.361  1.00 31.93  ? 65  ASN A CA  1 
ATOM   493  C  C   . ASN A 1 65  ? -2.189  11.752  14.379  1.00 32.29  ? 65  ASN A C   1 
ATOM   494  O  O   . ASN A 1 65  ? -1.531  12.126  15.371  1.00 34.00  ? 65  ASN A O   1 
ATOM   495  C  CB  . ASN A 1 65  ? -4.439  10.802  14.983  1.00 38.77  ? 65  ASN A CB  1 
ATOM   496  C  CG  . ASN A 1 65  ? -5.907  11.096  15.276  1.00 45.85  ? 65  ASN A CG  1 
ATOM   497  O  OD1 . ASN A 1 65  ? -6.339  12.263  15.322  1.00 50.34  ? 65  ASN A OD1 1 
ATOM   498  N  ND2 . ASN A 1 65  ? -6.698  10.049  15.507  1.00 47.88  ? 65  ASN A ND2 1 
ATOM   499  N  N   . HIS A 1 66  ? -1.673  11.143  13.286  1.00 21.24  ? 66  HIS A N   1 
ATOM   500  C  CA  . HIS A 1 66  ? -0.241  10.850  13.199  1.00 20.17  ? 66  HIS A CA  1 
ATOM   501  C  C   . HIS A 1 66  ? 0.630   11.855  12.471  1.00 20.11  ? 66  HIS A C   1 
ATOM   502  O  O   . HIS A 1 66  ? 1.776   11.554  12.123  1.00 16.08  ? 66  HIS A O   1 
ATOM   503  C  CB  . HIS A 1 66  ? 0.123   9.409   12.799  1.00 19.36  ? 66  HIS A CB  1 
ATOM   504  C  CG  . HIS A 1 66  ? -0.360  8.472   13.851  1.00 19.70  ? 66  HIS A CG  1 
ATOM   505  N  ND1 . HIS A 1 66  ? -1.624  7.899   13.777  1.00 18.72  ? 66  HIS A ND1 1 
ATOM   506  C  CD2 . HIS A 1 66  ? 0.222   8.093   15.025  1.00 16.65  ? 66  HIS A CD2 1 
ATOM   507  C  CE1 . HIS A 1 66  ? -1.758  7.121   14.838  1.00 14.64  ? 66  HIS A CE1 1 
ATOM   508  N  NE2 . HIS A 1 66  ? -0.677  7.233   15.609  1.00 17.55  ? 66  HIS A NE2 1 
ATOM   509  N  N   . GLY A 1 67  ? 0.062   13.022  12.166  1.00 20.37  ? 67  GLY A N   1 
ATOM   510  C  CA  . GLY A 1 67  ? 0.852   14.042  11.494  1.00 20.82  ? 67  GLY A CA  1 
ATOM   511  C  C   . GLY A 1 67  ? 1.031   13.759  10.020  1.00 22.87  ? 67  GLY A C   1 
ATOM   512  O  O   . GLY A 1 67  ? 2.020   14.183  9.449   1.00 28.13  ? 67  GLY A O   1 
ATOM   513  N  N   . ILE A 1 68  ? 0.125   12.991  9.417   1.00 18.05  ? 68  ILE A N   1 
ATOM   514  C  CA  . ILE A 1 68  ? 0.253   12.664  8.020   1.00 14.70  ? 68  ILE A CA  1 
ATOM   515  C  C   . ILE A 1 68  ? -0.995  13.051  7.211   1.00 12.56  ? 68  ILE A C   1 
ATOM   516  O  O   . ILE A 1 68  ? -2.134  12.992  7.658   1.00 13.14  ? 68  ILE A O   1 
ATOM   517  C  CB  . ILE A 1 68  ? 0.462   11.161  7.976   1.00 14.34  ? 68  ILE A CB  1 
ATOM   518  C  CG1 . ILE A 1 68  ? 1.753   10.805  8.698   1.00 15.55  ? 68  ILE A CG1 1 
ATOM   519  C  CG2 . ILE A 1 68  ? 0.436   10.676  6.526   1.00 14.64  ? 68  ILE A CG2 1 
ATOM   520  C  CD1 . ILE A 1 68  ? 1.962   9.306   8.901   1.00 13.54  ? 68  ILE A CD1 1 
ATOM   521  N  N   . ASN A 1 69  ? -0.777  13.489  5.987   1.00 13.17  ? 69  ASN A N   1 
ATOM   522  C  CA  . ASN A 1 69  ? -1.875  13.818  5.097   1.00 18.39  ? 69  ASN A CA  1 
ATOM   523  C  C   . ASN A 1 69  ? -1.757  13.012  3.831   1.00 20.07  ? 69  ASN A C   1 
ATOM   524  O  O   . ASN A 1 69  ? -0.687  12.506  3.515   1.00 20.04  ? 69  ASN A O   1 
ATOM   525  C  CB  . ASN A 1 69  ? -1.934  15.298  4.712   1.00 20.29  ? 69  ASN A CB  1 
ATOM   526  C  CG  . ASN A 1 69  ? -2.295  16.079  5.951   1.00 32.85  ? 69  ASN A CG  1 
ATOM   527  O  OD1 . ASN A 1 69  ? -3.456  16.083  6.413   1.00 33.59  ? 69  ASN A OD1 1 
ATOM   528  N  ND2 . ASN A 1 69  ? -1.249  16.590  6.594   1.00 37.30  ? 69  ASN A ND2 1 
ATOM   529  N  N   . THR A 1 70  ? -2.871  12.887  3.142   1.00 19.02  ? 70  THR A N   1 
ATOM   530  C  CA  . THR A 1 70  ? -2.907  12.224  1.861   1.00 17.69  ? 70  THR A CA  1 
ATOM   531  C  C   . THR A 1 70  ? -3.834  12.978  0.914   1.00 12.99  ? 70  THR A C   1 
ATOM   532  O  O   . THR A 1 70  ? -4.844  13.520  1.325   1.00 14.83  ? 70  THR A O   1 
ATOM   533  C  CB  . THR A 1 70  ? -3.486  10.820  2.029   1.00 17.02  ? 70  THR A CB  1 
ATOM   534  O  OG1 . THR A 1 70  ? -3.571  10.223  0.758   1.00 17.91  ? 70  THR A OG1 1 
ATOM   535  C  CG2 . THR A 1 70  ? -4.893  10.982  2.579   1.00 18.55  ? 70  THR A CG2 1 
ATOM   536  N  N   . ALA A 1 71  ? -3.557  12.957  -0.370  1.00 12.10  ? 71  ALA A N   1 
ATOM   537  C  CA  . ALA A 1 71  ? -4.457  13.579  -1.331  1.00 17.81  ? 71  ALA A CA  1 
ATOM   538  C  C   . ALA A 1 71  ? -4.966  12.572  -2.362  1.00 17.45  ? 71  ALA A C   1 
ATOM   539  O  O   . ALA A 1 71  ? -5.448  12.954  -3.422  1.00 15.68  ? 71  ALA A O   1 
ATOM   540  C  CB  . ALA A 1 71  ? -3.704  14.640  -2.113  1.00 20.59  ? 71  ALA A CB  1 
ATOM   541  N  N   . HIS A 1 72  ? -4.806  11.284  -2.086  1.00 16.88  ? 72  HIS A N   1 
ATOM   542  C  CA  . HIS A 1 72  ? -5.119  10.197  -3.004  1.00 16.95  ? 72  HIS A CA  1 
ATOM   543  C  C   . HIS A 1 72  ? -6.564  10.108  -3.474  1.00 13.90  ? 72  HIS A C   1 
ATOM   544  O  O   . HIS A 1 72  ? -7.488  10.379  -2.733  1.00 15.07  ? 72  HIS A O   1 
ATOM   545  C  CB  . HIS A 1 72  ? -4.748  8.872   -2.318  1.00 20.48  ? 72  HIS A CB  1 
ATOM   546  C  CG  . HIS A 1 72  ? -4.664  7.703   -3.262  1.00 21.33  ? 72  HIS A CG  1 
ATOM   547  N  ND1 . HIS A 1 72  ? -3.581  7.537   -4.111  1.00 18.93  ? 72  HIS A ND1 1 
ATOM   548  C  CD2 . HIS A 1 72  ? -5.501  6.643   -3.429  1.00 13.28  ? 72  HIS A CD2 1 
ATOM   549  C  CE1 . HIS A 1 72  ? -3.791  6.426   -4.803  1.00 20.78  ? 72  HIS A CE1 1 
ATOM   550  N  NE2 . HIS A 1 72  ? -4.930  5.869   -4.413  1.00 17.96  ? 72  HIS A NE2 1 
ATOM   551  N  N   . LYS A 1 73  ? -6.746  9.718   -4.723  1.00 14.68  ? 73  LYS A N   1 
ATOM   552  C  CA  . LYS A 1 73  ? -8.055  9.463   -5.308  1.00 16.20  ? 73  LYS A CA  1 
ATOM   553  C  C   . LYS A 1 73  ? -8.021  8.009   -5.686  1.00 17.30  ? 73  LYS A C   1 
ATOM   554  O  O   . LYS A 1 73  ? -7.098  7.584   -6.368  1.00 16.76  ? 73  LYS A O   1 
ATOM   555  C  CB  . LYS A 1 73  ? -8.349  10.281  -6.546  1.00 16.37  ? 73  LYS A CB  1 
ATOM   556  C  CG  . LYS A 1 73  ? -8.760  11.706  -6.201  1.00 27.70  ? 73  LYS A CG  1 
ATOM   557  C  CD  . LYS A 1 73  ? -8.982  12.580  -7.431  1.00 35.70  ? 73  LYS A CD  1 
ATOM   558  C  CE  . LYS A 1 73  ? -10.014 11.998  -8.384  1.00 39.13  ? 73  LYS A CE  1 
ATOM   559  N  NZ  . LYS A 1 73  ? -11.272 11.705  -7.679  1.00 40.36  ? 73  LYS A NZ  1 
ATOM   560  N  N   . ALA A 1 74  ? -9.012  7.239   -5.276  1.00 17.50  ? 74  ALA A N   1 
ATOM   561  C  CA  . ALA A 1 74  ? -8.955  5.842   -5.641  1.00 17.24  ? 74  ALA A CA  1 
ATOM   562  C  C   . ALA A 1 74  ? -8.857  5.593   -7.158  1.00 18.89  ? 74  ALA A C   1 
ATOM   563  O  O   . ALA A 1 74  ? -9.487  6.258   -7.991  1.00 21.29  ? 74  ALA A O   1 
ATOM   564  C  CB  . ALA A 1 74  ? -10.124 5.109   -5.002  1.00 14.08  ? 74  ALA A CB  1 
ATOM   565  N  N   . ARG A 1 75  ? -7.993  4.634   -7.513  1.00 22.30  ? 75  ARG A N   1 
ATOM   566  C  CA  . ARG A 1 75  ? -7.772  4.123   -8.859  1.00 17.82  ? 75  ARG A CA  1 
ATOM   567  C  C   . ARG A 1 75  ? -7.596  2.603   -8.823  1.00 19.12  ? 75  ARG A C   1 
ATOM   568  O  O   . ARG A 1 75  ? -7.195  2.008   -7.826  1.00 17.39  ? 75  ARG A O   1 
ATOM   569  C  CB  . ARG A 1 75  ? -6.613  4.713   -9.613  1.00 13.29  ? 75  ARG A CB  1 
ATOM   570  C  CG  . ARG A 1 75  ? -5.315  4.153   -9.088  1.00 18.90  ? 75  ARG A CG  1 
ATOM   571  C  CD  . ARG A 1 75  ? -4.241  4.424   -10.122 1.00 21.88  ? 75  ARG A CD  1 
ATOM   572  N  NE  . ARG A 1 75  ? -2.916  3.869   -9.841  1.00 26.40  ? 75  ARG A NE  1 
ATOM   573  C  CZ  . ARG A 1 75  ? -2.354  2.765   -10.394 1.00 25.84  ? 75  ARG A CZ  1 
ATOM   574  N  NH1 . ARG A 1 75  ? -2.942  1.996   -11.331 1.00 18.35  ? 75  ARG A NH1 1 
ATOM   575  N  NH2 . ARG A 1 75  ? -1.098  2.476   -10.029 1.00 24.96  ? 75  ARG A NH2 1 
ATOM   576  N  N   . GLN A 1 76  ? -7.903  1.994   -9.954  1.00 18.22  ? 76  GLN A N   1 
ATOM   577  C  CA  . GLN A 1 76  ? -7.869  0.572   -10.145 1.00 20.13  ? 76  GLN A CA  1 
ATOM   578  C  C   . GLN A 1 76  ? -6.496  0.098   -10.571 1.00 14.52  ? 76  GLN A C   1 
ATOM   579  O  O   . GLN A 1 76  ? -5.777  0.731   -11.339 1.00 13.28  ? 76  GLN A O   1 
ATOM   580  C  CB  . GLN A 1 76  ? -8.845  0.199   -11.282 1.00 22.48  ? 76  GLN A CB  1 
ATOM   581  C  CG  . GLN A 1 76  ? -8.864  -1.309  -11.589 1.00 30.42  ? 76  GLN A CG  1 
ATOM   582  C  CD  . GLN A 1 76  ? -9.600  -1.688  -12.867 1.00 28.20  ? 76  GLN A CD  1 
ATOM   583  O  OE1 . GLN A 1 76  ? -10.667 -1.161  -13.158 1.00 22.62  ? 76  GLN A OE1 1 
ATOM   584  N  NE2 . GLN A 1 76  ? -8.971  -2.540  -13.689 1.00 25.14  ? 76  GLN A NE2 1 
ATOM   585  N  N   . VAL A 1 77  ? -6.178  -1.091  -10.143 1.00 11.54  ? 77  VAL A N   1 
ATOM   586  C  CA  . VAL A 1 77  ? -4.927  -1.633  -10.611 1.00 14.49  ? 77  VAL A CA  1 
ATOM   587  C  C   . VAL A 1 77  ? -5.087  -2.042  -12.082 1.00 20.26  ? 77  VAL A C   1 
ATOM   588  O  O   . VAL A 1 77  ? -6.113  -2.626  -12.382 1.00 23.09  ? 77  VAL A O   1 
ATOM   589  C  CB  . VAL A 1 77  ? -4.619  -2.832  -9.733  1.00 15.29  ? 77  VAL A CB  1 
ATOM   590  C  CG1 . VAL A 1 77  ? -3.398  -3.514  -10.307 1.00 17.14  ? 77  VAL A CG1 1 
ATOM   591  C  CG2 . VAL A 1 77  ? -4.237  -2.284  -8.373  1.00 15.58  ? 77  VAL A CG2 1 
ATOM   592  N  N   . THR A 1 78  ? -4.116  -1.717  -12.978 1.00 20.25  ? 78  THR A N   1 
ATOM   593  C  CA  . THR A 1 78  ? -4.088  -2.028  -14.410 1.00 18.43  ? 78  THR A CA  1 
ATOM   594  C  C   . THR A 1 78  ? -2.989  -3.032  -14.744 1.00 19.57  ? 78  THR A C   1 
ATOM   595  O  O   . THR A 1 78  ? -2.081  -3.260  -13.950 1.00 20.87  ? 78  THR A O   1 
ATOM   596  C  CB  . THR A 1 78  ? -3.803  -0.789  -15.272 1.00 15.39  ? 78  THR A CB  1 
ATOM   597  O  OG1 . THR A 1 78  ? -2.481  -0.321  -15.077 1.00 18.41  ? 78  THR A OG1 1 
ATOM   598  C  CG2 . THR A 1 78  ? -4.755  0.344   -14.932 1.00 17.80  ? 78  THR A CG2 1 
ATOM   599  N  N   . LYS A 1 79  ? -2.985  -3.556  -15.961 1.00 19.50  ? 79  LYS A N   1 
ATOM   600  C  CA  . LYS A 1 79  ? -1.932  -4.495  -16.325 1.00 27.37  ? 79  LYS A CA  1 
ATOM   601  C  C   . LYS A 1 79  ? -0.518  -3.899  -16.408 1.00 25.11  ? 79  LYS A C   1 
ATOM   602  O  O   . LYS A 1 79  ? 0.483   -4.602  -16.342 1.00 20.37  ? 79  LYS A O   1 
ATOM   603  C  CB  . LYS A 1 79  ? -2.243  -5.362  -17.547 1.00 34.99  ? 79  LYS A CB  1 
ATOM   604  C  CG  . LYS A 1 79  ? -3.396  -6.339  -17.346 1.00 42.32  ? 79  LYS A CG  1 
ATOM   605  C  CD  . LYS A 1 79  ? -3.757  -7.048  -18.641 1.00 49.33  ? 79  LYS A CD  1 
ATOM   606  C  CE  . LYS A 1 79  ? -5.075  -7.803  -18.597 1.00 53.08  ? 79  LYS A CE  1 
ATOM   607  N  NZ  . LYS A 1 79  ? -5.506  -8.222  -19.944 1.00 54.88  ? 79  LYS A NZ  1 
ATOM   608  N  N   . GLU A 1 80  ? -0.422  -2.587  -16.570 1.00 25.53  ? 80  GLU A N   1 
ATOM   609  C  CA  . GLU A 1 80  ? 0.865   -1.933  -16.694 1.00 28.22  ? 80  GLU A CA  1 
ATOM   610  C  C   . GLU A 1 80  ? 1.567   -1.895  -15.361 1.00 23.48  ? 80  GLU A C   1 
ATOM   611  O  O   . GLU A 1 80  ? 2.797   -1.852  -15.303 1.00 20.43  ? 80  GLU A O   1 
ATOM   612  C  CB  . GLU A 1 80  ? 0.662   -0.492  -17.187 1.00 37.63  ? 80  GLU A CB  1 
ATOM   613  C  CG  . GLU A 1 80  ? -0.089  -0.418  -18.541 1.00 45.23  ? 80  GLU A CG  1 
ATOM   614  C  CD  . GLU A 1 80  ? -1.557  -0.784  -18.566 1.00 47.64  ? 80  GLU A CD  1 
ATOM   615  O  OE1 . GLU A 1 80  ? -2.261  -0.955  -17.585 1.00 50.00  ? 80  GLU A OE1 1 
ATOM   616  O  OE2 . GLU A 1 80  ? -1.994  -0.923  -19.786 1.00 49.29  ? 80  GLU A OE2 1 
ATOM   617  N  N   . ASP A 1 81  ? 0.733   -1.914  -14.319 1.00 19.01  ? 81  ASP A N   1 
ATOM   618  C  CA  . ASP A 1 81  ? 1.206   -1.925  -12.956 1.00 17.97  ? 81  ASP A CA  1 
ATOM   619  C  C   . ASP A 1 81  ? 2.136   -3.112  -12.735 1.00 22.05  ? 81  ASP A C   1 
ATOM   620  O  O   . ASP A 1 81  ? 3.104   -3.019  -11.973 1.00 23.34  ? 81  ASP A O   1 
ATOM   621  C  CB  . ASP A 1 81  ? 0.008   -2.026  -12.008 1.00 12.51  ? 81  ASP A CB  1 
ATOM   622  C  CG  . ASP A 1 81  ? -0.634  -0.671  -11.921 1.00 16.60  ? 81  ASP A CG  1 
ATOM   623  O  OD1 . ASP A 1 81  ? -0.021  0.369   -12.086 1.00 15.55  ? 81  ASP A OD1 1 
ATOM   624  O  OD2 . ASP A 1 81  ? -1.890  -0.724  -11.593 1.00 14.29  ? 81  ASP A OD2 1 
ATOM   625  N  N   . PHE A 1 82  ? 1.842   -4.214  -13.423 1.00 16.91  ? 82  PHE A N   1 
ATOM   626  C  CA  . PHE A 1 82  ? 2.648   -5.391  -13.225 1.00 15.64  ? 82  PHE A CA  1 
ATOM   627  C  C   . PHE A 1 82  ? 3.988   -5.271  -13.907 1.00 19.77  ? 82  PHE A C   1 
ATOM   628  O  O   . PHE A 1 82  ? 4.948   -6.028  -13.658 1.00 21.17  ? 82  PHE A O   1 
ATOM   629  C  CB  . PHE A 1 82  ? 1.949   -6.674  -13.674 1.00 11.29  ? 82  PHE A CB  1 
ATOM   630  C  CG  . PHE A 1 82  ? 0.677   -6.879  -12.950 1.00 14.45  ? 82  PHE A CG  1 
ATOM   631  C  CD1 . PHE A 1 82  ? -0.554  -6.666  -13.566 1.00 16.87  ? 82  PHE A CD1 1 
ATOM   632  C  CD2 . PHE A 1 82  ? 0.720   -7.221  -11.603 1.00 18.52  ? 82  PHE A CD2 1 
ATOM   633  C  CE1 . PHE A 1 82  ? -1.740  -6.859  -12.857 1.00 18.24  ? 82  PHE A CE1 1 
ATOM   634  C  CE2 . PHE A 1 82  ? -0.459  -7.430  -10.887 1.00 20.43  ? 82  PHE A CE2 1 
ATOM   635  C  CZ  . PHE A 1 82  ? -1.690  -7.240  -11.515 1.00 20.17  ? 82  PHE A CZ  1 
ATOM   636  N  N   . VAL A 1 83  ? 4.066   -4.327  -14.821 1.00 18.66  ? 83  VAL A N   1 
ATOM   637  C  CA  . VAL A 1 83  ? 5.360   -4.255  -15.465 1.00 23.15  ? 83  VAL A CA  1 
ATOM   638  C  C   . VAL A 1 83  ? 6.091   -3.033  -15.033 1.00 23.88  ? 83  VAL A C   1 
ATOM   639  O  O   . VAL A 1 83  ? 7.257   -2.918  -15.310 1.00 29.34  ? 83  VAL A O   1 
ATOM   640  C  CB  . VAL A 1 83  ? 5.328   -4.327  -16.984 1.00 28.37  ? 83  VAL A CB  1 
ATOM   641  C  CG1 . VAL A 1 83  ? 4.850   -5.705  -17.418 1.00 32.84  ? 83  VAL A CG1 1 
ATOM   642  C  CG2 . VAL A 1 83  ? 4.343   -3.303  -17.524 1.00 31.68  ? 83  VAL A CG2 1 
ATOM   643  N  N   . THR A 1 84  ? 5.402   -2.117  -14.377 1.00 22.95  ? 84  THR A N   1 
ATOM   644  C  CA  . THR A 1 84  ? 6.023   -0.876  -14.009 1.00 24.23  ? 84  THR A CA  1 
ATOM   645  C  C   . THR A 1 84  ? 6.509   -0.790  -12.569 1.00 23.79  ? 84  THR A C   1 
ATOM   646  O  O   . THR A 1 84  ? 7.426   -0.012  -12.283 1.00 23.42  ? 84  THR A O   1 
ATOM   647  C  CB  . THR A 1 84  ? 5.143   0.318   -14.443 1.00 27.28  ? 84  THR A CB  1 
ATOM   648  O  OG1 . THR A 1 84  ? 3.883   0.241   -13.824 1.00 31.11  ? 84  THR A OG1 1 
ATOM   649  C  CG2 . THR A 1 84  ? 4.901   0.262   -15.944 1.00 30.63  ? 84  THR A CG2 1 
ATOM   650  N  N   . PHE A 1 85  ? 5.909   -1.557  -11.654 1.00 19.82  ? 85  PHE A N   1 
ATOM   651  C  CA  . PHE A 1 85  ? 6.353   -1.492  -10.265 1.00 20.21  ? 85  PHE A CA  1 
ATOM   652  C  C   . PHE A 1 85  ? 7.315   -2.626  -9.859  1.00 19.25  ? 85  PHE A C   1 
ATOM   653  O  O   . PHE A 1 85  ? 7.176   -3.772  -10.291 1.00 19.80  ? 85  PHE A O   1 
ATOM   654  C  CB  . PHE A 1 85  ? 5.191   -1.387  -9.262  1.00 18.25  ? 85  PHE A CB  1 
ATOM   655  C  CG  . PHE A 1 85  ? 4.439   -0.069  -9.277  1.00 18.75  ? 85  PHE A CG  1 
ATOM   656  C  CD1 . PHE A 1 85  ? 3.352   0.121   -10.127 1.00 16.65  ? 85  PHE A CD1 1 
ATOM   657  C  CD2 . PHE A 1 85  ? 4.798   0.966   -8.416  1.00 19.64  ? 85  PHE A CD2 1 
ATOM   658  C  CE1 . PHE A 1 85  ? 2.630   1.313   -10.138 1.00 19.46  ? 85  PHE A CE1 1 
ATOM   659  C  CE2 . PHE A 1 85  ? 4.105   2.177   -8.416  1.00 21.89  ? 85  PHE A CE2 1 
ATOM   660  C  CZ  . PHE A 1 85  ? 3.030   2.345   -9.287  1.00 23.21  ? 85  PHE A CZ  1 
ATOM   661  N  N   . ASP A 1 86  ? 8.260   -2.326  -8.970  1.00 14.46  ? 86  ASP A N   1 
ATOM   662  C  CA  . ASP A 1 86  ? 9.163   -3.360  -8.467  1.00 14.70  ? 86  ASP A CA  1 
ATOM   663  C  C   . ASP A 1 86  ? 8.389   -4.270  -7.533  1.00 15.55  ? 86  ASP A C   1 
ATOM   664  O  O   . ASP A 1 86  ? 8.586   -5.470  -7.502  1.00 13.26  ? 86  ASP A O   1 
ATOM   665  C  CB  . ASP A 1 86  ? 10.311  -2.722  -7.667  1.00 10.53  ? 86  ASP A CB  1 
ATOM   666  C  CG  . ASP A 1 86  ? 11.150  -1.925  -8.615  1.00 15.26  ? 86  ASP A CG  1 
ATOM   667  O  OD1 . ASP A 1 86  ? 11.151  -2.139  -9.818  1.00 19.23  ? 86  ASP A OD1 1 
ATOM   668  O  OD2 . ASP A 1 86  ? 11.974  -1.103  -8.028  1.00 18.33  ? 86  ASP A OD2 1 
ATOM   669  N  N   . TYR A 1 87  ? 7.517   -3.644  -6.750  1.00 10.03  ? 87  TYR A N   1 
ATOM   670  C  CA  . TYR A 1 87  ? 6.737   -4.335  -5.781  1.00 12.29  ? 87  TYR A CA  1 
ATOM   671  C  C   . TYR A 1 87  ? 5.336   -3.832  -5.741  1.00 13.52  ? 87  TYR A C   1 
ATOM   672  O  O   . TYR A 1 87  ? 5.097   -2.602  -5.702  1.00 13.06  ? 87  TYR A O   1 
ATOM   673  C  CB  . TYR A 1 87  ? 7.267   -4.163  -4.342  1.00 16.87  ? 87  TYR A CB  1 
ATOM   674  C  CG  . TYR A 1 87  ? 8.737   -4.500  -4.221  1.00 21.79  ? 87  TYR A CG  1 
ATOM   675  C  CD1 . TYR A 1 87  ? 9.691   -3.562  -4.622  1.00 19.67  ? 87  TYR A CD1 1 
ATOM   676  C  CD2 . TYR A 1 87  ? 9.144   -5.727  -3.688  1.00 23.76  ? 87  TYR A CD2 1 
ATOM   677  C  CE1 . TYR A 1 87  ? 11.050  -3.836  -4.502  1.00 20.22  ? 87  TYR A CE1 1 
ATOM   678  C  CE2 . TYR A 1 87  ? 10.500  -6.028  -3.577  1.00 21.57  ? 87  TYR A CE2 1 
ATOM   679  C  CZ  . TYR A 1 87  ? 11.427  -5.081  -4.002  1.00 22.47  ? 87  TYR A CZ  1 
ATOM   680  O  OH  . TYR A 1 87  ? 12.743  -5.380  -3.888  1.00 33.46  ? 87  TYR A OH  1 
ATOM   681  N  N   . ILE A 1 88  ? 4.502   -4.854  -5.574  1.00 9.68   ? 88  ILE A N   1 
ATOM   682  C  CA  . ILE A 1 88  ? 3.072   -4.751  -5.378  1.00 9.19   ? 88  ILE A CA  1 
ATOM   683  C  C   . ILE A 1 88  ? 2.738   -5.329  -4.001  1.00 13.53  ? 88  ILE A C   1 
ATOM   684  O  O   . ILE A 1 88  ? 2.759   -6.540  -3.779  1.00 16.78  ? 88  ILE A O   1 
ATOM   685  C  CB  . ILE A 1 88  ? 2.275   -5.388  -6.512  1.00 6.79   ? 88  ILE A CB  1 
ATOM   686  C  CG1 . ILE A 1 88  ? 2.635   -4.654  -7.798  1.00 11.07  ? 88  ILE A CG1 1 
ATOM   687  C  CG2 . ILE A 1 88  ? 0.814   -5.193  -6.170  1.00 9.05   ? 88  ILE A CG2 1 
ATOM   688  C  CD1 . ILE A 1 88  ? 2.051   -5.233  -9.086  1.00 12.11  ? 88  ILE A CD1 1 
ATOM   689  N  N   . LEU A 1 89  ? 2.434   -4.480  -3.017  1.00 6.26   ? 89  LEU A N   1 
ATOM   690  C  CA  . LEU A 1 89  ? 2.141   -5.033  -1.719  1.00 7.46   ? 89  LEU A CA  1 
ATOM   691  C  C   . LEU A 1 89  ? 0.695   -4.908  -1.401  1.00 10.98  ? 89  LEU A C   1 
ATOM   692  O  O   . LEU A 1 89  ? 0.181   -3.804  -1.406  1.00 10.36  ? 89  LEU A O   1 
ATOM   693  C  CB  . LEU A 1 89  ? 2.993   -4.381  -0.598  1.00 12.40  ? 89  LEU A CB  1 
ATOM   694  C  CG  . LEU A 1 89  ? 4.486   -4.440  -0.947  1.00 17.87  ? 89  LEU A CG  1 
ATOM   695  C  CD1 . LEU A 1 89  ? 5.272   -3.473  -0.070  1.00 14.79  ? 89  LEU A CD1 1 
ATOM   696  C  CD2 . LEU A 1 89  ? 4.987   -5.862  -0.663  1.00 15.77  ? 89  LEU A CD2 1 
ATOM   697  N  N   . CYS A 1 90  ? 0.114   -6.047  -1.020  1.00 10.53  ? 90  CYS A N   1 
ATOM   698  C  CA  . CYS A 1 90  ? -1.289  -6.133  -0.697  1.00 8.33   ? 90  CYS A CA  1 
ATOM   699  C  C   . CYS A 1 90  ? -1.629  -6.467  0.724   1.00 9.42   ? 90  CYS A C   1 
ATOM   700  O  O   . CYS A 1 90  ? -0.799  -6.854  1.552   1.00 14.43  ? 90  CYS A O   1 
ATOM   701  C  CB  . CYS A 1 90  ? -2.103  -6.922  -1.728  1.00 17.81  ? 90  CYS A CB  1 
ATOM   702  S  SG  . CYS A 1 90  ? -1.645  -8.673  -1.819  1.00 22.36  ? 90  CYS A SG  1 
ATOM   703  N  N   . MET A 1 91  ? -2.903  -6.284  1.004   1.00 8.31   ? 91  MET A N   1 
ATOM   704  C  CA  . MET A 1 91  ? -3.376  -6.429  2.351   1.00 10.67  ? 91  MET A CA  1 
ATOM   705  C  C   . MET A 1 91  ? -3.734  -7.803  2.839   1.00 13.53  ? 91  MET A C   1 
ATOM   706  O  O   . MET A 1 91  ? -3.493  -8.103  4.018   1.00 17.20  ? 91  MET A O   1 
ATOM   707  C  CB  . MET A 1 91  ? -4.560  -5.457  2.599   1.00 12.16  ? 91  MET A CB  1 
ATOM   708  C  CG  . MET A 1 91  ? -4.196  -4.044  2.158   1.00 13.94  ? 91  MET A CG  1 
ATOM   709  S  SD  . MET A 1 91  ? -2.825  -3.356  3.113   1.00 19.58  ? 91  MET A SD  1 
ATOM   710  C  CE  . MET A 1 91  ? -2.051  -2.255  1.917   1.00 17.16  ? 91  MET A CE  1 
ATOM   711  N  N   . ASP A 1 92  ? -4.438  -8.551  1.998   1.00 15.57  ? 92  ASP A N   1 
ATOM   712  C  CA  . ASP A 1 92  ? -4.934  -9.870  2.366   1.00 17.74  ? 92  ASP A CA  1 
ATOM   713  C  C   . ASP A 1 92  ? -4.788  -10.919 1.266   1.00 19.02  ? 92  ASP A C   1 
ATOM   714  O  O   . ASP A 1 92  ? -4.434  -10.606 0.124   1.00 16.75  ? 92  ASP A O   1 
ATOM   715  C  CB  . ASP A 1 92  ? -6.366  -9.775  2.918   1.00 21.28  ? 92  ASP A CB  1 
ATOM   716  C  CG  . ASP A 1 92  ? -7.369  -9.385  1.842   1.00 22.69  ? 92  ASP A CG  1 
ATOM   717  O  OD1 . ASP A 1 92  ? -7.278  -9.768  0.667   1.00 23.07  ? 92  ASP A OD1 1 
ATOM   718  O  OD2 . ASP A 1 92  ? -8.219  -8.483  2.275   1.00 21.36  ? 92  ASP A OD2 1 
ATOM   719  N  N   . GLU A 1 93  ? -4.967  -12.180 1.671   1.00 23.30  ? 93  GLU A N   1 
ATOM   720  C  CA  . GLU A 1 93  ? -4.704  -13.350 0.813   1.00 25.33  ? 93  GLU A CA  1 
ATOM   721  C  C   . GLU A 1 93  ? -5.592  -13.301 -0.422  1.00 18.65  ? 93  GLU A C   1 
ATOM   722  O  O   . GLU A 1 93  ? -5.228  -13.723 -1.504  1.00 20.28  ? 93  GLU A O   1 
ATOM   723  C  CB  . GLU A 1 93  ? -4.840  -14.644 1.638   1.00 31.78  ? 93  GLU A CB  1 
ATOM   724  C  CG  . GLU A 1 93  ? -6.329  -15.035 1.641   1.00 48.30  ? 93  GLU A CG  1 
ATOM   725  C  CD  . GLU A 1 93  ? -6.955  -15.624 2.890   1.00 56.71  ? 93  GLU A CD  1 
ATOM   726  O  OE1 . GLU A 1 93  ? -6.635  -15.329 4.043   1.00 58.82  ? 93  GLU A OE1 1 
ATOM   727  O  OE2 . GLU A 1 93  ? -7.966  -16.409 2.593   1.00 55.90  ? 93  GLU A OE2 1 
ATOM   728  N  N   . SER A 1 94  ? -6.737  -12.650 -0.274  1.00 18.46  ? 94  SER A N   1 
ATOM   729  C  CA  . SER A 1 94  ? -7.674  -12.441 -1.348  1.00 15.78  ? 94  SER A CA  1 
ATOM   730  C  C   . SER A 1 94  ? -7.088  -11.447 -2.322  1.00 19.50  ? 94  SER A C   1 
ATOM   731  O  O   . SER A 1 94  ? -7.136  -11.659 -3.547  1.00 23.48  ? 94  SER A O   1 
ATOM   732  C  CB  . SER A 1 94  ? -8.982  -11.880 -0.855  1.00 20.11  ? 94  SER A CB  1 
ATOM   733  O  OG  . SER A 1 94  ? -9.688  -12.929 -0.238  1.00 27.74  ? 94  SER A OG  1 
ATOM   734  N  N   . ASN A 1 95  ? -6.558  -10.348 -1.798  1.00 11.76  ? 95  ASN A N   1 
ATOM   735  C  CA  . ASN A 1 95  ? -5.997  -9.417  -2.738  1.00 12.68  ? 95  ASN A CA  1 
ATOM   736  C  C   . ASN A 1 95  ? -4.923  -10.175 -3.479  1.00 12.44  ? 95  ASN A C   1 
ATOM   737  O  O   . ASN A 1 95  ? -4.652  -10.043 -4.679  1.00 16.25  ? 95  ASN A O   1 
ATOM   738  C  CB  . ASN A 1 95  ? -5.298  -8.261  -2.010  1.00 14.72  ? 95  ASN A CB  1 
ATOM   739  C  CG  . ASN A 1 95  ? -6.233  -7.527  -1.114  1.00 17.37  ? 95  ASN A CG  1 
ATOM   740  O  OD1 . ASN A 1 95  ? -5.823  -6.982  -0.075  1.00 21.29  ? 95  ASN A OD1 1 
ATOM   741  N  ND2 . ASN A 1 95  ? -7.478  -7.457  -1.580  1.00 18.76  ? 95  ASN A ND2 1 
ATOM   742  N  N   . LEU A 1 96  ? -4.245  -10.992 -2.706  1.00 17.19  ? 96  LEU A N   1 
ATOM   743  C  CA  . LEU A 1 96  ? -3.120  -11.728 -3.254  1.00 17.49  ? 96  LEU A CA  1 
ATOM   744  C  C   . LEU A 1 96  ? -3.500  -12.718 -4.354  1.00 15.16  ? 96  LEU A C   1 
ATOM   745  O  O   . LEU A 1 96  ? -2.858  -12.806 -5.402  1.00 13.99  ? 96  LEU A O   1 
ATOM   746  C  CB  . LEU A 1 96  ? -2.318  -12.377 -2.129  1.00 21.49  ? 96  LEU A CB  1 
ATOM   747  C  CG  . LEU A 1 96  ? -0.961  -12.889 -2.575  1.00 25.22  ? 96  LEU A CG  1 
ATOM   748  C  CD1 . LEU A 1 96  ? 0.014   -11.718 -2.636  1.00 24.98  ? 96  LEU A CD1 1 
ATOM   749  C  CD2 . LEU A 1 96  ? -0.461  -13.998 -1.647  1.00 22.91  ? 96  LEU A CD2 1 
ATOM   750  N  N   . ARG A 1 97  ? -4.572  -13.466 -4.188  1.00 22.73  ? 97  ARG A N   1 
ATOM   751  C  CA  . ARG A 1 97  ? -4.949  -14.366 -5.275  1.00 27.00  ? 97  ARG A CA  1 
ATOM   752  C  C   . ARG A 1 97  ? -5.463  -13.553 -6.453  1.00 21.72  ? 97  ARG A C   1 
ATOM   753  O  O   . ARG A 1 97  ? -5.201  -13.859 -7.629  1.00 19.50  ? 97  ARG A O   1 
ATOM   754  C  CB  . ARG A 1 97  ? -6.089  -15.292 -4.869  1.00 37.95  ? 97  ARG A CB  1 
ATOM   755  C  CG  . ARG A 1 97  ? -5.811  -16.111 -3.620  1.00 50.55  ? 97  ARG A CG  1 
ATOM   756  C  CD  . ARG A 1 97  ? -7.124  -16.544 -2.984  1.00 59.22  ? 97  ARG A CD  1 
ATOM   757  N  NE  . ARG A 1 97  ? -6.992  -16.925 -1.589  1.00 65.46  ? 97  ARG A NE  1 
ATOM   758  C  CZ  . ARG A 1 97  ? -8.034  -16.894 -0.766  1.00 74.71  ? 97  ARG A CZ  1 
ATOM   759  N  NH1 . ARG A 1 97  ? -9.242  -16.493 -1.162  1.00 75.76  ? 97  ARG A NH1 1 
ATOM   760  N  NH2 . ARG A 1 97  ? -7.853  -17.249 0.504   1.00 79.71  ? 97  ARG A NH2 1 
ATOM   761  N  N   . ASP A 1 98  ? -6.226  -12.498 -6.132  1.00 20.98  ? 98  ASP A N   1 
ATOM   762  C  CA  . ASP A 1 98  ? -6.724  -11.649 -7.203  1.00 20.69  ? 98  ASP A CA  1 
ATOM   763  C  C   . ASP A 1 98  ? -5.590  -11.132 -8.064  1.00 22.57  ? 98  ASP A C   1 
ATOM   764  O  O   . ASP A 1 98  ? -5.555  -11.305 -9.277  1.00 25.42  ? 98  ASP A O   1 
ATOM   765  C  CB  . ASP A 1 98  ? -7.674  -10.519 -6.748  1.00 24.26  ? 98  ASP A CB  1 
ATOM   766  C  CG  . ASP A 1 98  ? -9.050  -11.002 -6.339  1.00 27.30  ? 98  ASP A CG  1 
ATOM   767  O  OD1 . ASP A 1 98  ? -9.603  -11.932 -6.896  1.00 29.43  ? 98  ASP A OD1 1 
ATOM   768  O  OD2 . ASP A 1 98  ? -9.604  -10.367 -5.325  1.00 28.31  ? 98  ASP A OD2 1 
ATOM   769  N  N   . LEU A 1 99  ? -4.559  -10.591 -7.451  1.00 19.21  ? 99  LEU A N   1 
ATOM   770  C  CA  . LEU A 1 99  ? -3.504  -10.076 -8.315  1.00 16.86  ? 99  LEU A CA  1 
ATOM   771  C  C   . LEU A 1 99  ? -2.711  -11.128 -9.069  1.00 18.24  ? 99  LEU A C   1 
ATOM   772  O  O   . LEU A 1 99  ? -2.202  -10.832 -10.141 1.00 22.05  ? 99  LEU A O   1 
ATOM   773  C  CB  . LEU A 1 99  ? -2.579  -9.115  -7.538  1.00 17.25  ? 99  LEU A CB  1 
ATOM   774  C  CG  . LEU A 1 99  ? -3.375  -8.027  -6.825  1.00 22.88  ? 99  LEU A CG  1 
ATOM   775  C  CD1 . LEU A 1 99  ? -2.509  -7.423  -5.722  1.00 24.28  ? 99  LEU A CD1 1 
ATOM   776  C  CD2 . LEU A 1 99  ? -3.779  -6.943  -7.828  1.00 21.36  ? 99  LEU A CD2 1 
ATOM   777  N  N   . ASN A 1 100 ? -2.492  -12.308 -8.498  1.00 15.82  ? 100 ASN A N   1 
ATOM   778  C  CA  . ASN A 1 100 ? -1.691  -13.294 -9.199  1.00 22.93  ? 100 ASN A CA  1 
ATOM   779  C  C   . ASN A 1 100 ? -2.425  -13.764 -10.455 1.00 26.86  ? 100 ASN A C   1 
ATOM   780  O  O   . ASN A 1 100 ? -1.848  -14.192 -11.460 1.00 24.89  ? 100 ASN A O   1 
ATOM   781  C  CB  . ASN A 1 100 ? -1.392  -14.502 -8.291  1.00 27.92  ? 100 ASN A CB  1 
ATOM   782  C  CG  . ASN A 1 100 ? -0.326  -14.244 -7.235  1.00 30.86  ? 100 ASN A CG  1 
ATOM   783  O  OD1 . ASN A 1 100 ? 0.773   -13.789 -7.560  1.00 35.71  ? 100 ASN A OD1 1 
ATOM   784  N  ND2 . ASN A 1 100 ? -0.620  -14.572 -5.978  1.00 32.71  ? 100 ASN A ND2 1 
ATOM   785  N  N   . ARG A 1 101 ? -3.731  -13.605 -10.378 1.00 28.97  ? 101 ARG A N   1 
ATOM   786  C  CA  . ARG A 1 101 ? -4.624  -14.007 -11.433 1.00 33.23  ? 101 ARG A CA  1 
ATOM   787  C  C   . ARG A 1 101 ? -4.486  -13.093 -12.630 1.00 32.33  ? 101 ARG A C   1 
ATOM   788  O  O   . ARG A 1 101 ? -4.406  -13.571 -13.762 1.00 35.35  ? 101 ARG A O   1 
ATOM   789  C  CB  . ARG A 1 101 ? -6.057  -14.004 -10.890 1.00 37.24  ? 101 ARG A CB  1 
ATOM   790  C  CG  . ARG A 1 101 ? -7.046  -14.712 -11.791 1.00 40.53  ? 101 ARG A CG  1 
ATOM   791  C  CD  . ARG A 1 101 ? -8.411  -14.960 -11.163 1.00 44.66  ? 101 ARG A CD  1 
ATOM   792  N  NE  . ARG A 1 101 ? -9.187  -13.764 -10.849 1.00 48.45  ? 101 ARG A NE  1 
ATOM   793  C  CZ  . ARG A 1 101 ? -9.658  -13.434 -9.647  1.00 50.44  ? 101 ARG A CZ  1 
ATOM   794  N  NH1 . ARG A 1 101 ? -9.485  -14.196 -8.569  1.00 49.39  ? 101 ARG A NH1 1 
ATOM   795  N  NH2 . ARG A 1 101 ? -10.385 -12.323 -9.527  1.00 53.23  ? 101 ARG A NH2 1 
ATOM   796  N  N   . LYS A 1 102 ? -4.420  -11.790 -12.356 1.00 29.29  ? 102 LYS A N   1 
ATOM   797  C  CA  . LYS A 1 102 ? -4.310  -10.765 -13.384 1.00 33.91  ? 102 LYS A CA  1 
ATOM   798  C  C   . LYS A 1 102 ? -2.975  -10.755 -14.061 1.00 30.77  ? 102 LYS A C   1 
ATOM   799  O  O   . LYS A 1 102 ? -2.888  -10.725 -15.290 1.00 33.18  ? 102 LYS A O   1 
ATOM   800  C  CB  . LYS A 1 102 ? -4.621  -9.339  -12.912 1.00 41.89  ? 102 LYS A CB  1 
ATOM   801  C  CG  . LYS A 1 102 ? -6.114  -9.035  -12.919 1.00 50.27  ? 102 LYS A CG  1 
ATOM   802  C  CD  . LYS A 1 102 ? -6.480  -7.562  -12.824 1.00 54.52  ? 102 LYS A CD  1 
ATOM   803  C  CE  . LYS A 1 102 ? -6.624  -7.083  -11.396 1.00 58.72  ? 102 LYS A CE  1 
ATOM   804  N  NZ  . LYS A 1 102 ? -7.645  -7.858  -10.679 1.00 61.59  ? 102 LYS A NZ  1 
ATOM   805  N  N   . SER A 1 103 ? -1.964  -10.818 -13.208 1.00 28.43  ? 103 SER A N   1 
ATOM   806  C  CA  . SER A 1 103 ? -0.575  -10.783 -13.606 1.00 30.71  ? 103 SER A CA  1 
ATOM   807  C  C   . SER A 1 103 ? -0.294  -11.826 -14.633 1.00 35.49  ? 103 SER A C   1 
ATOM   808  O  O   . SER A 1 103 ? 0.593   -11.619 -15.449 1.00 36.36  ? 103 SER A O   1 
ATOM   809  C  CB  . SER A 1 103 ? 0.391   -10.937 -12.449 1.00 30.62  ? 103 SER A CB  1 
ATOM   810  O  OG  . SER A 1 103 ? 0.239   -12.228 -11.927 1.00 32.61  ? 103 SER A OG  1 
ATOM   811  N  N   . ASN A 1 104 ? -1.062  -12.907 -14.538 1.00 41.75  ? 104 ASN A N   1 
ATOM   812  C  CA  . ASN A 1 104 ? -0.972  -14.021 -15.456 1.00 48.43  ? 104 ASN A CA  1 
ATOM   813  C  C   . ASN A 1 104 ? -1.270  -13.564 -16.853 1.00 49.30  ? 104 ASN A C   1 
ATOM   814  O  O   . ASN A 1 104 ? -0.635  -13.998 -17.801 1.00 50.28  ? 104 ASN A O   1 
ATOM   815  C  CB  . ASN A 1 104 ? -1.899  -15.196 -15.093 1.00 52.51  ? 104 ASN A CB  1 
ATOM   816  C  CG  . ASN A 1 104 ? -1.376  -16.015 -13.930 1.00 56.96  ? 104 ASN A CG  1 
ATOM   817  O  OD1 . ASN A 1 104 ? -2.147  -16.615 -13.155 1.00 58.53  ? 104 ASN A OD1 1 
ATOM   818  N  ND2 . ASN A 1 104 ? -0.049  -16.067 -13.822 1.00 58.54  ? 104 ASN A ND2 1 
ATOM   819  N  N   . GLN A 1 105 ? -2.218  -12.653 -16.957 1.00 50.95  ? 105 GLN A N   1 
ATOM   820  C  CA  . GLN A 1 105 ? -2.575  -12.145 -18.260 1.00 53.16  ? 105 GLN A CA  1 
ATOM   821  C  C   . GLN A 1 105 ? -1.510  -11.204 -18.776 1.00 47.44  ? 105 GLN A C   1 
ATOM   822  O  O   . GLN A 1 105 ? -1.687  -10.598 -19.823 1.00 45.71  ? 105 GLN A O   1 
ATOM   823  C  CB  . GLN A 1 105 ? -3.936  -11.455 -18.173 1.00 60.29  ? 105 GLN A CB  1 
ATOM   824  C  CG  . GLN A 1 105 ? -4.983  -12.426 -17.603 1.00 66.60  ? 105 GLN A CG  1 
ATOM   825  C  CD  . GLN A 1 105 ? -6.252  -11.720 -17.186 1.00 73.01  ? 105 GLN A CD  1 
ATOM   826  O  OE1 . GLN A 1 105 ? -6.215  -10.512 -16.914 1.00 75.00  ? 105 GLN A OE1 1 
ATOM   827  N  NE2 . GLN A 1 105 ? -7.370  -12.456 -17.159 1.00 75.23  ? 105 GLN A NE2 1 
ATOM   828  N  N   . VAL A 1 106 ? -0.432  -11.095 -17.994 1.00 46.65  ? 106 VAL A N   1 
ATOM   829  C  CA  . VAL A 1 106 ? 0.707   -10.224 -18.251 1.00 48.24  ? 106 VAL A CA  1 
ATOM   830  C  C   . VAL A 1 106 ? 1.898   -11.034 -18.705 1.00 54.34  ? 106 VAL A C   1 
ATOM   831  O  O   . VAL A 1 106 ? 2.296   -11.979 -18.028 1.00 56.36  ? 106 VAL A O   1 
ATOM   832  C  CB  . VAL A 1 106 ? 1.097   -9.401  -17.019 1.00 46.44  ? 106 VAL A CB  1 
ATOM   833  C  CG1 . VAL A 1 106 ? 2.295   -8.524  -17.352 1.00 45.05  ? 106 VAL A CG1 1 
ATOM   834  C  CG2 . VAL A 1 106 ? -0.072  -8.552  -16.509 1.00 44.32  ? 106 VAL A CG2 1 
ATOM   835  N  N   . LYS A 1 107 ? 2.469   -10.648 -19.848 1.00 58.87  ? 107 LYS A N   1 
ATOM   836  C  CA  . LYS A 1 107 ? 3.578   -11.359 -20.455 1.00 60.49  ? 107 LYS A CA  1 
ATOM   837  C  C   . LYS A 1 107 ? 4.895   -11.175 -19.723 1.00 56.04  ? 107 LYS A C   1 
ATOM   838  O  O   . LYS A 1 107 ? 5.493   -12.130 -19.230 1.00 56.93  ? 107 LYS A O   1 
ATOM   839  C  CB  . LYS A 1 107 ? 3.709   -10.990 -21.928 1.00 66.08  ? 107 LYS A CB  1 
ATOM   840  C  CG  . LYS A 1 107 ? 4.790   -11.746 -22.690 1.00 73.98  ? 107 LYS A CG  1 
ATOM   841  C  CD  . LYS A 1 107 ? 4.772   -11.450 -24.191 1.00 80.67  ? 107 LYS A CD  1 
ATOM   842  C  CE  . LYS A 1 107 ? 5.689   -12.304 -25.070 1.00 84.86  ? 107 LYS A CE  1 
ATOM   843  N  NZ  . LYS A 1 107 ? 7.130   -11.994 -25.021 1.00 87.61  ? 107 LYS A NZ  1 
ATOM   844  N  N   . ASN A 1 108 ? 5.347   -9.940  -19.633 1.00 49.71  ? 108 ASN A N   1 
ATOM   845  C  CA  . ASN A 1 108 ? 6.622   -9.745  -19.012 1.00 51.24  ? 108 ASN A CA  1 
ATOM   846  C  C   . ASN A 1 108 ? 6.397   -9.126  -17.672 1.00 50.11  ? 108 ASN A C   1 
ATOM   847  O  O   . ASN A 1 108 ? 6.851   -8.007  -17.456 1.00 49.99  ? 108 ASN A O   1 
ATOM   848  C  CB  . ASN A 1 108 ? 7.367   -8.697  -19.843 1.00 57.33  ? 108 ASN A CB  1 
ATOM   849  C  CG  . ASN A 1 108 ? 6.524   -8.355  -21.051 1.00 61.92  ? 108 ASN A CG  1 
ATOM   850  O  OD1 . ASN A 1 108 ? 5.329   -8.061  -20.847 1.00 64.15  ? 108 ASN A OD1 1 
ATOM   851  N  ND2 . ASN A 1 108 ? 7.087   -8.463  -22.266 1.00 61.48  ? 108 ASN A ND2 1 
ATOM   852  N  N   . CYS A 1 109 ? 5.734   -9.880  -16.802 1.00 49.21  ? 109 CYS A N   1 
ATOM   853  C  CA  . CYS A 1 109 ? 5.457   -9.430  -15.449 1.00 44.72  ? 109 CYS A CA  1 
ATOM   854  C  C   . CYS A 1 109 ? 6.754   -9.293  -14.621 1.00 44.10  ? 109 CYS A C   1 
ATOM   855  O  O   . CYS A 1 109 ? 7.499   -10.244 -14.348 1.00 51.28  ? 109 CYS A O   1 
ATOM   856  C  CB  . CYS A 1 109 ? 4.381   -10.312 -14.781 1.00 41.50  ? 109 CYS A CB  1 
ATOM   857  S  SG  . CYS A 1 109 ? 4.003   -9.779  -13.105 1.00 41.83  ? 109 CYS A SG  1 
ATOM   858  N  N   . ARG A 1 110 ? 7.075   -8.072  -14.226 1.00 32.99  ? 110 ARG A N   1 
ATOM   859  C  CA  . ARG A 1 110 ? 8.310   -7.861  -13.523 1.00 28.78  ? 110 ARG A CA  1 
ATOM   860  C  C   . ARG A 1 110 ? 8.121   -7.434  -12.082 1.00 28.19  ? 110 ARG A C   1 
ATOM   861  O  O   . ARG A 1 110 ? 9.061   -7.145  -11.374 1.00 29.90  ? 110 ARG A O   1 
ATOM   862  C  CB  . ARG A 1 110 ? 9.193   -6.907  -14.311 1.00 33.45  ? 110 ARG A CB  1 
ATOM   863  C  CG  . ARG A 1 110 ? 8.967   -5.428  -14.036 1.00 36.61  ? 110 ARG A CG  1 
ATOM   864  C  CD  . ARG A 1 110 ? 9.800   -4.970  -12.855 1.00 42.37  ? 110 ARG A CD  1 
ATOM   865  N  NE  . ARG A 1 110 ? 9.560   -3.605  -12.420 1.00 45.25  ? 110 ARG A NE  1 
ATOM   866  C  CZ  . ARG A 1 110 ? 9.951   -2.548  -13.113 1.00 44.69  ? 110 ARG A CZ  1 
ATOM   867  N  NH1 . ARG A 1 110 ? 10.542  -2.670  -14.301 1.00 45.76  ? 110 ARG A NH1 1 
ATOM   868  N  NH2 . ARG A 1 110 ? 9.722   -1.340  -12.604 1.00 42.46  ? 110 ARG A NH2 1 
ATOM   869  N  N   . ALA A 1 111 ? 6.885   -7.363  -11.617 1.00 25.75  ? 111 ALA A N   1 
ATOM   870  C  CA  . ALA A 1 111 ? 6.665   -6.994  -10.236 1.00 22.67  ? 111 ALA A CA  1 
ATOM   871  C  C   . ALA A 1 111 ? 6.653   -8.185  -9.305  1.00 19.42  ? 111 ALA A C   1 
ATOM   872  O  O   . ALA A 1 111 ? 6.096   -9.217  -9.651  1.00 18.48  ? 111 ALA A O   1 
ATOM   873  C  CB  . ALA A 1 111 ? 5.330   -6.295  -10.000 1.00 19.25  ? 111 ALA A CB  1 
ATOM   874  N  N   . LYS A 1 112 ? 7.198   -7.990  -8.105  1.00 13.09  ? 112 LYS A N   1 
ATOM   875  C  CA  . LYS A 1 112 ? 7.113   -9.032  -7.123  1.00 9.43   ? 112 LYS A CA  1 
ATOM   876  C  C   . LYS A 1 112 ? 5.868   -8.711  -6.314  1.00 14.32  ? 112 LYS A C   1 
ATOM   877  O  O   . LYS A 1 112 ? 5.715   -7.575  -5.885  1.00 17.49  ? 112 LYS A O   1 
ATOM   878  C  CB  . LYS A 1 112 ? 8.299   -9.032  -6.196  1.00 12.87  ? 112 LYS A CB  1 
ATOM   879  C  CG  . LYS A 1 112 ? 8.181   -10.157 -5.195  1.00 17.79  ? 112 LYS A CG  1 
ATOM   880  C  CD  . LYS A 1 112 ? 9.333   -10.157 -4.202  1.00 27.65  ? 112 LYS A CD  1 
ATOM   881  C  CE  . LYS A 1 112 ? 9.243   -11.291 -3.188  1.00 32.20  ? 112 LYS A CE  1 
ATOM   882  N  NZ  . LYS A 1 112 ? 10.184  -11.102 -2.067  1.00 33.87  ? 112 LYS A NZ  1 
ATOM   883  N  N   . ILE A 1 113 ? 4.966   -9.673  -6.144  1.00 9.00   ? 113 ILE A N   1 
ATOM   884  C  CA  . ILE A 1 113 ? 3.734   -9.405  -5.477  1.00 10.24  ? 113 ILE A CA  1 
ATOM   885  C  C   . ILE A 1 113 ? 3.681   -10.157 -4.161  1.00 15.71  ? 113 ILE A C   1 
ATOM   886  O  O   . ILE A 1 113 ? 3.763   -11.389 -4.140  1.00 18.93  ? 113 ILE A O   1 
ATOM   887  C  CB  . ILE A 1 113 ? 2.601   -9.953  -6.350  1.00 13.12  ? 113 ILE A CB  1 
ATOM   888  C  CG1 . ILE A 1 113 ? 2.691   -9.379  -7.761  1.00 15.49  ? 113 ILE A CG1 1 
ATOM   889  C  CG2 . ILE A 1 113 ? 1.228   -9.715  -5.705  1.00 14.45  ? 113 ILE A CG2 1 
ATOM   890  C  CD1 . ILE A 1 113 ? 1.806   -10.139 -8.759  1.00 19.71  ? 113 ILE A CD1 1 
ATOM   891  N  N   . GLU A 1 114 ? 3.507   -9.415  -3.071  1.00 12.14  ? 114 GLU A N   1 
ATOM   892  C  CA  . GLU A 1 114 ? 3.430   -10.027 -1.789  1.00 13.60  ? 114 GLU A CA  1 
ATOM   893  C  C   . GLU A 1 114 ? 2.538   -9.325  -0.816  1.00 15.38  ? 114 GLU A C   1 
ATOM   894  O  O   . GLU A 1 114 ? 2.039   -8.218  -1.097  1.00 12.77  ? 114 GLU A O   1 
ATOM   895  C  CB  . GLU A 1 114 ? 4.842   -10.304 -1.237  1.00 21.70  ? 114 GLU A CB  1 
ATOM   896  C  CG  . GLU A 1 114 ? 5.842   -9.248  -1.678  1.00 23.03  ? 114 GLU A CG  1 
ATOM   897  C  CD  . GLU A 1 114 ? 7.205   -9.511  -1.088  1.00 30.46  ? 114 GLU A CD  1 
ATOM   898  O  OE1 . GLU A 1 114 ? 7.536   -10.583 -0.596  1.00 32.12  ? 114 GLU A OE1 1 
ATOM   899  O  OE2 . GLU A 1 114 ? 7.956   -8.444  -1.074  1.00 30.12  ? 114 GLU A OE2 1 
ATOM   900  N  N   . LEU A 1 115 ? 2.293   -10.067 0.274   1.00 11.32  ? 115 LEU A N   1 
ATOM   901  C  CA  . LEU A 1 115 ? 1.548   -9.537  1.363   1.00 13.36  ? 115 LEU A CA  1 
ATOM   902  C  C   . LEU A 1 115 ? 2.493   -8.635  2.095   1.00 14.87  ? 115 LEU A C   1 
ATOM   903  O  O   . LEU A 1 115 ? 3.607   -9.039  2.477   1.00 12.17  ? 115 LEU A O   1 
ATOM   904  C  CB  . LEU A 1 115 ? 1.110   -10.585 2.383   1.00 16.03  ? 115 LEU A CB  1 
ATOM   905  C  CG  . LEU A 1 115 ? -0.042  -11.459 1.900   1.00 21.91  ? 115 LEU A CG  1 
ATOM   906  C  CD1 . LEU A 1 115 ? -0.236  -12.507 2.995   1.00 21.30  ? 115 LEU A CD1 1 
ATOM   907  C  CD2 . LEU A 1 115 ? -1.345  -10.661 1.695   1.00 20.02  ? 115 LEU A CD2 1 
ATOM   908  N  N   . LEU A 1 116 ? 1.972   -7.442  2.340   1.00 11.01  ? 116 LEU A N   1 
ATOM   909  C  CA  . LEU A 1 116 ? 2.718   -6.459  3.078   1.00 13.15  ? 116 LEU A CA  1 
ATOM   910  C  C   . LEU A 1 116 ? 2.990   -7.045  4.458   1.00 15.56  ? 116 LEU A C   1 
ATOM   911  O  O   . LEU A 1 116 ? 4.073   -6.904  5.034   1.00 16.29  ? 116 LEU A O   1 
ATOM   912  C  CB  . LEU A 1 116 ? 1.877   -5.146  3.178   1.00 12.56  ? 116 LEU A CB  1 
ATOM   913  C  CG  . LEU A 1 116 ? 2.367   -4.107  4.198   1.00 8.90   ? 116 LEU A CG  1 
ATOM   914  C  CD1 . LEU A 1 116 ? 3.752   -3.604  3.799   1.00 5.88   ? 116 LEU A CD1 1 
ATOM   915  C  CD2 . LEU A 1 116 ? 1.370   -2.942  4.294   1.00 11.43  ? 116 LEU A CD2 1 
ATOM   916  N  N   . GLY A 1 117 ? 1.977   -7.703  5.014   1.00 14.64  ? 117 GLY A N   1 
ATOM   917  C  CA  . GLY A 1 117 ? 2.133   -8.277  6.348   1.00 14.64  ? 117 GLY A CA  1 
ATOM   918  C  C   . GLY A 1 117 ? 3.254   -9.322  6.345   1.00 17.31  ? 117 GLY A C   1 
ATOM   919  O  O   . GLY A 1 117 ? 3.770   -9.727  7.380   1.00 22.75  ? 117 GLY A O   1 
ATOM   920  N  N   . SER A 1 118 ? 3.730   -9.720  5.175   1.00 13.76  ? 118 SER A N   1 
ATOM   921  C  CA  . SER A 1 118 ? 4.787   -10.705 5.240   1.00 18.55  ? 118 SER A CA  1 
ATOM   922  C  C   . SER A 1 118 ? 6.036   -10.057 5.811   1.00 19.91  ? 118 SER A C   1 
ATOM   923  O  O   . SER A 1 118 ? 7.016   -10.701 6.169   1.00 23.92  ? 118 SER A O   1 
ATOM   924  C  CB  . SER A 1 118 ? 5.023   -11.404 3.909   1.00 15.08  ? 118 SER A CB  1 
ATOM   925  O  OG  . SER A 1 118 ? 5.838   -10.541 3.169   1.00 20.53  ? 118 SER A OG  1 
ATOM   926  N  N   . TYR A 1 119 ? 6.003   -8.747  5.935   1.00 19.24  ? 119 TYR A N   1 
ATOM   927  C  CA  . TYR A 1 119 ? 7.140   -8.010  6.463   1.00 14.92  ? 119 TYR A CA  1 
ATOM   928  C  C   . TYR A 1 119 ? 7.059   -7.653  7.931   1.00 16.05  ? 119 TYR A C   1 
ATOM   929  O  O   . TYR A 1 119 ? 7.971   -7.044  8.503   1.00 17.46  ? 119 TYR A O   1 
ATOM   930  C  CB  . TYR A 1 119 ? 7.278   -6.698  5.706   1.00 13.51  ? 119 TYR A CB  1 
ATOM   931  C  CG  . TYR A 1 119 ? 7.835   -7.019  4.368   1.00 14.86  ? 119 TYR A CG  1 
ATOM   932  C  CD1 . TYR A 1 119 ? 6.982   -7.281  3.296   1.00 10.56  ? 119 TYR A CD1 1 
ATOM   933  C  CD2 . TYR A 1 119 ? 9.220   -7.124  4.213   1.00 16.51  ? 119 TYR A CD2 1 
ATOM   934  C  CE1 . TYR A 1 119 ? 7.516   -7.592  2.050   1.00 11.82  ? 119 TYR A CE1 1 
ATOM   935  C  CE2 . TYR A 1 119 ? 9.761   -7.395  2.954   1.00 17.44  ? 119 TYR A CE2 1 
ATOM   936  C  CZ  . TYR A 1 119 ? 8.901   -7.635  1.882   1.00 12.93  ? 119 TYR A CZ  1 
ATOM   937  O  OH  . TYR A 1 119 ? 9.430   -7.908  0.650   1.00 11.94  ? 119 TYR A OH  1 
ATOM   938  N  N   . ASP A 1 120 ? 5.928   -7.988  8.500   1.00 17.55  ? 120 ASP A N   1 
ATOM   939  C  CA  . ASP A 1 120 ? 5.679   -7.659  9.878   1.00 20.34  ? 120 ASP A CA  1 
ATOM   940  C  C   . ASP A 1 120 ? 6.541   -8.454  10.819  1.00 23.58  ? 120 ASP A C   1 
ATOM   941  O  O   . ASP A 1 120 ? 6.320   -9.644  10.917  1.00 28.73  ? 120 ASP A O   1 
ATOM   942  C  CB  . ASP A 1 120 ? 4.214   -7.887  10.302  1.00 10.75  ? 120 ASP A CB  1 
ATOM   943  C  CG  . ASP A 1 120 ? 3.944   -7.402  11.701  1.00 12.98  ? 120 ASP A CG  1 
ATOM   944  O  OD1 . ASP A 1 120 ? 4.727   -6.766  12.388  1.00 18.84  ? 120 ASP A OD1 1 
ATOM   945  O  OD2 . ASP A 1 120 ? 2.758   -7.730  12.130  1.00 16.05  ? 120 ASP A OD2 1 
ATOM   946  N  N   . PRO A 1 121 ? 7.336   -7.748  11.640  1.00 27.08  ? 121 PRO A N   1 
ATOM   947  C  CA  . PRO A 1 121 ? 8.166   -8.360  12.669  1.00 25.38  ? 121 PRO A CA  1 
ATOM   948  C  C   . PRO A 1 121 ? 7.302   -9.018  13.735  1.00 26.37  ? 121 PRO A C   1 
ATOM   949  O  O   . PRO A 1 121 ? 7.740   -9.924  14.439  1.00 29.76  ? 121 PRO A O   1 
ATOM   950  C  CB  . PRO A 1 121 ? 8.984   -7.231  13.290  1.00 25.29  ? 121 PRO A CB  1 
ATOM   951  C  CG  . PRO A 1 121 ? 8.561   -5.942  12.613  1.00 23.59  ? 121 PRO A CG  1 
ATOM   952  C  CD  . PRO A 1 121 ? 7.395   -6.257  11.704  1.00 22.88  ? 121 PRO A CD  1 
ATOM   953  N  N   . GLN A 1 122 ? 6.042   -8.590  13.834  1.00 24.06  ? 122 GLN A N   1 
ATOM   954  C  CA  . GLN A 1 122 ? 5.137   -9.212  14.773  1.00 24.38  ? 122 GLN A CA  1 
ATOM   955  C  C   . GLN A 1 122 ? 4.388   -10.367 14.156  1.00 25.62  ? 122 GLN A C   1 
ATOM   956  O  O   . GLN A 1 122 ? 3.560   -10.967 14.842  1.00 18.90  ? 122 GLN A O   1 
ATOM   957  C  CB  . GLN A 1 122 ? 4.168   -8.272  15.472  1.00 28.36  ? 122 GLN A CB  1 
ATOM   958  C  CG  . GLN A 1 122 ? 4.954   -7.264  16.326  1.00 36.76  ? 122 GLN A CG  1 
ATOM   959  C  CD  . GLN A 1 122 ? 4.058   -6.387  17.177  1.00 43.16  ? 122 GLN A CD  1 
ATOM   960  O  OE1 . GLN A 1 122 ? 4.525   -5.779  18.146  1.00 46.88  ? 122 GLN A OE1 1 
ATOM   961  N  NE2 . GLN A 1 122 ? 2.767   -6.353  16.850  1.00 45.72  ? 122 GLN A NE2 1 
ATOM   962  N  N   . LYS A 1 123 ? 4.619   -10.614 12.846  1.00 27.03  ? 123 LYS A N   1 
ATOM   963  C  CA  . LYS A 1 123 ? 3.979   -11.764 12.239  1.00 31.51  ? 123 LYS A CA  1 
ATOM   964  C  C   . LYS A 1 123 ? 2.458   -11.674 12.001  1.00 31.21  ? 123 LYS A C   1 
ATOM   965  O  O   . LYS A 1 123 ? 1.819   -12.668 11.679  1.00 29.95  ? 123 LYS A O   1 
ATOM   966  C  CB  . LYS A 1 123 ? 4.295   -12.952 13.131  1.00 33.11  ? 123 LYS A CB  1 
ATOM   967  C  CG  . LYS A 1 123 ? 5.775   -13.071 13.500  1.00 37.65  ? 123 LYS A CG  1 
ATOM   968  C  CD  . LYS A 1 123 ? 6.568   -13.959 12.566  1.00 42.94  ? 123 LYS A CD  1 
ATOM   969  C  CE  . LYS A 1 123 ? 8.008   -14.159 13.006  1.00 51.12  ? 123 LYS A CE  1 
ATOM   970  N  NZ  . LYS A 1 123 ? 8.847   -12.991 12.704  1.00 54.53  ? 123 LYS A NZ  1 
ATOM   971  N  N   . GLN A 1 124 ? 1.799   -10.537 12.170  1.00 31.31  ? 124 GLN A N   1 
ATOM   972  C  CA  . GLN A 1 124 ? 0.361   -10.495 11.873  1.00 28.99  ? 124 GLN A CA  1 
ATOM   973  C  C   . GLN A 1 124 ? 0.181   -10.454 10.365  1.00 24.59  ? 124 GLN A C   1 
ATOM   974  O  O   . GLN A 1 124 ? 0.172   -9.412  9.713   1.00 29.24  ? 124 GLN A O   1 
ATOM   975  C  CB  . GLN A 1 124 ? -0.216  -9.240  12.516  1.00 33.05  ? 124 GLN A CB  1 
ATOM   976  C  CG  . GLN A 1 124 ? 0.422   -9.072  13.902  1.00 44.06  ? 124 GLN A CG  1 
ATOM   977  C  CD  . GLN A 1 124 ? -0.453  -8.262  14.833  1.00 54.47  ? 124 GLN A CD  1 
ATOM   978  O  OE1 . GLN A 1 124 ? -0.188  -8.181  16.051  1.00 58.57  ? 124 GLN A OE1 1 
ATOM   979  N  NE2 . GLN A 1 124 ? -1.532  -7.712  14.265  1.00 56.02  ? 124 GLN A NE2 1 
ATOM   980  N  N   . LEU A 1 125 ? 0.127   -11.610 9.760   1.00 18.08  ? 125 LEU A N   1 
ATOM   981  C  CA  . LEU A 1 125 ? 0.152   -11.610 8.321   1.00 20.04  ? 125 LEU A CA  1 
ATOM   982  C  C   . LEU A 1 125 ? -0.868  -10.783 7.608   1.00 16.35  ? 125 LEU A C   1 
ATOM   983  O  O   . LEU A 1 125 ? -0.605  -10.304 6.505   1.00 17.88  ? 125 LEU A O   1 
ATOM   984  C  CB  . LEU A 1 125 ? 0.038   -12.996 7.680   1.00 24.45  ? 125 LEU A CB  1 
ATOM   985  C  CG  . LEU A 1 125 ? 1.328   -13.751 7.493   1.00 30.92  ? 125 LEU A CG  1 
ATOM   986  C  CD1 . LEU A 1 125 ? 0.952   -15.000 6.702   1.00 32.75  ? 125 LEU A CD1 1 
ATOM   987  C  CD2 . LEU A 1 125 ? 2.327   -12.885 6.733   1.00 32.40  ? 125 LEU A CD2 1 
ATOM   988  N  N   . ILE A 1 126 ? -2.058  -10.854 8.129   1.00 14.41  ? 126 ILE A N   1 
ATOM   989  C  CA  . ILE A 1 126 ? -3.108  -10.145 7.458   1.00 19.33  ? 126 ILE A CA  1 
ATOM   990  C  C   . ILE A 1 126 ? -3.507  -8.770  7.930   1.00 16.45  ? 126 ILE A C   1 
ATOM   991  O  O   . ILE A 1 126 ? -3.677  -8.530  9.111   1.00 14.85  ? 126 ILE A O   1 
ATOM   992  C  CB  . ILE A 1 126 ? -4.233  -10.962 6.845   1.00 24.41  ? 126 ILE A CB  1 
ATOM   993  C  CG1 . ILE A 1 126 ? -5.496  -10.190 7.083   1.00 24.57  ? 126 ILE A CG1 1 
ATOM   994  C  CG2 . ILE A 1 126 ? -4.308  -12.396 7.341   1.00 26.22  ? 126 ILE A CG2 1 
ATOM   995  C  CD1 . ILE A 1 126 ? -6.550  -10.569 6.081   1.00 33.18  ? 126 ILE A CD1 1 
ATOM   996  N  N   . ILE A 1 127 ? -3.738  -7.883  6.975   1.00 22.17  ? 127 ILE A N   1 
ATOM   997  C  CA  . ILE A 1 127 ? -4.230  -6.541  7.318   1.00 21.26  ? 127 ILE A CA  1 
ATOM   998  C  C   . ILE A 1 127 ? -5.736  -6.503  7.067   1.00 13.64  ? 127 ILE A C   1 
ATOM   999  O  O   . ILE A 1 127 ? -6.196  -6.505  5.932   1.00 13.15  ? 127 ILE A O   1 
ATOM   1000 C  CB  . ILE A 1 127 ? -3.413  -5.408  6.664   1.00 22.12  ? 127 ILE A CB  1 
ATOM   1001 C  CG1 . ILE A 1 127 ? -1.928  -5.488  7.034   1.00 20.81  ? 127 ILE A CG1 1 
ATOM   1002 C  CG2 . ILE A 1 127 ? -3.961  -4.043  7.074   1.00 20.79  ? 127 ILE A CG2 1 
ATOM   1003 C  CD1 . ILE A 1 127 ? -1.099  -4.395  6.377   1.00 17.53  ? 127 ILE A CD1 1 
ATOM   1004 N  N   . GLU A 1 128 ? -6.495  -6.556  8.143   1.00 12.67  ? 128 GLU A N   1 
ATOM   1005 C  CA  . GLU A 1 128 ? -7.933  -6.651  8.088   1.00 18.59  ? 128 GLU A CA  1 
ATOM   1006 C  C   . GLU A 1 128 ? -8.675  -5.418  7.566   1.00 22.46  ? 128 GLU A C   1 
ATOM   1007 O  O   . GLU A 1 128 ? -8.326  -4.249  7.800   1.00 15.94  ? 128 GLU A O   1 
ATOM   1008 C  CB  . GLU A 1 128 ? -8.463  -6.978  9.505   1.00 13.26  ? 128 GLU A CB  1 
ATOM   1009 C  CG  . GLU A 1 128 ? -7.686  -8.136  10.155  1.00 17.11  ? 128 GLU A CG  1 
ATOM   1010 C  CD  . GLU A 1 128 ? -8.153  -9.449  9.605   1.00 22.75  ? 128 GLU A CD  1 
ATOM   1011 O  OE1 . GLU A 1 128 ? -9.199  -9.543  9.000   1.00 27.78  ? 128 GLU A OE1 1 
ATOM   1012 O  OE2 . GLU A 1 128 ? -7.344  -10.460 9.841   1.00 23.31  ? 128 GLU A OE2 1 
ATOM   1013 N  N   . ASP A 1 129 ? -9.769  -5.723  6.887   1.00 22.08  ? 129 ASP A N   1 
ATOM   1014 C  CA  . ASP A 1 129 ? -10.571 -4.648  6.357   1.00 24.31  ? 129 ASP A CA  1 
ATOM   1015 C  C   . ASP A 1 129 ? -11.220 -3.932  7.524   1.00 24.95  ? 129 ASP A C   1 
ATOM   1016 O  O   . ASP A 1 129 ? -11.917 -4.545  8.326   1.00 29.84  ? 129 ASP A O   1 
ATOM   1017 C  CB  . ASP A 1 129 ? -11.608 -5.137  5.326   1.00 23.58  ? 129 ASP A CB  1 
ATOM   1018 C  CG  . ASP A 1 129 ? -12.447 -4.031  4.728   1.00 24.41  ? 129 ASP A CG  1 
ATOM   1019 O  OD1 . ASP A 1 129 ? -13.082 -4.206  3.720   1.00 27.20  ? 129 ASP A OD1 1 
ATOM   1020 O  OD2 . ASP A 1 129 ? -12.414 -2.866  5.340   1.00 23.75  ? 129 ASP A OD2 1 
ATOM   1021 N  N   . PRO A 1 130 ? -10.969 -2.635  7.651   1.00 18.83  ? 130 PRO A N   1 
ATOM   1022 C  CA  . PRO A 1 130 ? -11.541 -1.948  8.777   1.00 21.55  ? 130 PRO A CA  1 
ATOM   1023 C  C   . PRO A 1 130 ? -12.858 -1.232  8.429   1.00 22.32  ? 130 PRO A C   1 
ATOM   1024 O  O   . PRO A 1 130 ? -13.399 -0.463  9.234   1.00 16.36  ? 130 PRO A O   1 
ATOM   1025 C  CB  . PRO A 1 130 ? -10.466 -0.904  9.129   1.00 15.55  ? 130 PRO A CB  1 
ATOM   1026 C  CG  . PRO A 1 130 ? -9.780  -0.572  7.811   1.00 12.21  ? 130 PRO A CG  1 
ATOM   1027 C  CD  . PRO A 1 130 ? -10.132 -1.696  6.854   1.00 12.96  ? 130 PRO A CD  1 
ATOM   1028 N  N   . TYR A 1 131 ? -13.349 -1.436  7.205   1.00 25.25  ? 131 TYR A N   1 
ATOM   1029 C  CA  . TYR A 1 131 ? -14.531 -0.718  6.740   1.00 25.96  ? 131 TYR A CA  1 
ATOM   1030 C  C   . TYR A 1 131 ? -15.682 -0.655  7.723   1.00 31.27  ? 131 TYR A C   1 
ATOM   1031 O  O   . TYR A 1 131 ? -16.148 0.422   8.104   1.00 33.65  ? 131 TYR A O   1 
ATOM   1032 C  CB  . TYR A 1 131 ? -15.019 -1.207  5.364   1.00 27.66  ? 131 TYR A CB  1 
ATOM   1033 C  CG  . TYR A 1 131 ? -16.133 -0.324  4.857   1.00 30.44  ? 131 TYR A CG  1 
ATOM   1034 C  CD1 . TYR A 1 131 ? -15.844 0.895   4.247   1.00 34.11  ? 131 TYR A CD1 1 
ATOM   1035 C  CD2 . TYR A 1 131 ? -17.471 -0.678  5.028   1.00 35.87  ? 131 TYR A CD2 1 
ATOM   1036 C  CE1 . TYR A 1 131 ? -16.858 1.738   3.790   1.00 40.24  ? 131 TYR A CE1 1 
ATOM   1037 C  CE2 . TYR A 1 131 ? -18.499 0.163   4.599   1.00 40.63  ? 131 TYR A CE2 1 
ATOM   1038 C  CZ  . TYR A 1 131 ? -18.194 1.374   3.974   1.00 44.57  ? 131 TYR A CZ  1 
ATOM   1039 O  OH  . TYR A 1 131 ? -19.201 2.225   3.581   1.00 49.22  ? 131 TYR A OH  1 
ATOM   1040 N  N   . TYR A 1 132 ? -16.120 -1.821  8.164   1.00 27.97  ? 132 TYR A N   1 
ATOM   1041 C  CA  . TYR A 1 132 ? -17.214 -1.871  9.111   1.00 27.69  ? 132 TYR A CA  1 
ATOM   1042 C  C   . TYR A 1 132 ? -16.780 -1.706  10.554  1.00 26.84  ? 132 TYR A C   1 
ATOM   1043 O  O   . TYR A 1 132 ? -17.576 -1.923  11.467  1.00 27.67  ? 132 TYR A O   1 
ATOM   1044 C  CB  . TYR A 1 132 ? -18.074 -3.128  8.934   1.00 27.87  ? 132 TYR A CB  1 
ATOM   1045 C  CG  . TYR A 1 132 ? -18.727 -3.231  7.567   1.00 24.80  ? 132 TYR A CG  1 
ATOM   1046 C  CD1 . TYR A 1 132 ? -18.230 -4.092  6.591   1.00 18.47  ? 132 TYR A CD1 1 
ATOM   1047 C  CD2 . TYR A 1 132 ? -19.818 -2.422  7.245   1.00 25.46  ? 132 TYR A CD2 1 
ATOM   1048 C  CE1 . TYR A 1 132 ? -18.854 -4.204  5.349   1.00 20.84  ? 132 TYR A CE1 1 
ATOM   1049 C  CE2 . TYR A 1 132 ? -20.466 -2.520  6.011   1.00 25.15  ? 132 TYR A CE2 1 
ATOM   1050 C  CZ  . TYR A 1 132 ? -19.970 -3.416  5.067   1.00 25.52  ? 132 TYR A CZ  1 
ATOM   1051 O  OH  . TYR A 1 132 ? -20.601 -3.519  3.867   1.00 33.97  ? 132 TYR A OH  1 
ATOM   1052 N  N   . GLY A 1 133 ? -15.528 -1.338  10.773  1.00 22.38  ? 133 GLY A N   1 
ATOM   1053 C  CA  . GLY A 1 133 ? -15.062 -1.193  12.135  1.00 21.77  ? 133 GLY A CA  1 
ATOM   1054 C  C   . GLY A 1 133 ? -15.203 0.226   12.632  1.00 25.42  ? 133 GLY A C   1 
ATOM   1055 O  O   . GLY A 1 133 ? -15.988 1.008   12.110  1.00 28.01  ? 133 GLY A O   1 
ATOM   1056 N  N   . ASN A 1 134 ? -14.477 0.524   13.698  1.00 24.70  ? 134 ASN A N   1 
ATOM   1057 C  CA  . ASN A 1 134 ? -14.415 1.843   14.291  1.00 27.12  ? 134 ASN A CA  1 
ATOM   1058 C  C   . ASN A 1 134 ? -13.017 2.505   14.212  1.00 25.69  ? 134 ASN A C   1 
ATOM   1059 O  O   . ASN A 1 134 ? -12.041 1.979   13.671  1.00 24.93  ? 134 ASN A O   1 
ATOM   1060 C  CB  . ASN A 1 134 ? -15.007 1.851   15.711  1.00 31.42  ? 134 ASN A CB  1 
ATOM   1061 C  CG  . ASN A 1 134 ? -14.424 0.806   16.639  1.00 37.55  ? 134 ASN A CG  1 
ATOM   1062 O  OD1 . ASN A 1 134 ? -13.309 0.325   16.389  1.00 40.49  ? 134 ASN A OD1 1 
ATOM   1063 N  ND2 . ASN A 1 134 ? -15.149 0.483   17.727  1.00 39.37  ? 134 ASN A ND2 1 
ATOM   1064 N  N   . ASP A 1 135 ? -12.914 3.670   14.810  1.00 19.49  ? 135 ASP A N   1 
ATOM   1065 C  CA  . ASP A 1 135 ? -11.653 4.390   14.803  1.00 29.22  ? 135 ASP A CA  1 
ATOM   1066 C  C   . ASP A 1 135 ? -10.486 3.581   15.338  1.00 33.51  ? 135 ASP A C   1 
ATOM   1067 O  O   . ASP A 1 135 ? -9.363  3.771   14.864  1.00 30.93  ? 135 ASP A O   1 
ATOM   1068 C  CB  . ASP A 1 135 ? -11.719 5.754   15.485  1.00 33.89  ? 135 ASP A CB  1 
ATOM   1069 C  CG  . ASP A 1 135 ? -12.669 6.622   14.732  1.00 43.07  ? 135 ASP A CG  1 
ATOM   1070 O  OD1 . ASP A 1 135 ? -12.481 7.012   13.597  1.00 46.10  ? 135 ASP A OD1 1 
ATOM   1071 O  OD2 . ASP A 1 135 ? -13.801 6.725   15.350  1.00 48.83  ? 135 ASP A OD2 1 
ATOM   1072 N  N   . ALA A 1 136 ? -10.733 2.655   16.262  1.00 34.94  ? 136 ALA A N   1 
ATOM   1073 C  CA  . ALA A 1 136 ? -9.673  1.805   16.793  1.00 35.27  ? 136 ALA A CA  1 
ATOM   1074 C  C   . ALA A 1 136 ? -9.113  0.790   15.793  1.00 32.63  ? 136 ALA A C   1 
ATOM   1075 O  O   . ALA A 1 136 ? -7.936  0.419   15.796  1.00 36.71  ? 136 ALA A O   1 
ATOM   1076 C  CB  . ALA A 1 136 ? -10.160 1.094   18.030  1.00 41.28  ? 136 ALA A CB  1 
ATOM   1077 N  N   . ASP A 1 137 ? -9.981  0.358   14.906  1.00 28.34  ? 137 ASP A N   1 
ATOM   1078 C  CA  . ASP A 1 137 ? -9.525  -0.546  13.910  1.00 26.19  ? 137 ASP A CA  1 
ATOM   1079 C  C   . ASP A 1 137 ? -8.669  0.225   12.906  1.00 25.10  ? 137 ASP A C   1 
ATOM   1080 O  O   . ASP A 1 137 ? -7.734  -0.325  12.354  1.00 28.45  ? 137 ASP A O   1 
ATOM   1081 C  CB  . ASP A 1 137 ? -10.726 -1.244  13.248  1.00 26.16  ? 137 ASP A CB  1 
ATOM   1082 C  CG  . ASP A 1 137 ? -11.518 -2.051  14.242  1.00 27.87  ? 137 ASP A CG  1 
ATOM   1083 O  OD1 . ASP A 1 137 ? -11.067 -3.035  14.792  1.00 28.07  ? 137 ASP A OD1 1 
ATOM   1084 O  OD2 . ASP A 1 137 ? -12.732 -1.587  14.477  1.00 26.56  ? 137 ASP A OD2 1 
ATOM   1085 N  N   . PHE A 1 138 ? -8.953  1.506   12.658  1.00 22.77  ? 138 PHE A N   1 
ATOM   1086 C  CA  . PHE A 1 138 ? -8.164  2.282   11.698  1.00 16.75  ? 138 PHE A CA  1 
ATOM   1087 C  C   . PHE A 1 138 ? -6.744  2.458   12.169  1.00 17.46  ? 138 PHE A C   1 
ATOM   1088 O  O   . PHE A 1 138 ? -5.769  2.367   11.416  1.00 17.79  ? 138 PHE A O   1 
ATOM   1089 C  CB  . PHE A 1 138 ? -8.817  3.619   11.260  1.00 13.44  ? 138 PHE A CB  1 
ATOM   1090 C  CG  . PHE A 1 138 ? -9.912  3.386   10.236  1.00 14.49  ? 138 PHE A CG  1 
ATOM   1091 C  CD1 . PHE A 1 138 ? -11.190 3.013   10.650  1.00 15.86  ? 138 PHE A CD1 1 
ATOM   1092 C  CD2 . PHE A 1 138 ? -9.677  3.489   8.864   1.00 16.80  ? 138 PHE A CD2 1 
ATOM   1093 C  CE1 . PHE A 1 138 ? -12.205 2.743   9.731   1.00 15.28  ? 138 PHE A CE1 1 
ATOM   1094 C  CE2 . PHE A 1 138 ? -10.666 3.205   7.918   1.00 13.55  ? 138 PHE A CE2 1 
ATOM   1095 C  CZ  . PHE A 1 138 ? -11.938 2.833   8.363   1.00 14.08  ? 138 PHE A CZ  1 
ATOM   1096 N  N   . GLU A 1 139 ? -6.683  2.665   13.471  1.00 15.16  ? 139 GLU A N   1 
ATOM   1097 C  CA  . GLU A 1 139 ? -5.464  2.875   14.179  1.00 12.78  ? 139 GLU A CA  1 
ATOM   1098 C  C   . GLU A 1 139 ? -4.612  1.610   14.122  1.00 18.29  ? 139 GLU A C   1 
ATOM   1099 O  O   . GLU A 1 139 ? -3.418  1.623   13.819  1.00 17.08  ? 139 GLU A O   1 
ATOM   1100 C  CB  . GLU A 1 139 ? -5.911  3.155   15.630  1.00 14.08  ? 139 GLU A CB  1 
ATOM   1101 C  CG  . GLU A 1 139 ? -4.720  3.294   16.592  1.00 19.36  ? 139 GLU A CG  1 
ATOM   1102 C  CD  . GLU A 1 139 ? -3.680  4.333   16.196  1.00 25.63  ? 139 GLU A CD  1 
ATOM   1103 O  OE1 . GLU A 1 139 ? -2.527  4.246   16.536  1.00 25.77  ? 139 GLU A OE1 1 
ATOM   1104 O  OE2 . GLU A 1 139 ? -4.120  5.387   15.547  1.00 27.33  ? 139 GLU A OE2 1 
ATOM   1105 N  N   . THR A 1 140 ? -5.240  0.458   14.352  1.00 20.52  ? 140 THR A N   1 
ATOM   1106 C  CA  . THR A 1 140 ? -4.472  -0.765  14.346  1.00 20.70  ? 140 THR A CA  1 
ATOM   1107 C  C   . THR A 1 140 ? -3.985  -1.060  12.955  1.00 20.14  ? 140 THR A C   1 
ATOM   1108 O  O   . THR A 1 140 ? -2.921  -1.619  12.789  1.00 21.78  ? 140 THR A O   1 
ATOM   1109 C  CB  . THR A 1 140 ? -5.291  -1.913  14.908  1.00 24.79  ? 140 THR A CB  1 
ATOM   1110 O  OG1 . THR A 1 140 ? -6.346  -2.006  14.000  1.00 30.60  ? 140 THR A OG1 1 
ATOM   1111 C  CG2 . THR A 1 140 ? -5.835  -1.580  16.297  1.00 21.22  ? 140 THR A CG2 1 
ATOM   1112 N  N   . VAL A 1 141 ? -4.714  -0.635  11.931  1.00 17.50  ? 141 VAL A N   1 
ATOM   1113 C  CA  . VAL A 1 141 ? -4.183  -0.823  10.598  1.00 13.25  ? 141 VAL A CA  1 
ATOM   1114 C  C   . VAL A 1 141 ? -2.963  0.096   10.394  1.00 18.17  ? 141 VAL A C   1 
ATOM   1115 O  O   . VAL A 1 141 ? -1.960  -0.238  9.782   1.00 16.47  ? 141 VAL A O   1 
ATOM   1116 C  CB  . VAL A 1 141 ? -5.249  -0.463  9.574   1.00 10.22  ? 141 VAL A CB  1 
ATOM   1117 C  CG1 . VAL A 1 141 ? -4.645  -0.389  8.156   1.00 8.85   ? 141 VAL A CG1 1 
ATOM   1118 C  CG2 . VAL A 1 141 ? -6.415  -1.438  9.608   1.00 12.68  ? 141 VAL A CG2 1 
ATOM   1119 N  N   . TYR A 1 142 ? -3.039  1.322   10.936  1.00 18.49  ? 142 TYR A N   1 
ATOM   1120 C  CA  . TYR A 1 142 ? -1.944  2.241   10.779  1.00 16.04  ? 142 TYR A CA  1 
ATOM   1121 C  C   . TYR A 1 142 ? -0.727  1.590   11.396  1.00 14.27  ? 142 TYR A C   1 
ATOM   1122 O  O   . TYR A 1 142 ? 0.297   1.549   10.767  1.00 15.47  ? 142 TYR A O   1 
ATOM   1123 C  CB  . TYR A 1 142 ? -2.261  3.561   11.511  1.00 13.45  ? 142 TYR A CB  1 
ATOM   1124 C  CG  . TYR A 1 142 ? -1.065  4.444   11.735  1.00 11.45  ? 142 TYR A CG  1 
ATOM   1125 C  CD1 . TYR A 1 142 ? -0.537  5.221   10.708  1.00 14.21  ? 142 TYR A CD1 1 
ATOM   1126 C  CD2 . TYR A 1 142 ? -0.483  4.529   13.000  1.00 16.36  ? 142 TYR A CD2 1 
ATOM   1127 C  CE1 . TYR A 1 142 ? 0.557   6.060   10.927  1.00 14.16  ? 142 TYR A CE1 1 
ATOM   1128 C  CE2 . TYR A 1 142 ? 0.615   5.359   13.241  1.00 17.32  ? 142 TYR A CE2 1 
ATOM   1129 C  CZ  . TYR A 1 142 ? 1.131   6.128   12.194  1.00 17.72  ? 142 TYR A CZ  1 
ATOM   1130 O  OH  . TYR A 1 142 ? 2.219   6.945   12.396  1.00 21.75  ? 142 TYR A OH  1 
ATOM   1131 N  N   . GLN A 1 143 ? -0.883  1.113   12.626  1.00 12.91  ? 143 GLN A N   1 
ATOM   1132 C  CA  . GLN A 1 143 ? 0.165   0.488   13.384  1.00 14.15  ? 143 GLN A CA  1 
ATOM   1133 C  C   . GLN A 1 143 ? 0.841   -0.622  12.585  1.00 15.51  ? 143 GLN A C   1 
ATOM   1134 O  O   . GLN A 1 143 ? 2.050   -0.649  12.419  1.00 20.62  ? 143 GLN A O   1 
ATOM   1135 C  CB  . GLN A 1 143 ? -0.338  -0.055  14.734  1.00 15.44  ? 143 GLN A CB  1 
ATOM   1136 C  CG  . GLN A 1 143 ? -0.588  1.041   15.760  1.00 22.82  ? 143 GLN A CG  1 
ATOM   1137 C  CD  . GLN A 1 143 ? 0.551   2.059   15.797  1.00 34.21  ? 143 GLN A CD  1 
ATOM   1138 O  OE1 . GLN A 1 143 ? 1.728   1.771   15.522  1.00 37.27  ? 143 GLN A OE1 1 
ATOM   1139 N  NE2 . GLN A 1 143 ? 0.210   3.305   16.134  1.00 38.58  ? 143 GLN A NE2 1 
ATOM   1140 N  N   . GLN A 1 144 ? 0.049   -1.522  12.010  1.00 16.28  ? 144 GLN A N   1 
ATOM   1141 C  CA  . GLN A 1 144 ? 0.632   -2.596  11.246  1.00 14.09  ? 144 GLN A CA  1 
ATOM   1142 C  C   . GLN A 1 144 ? 1.430   -2.043  10.104  1.00 12.26  ? 144 GLN A C   1 
ATOM   1143 O  O   . GLN A 1 144 ? 2.508   -2.560  9.763   1.00 13.42  ? 144 GLN A O   1 
ATOM   1144 C  CB  . GLN A 1 144 ? -0.448  -3.471  10.600  1.00 11.90  ? 144 GLN A CB  1 
ATOM   1145 C  CG  . GLN A 1 144 ? -1.203  -4.275  11.650  1.00 15.85  ? 144 GLN A CG  1 
ATOM   1146 C  CD  . GLN A 1 144 ? -2.245  -5.149  10.984  1.00 21.42  ? 144 GLN A CD  1 
ATOM   1147 O  OE1 . GLN A 1 144 ? -1.965  -6.262  10.503  1.00 25.16  ? 144 GLN A OE1 1 
ATOM   1148 N  NE2 . GLN A 1 144 ? -3.483  -4.681  11.052  1.00 26.59  ? 144 GLN A NE2 1 
ATOM   1149 N  N   . CYS A 1 145 ? 0.817   -1.042  9.476   1.00 7.85   ? 145 CYS A N   1 
ATOM   1150 C  CA  . CYS A 1 145 ? 1.433   -0.437  8.323   1.00 10.64  ? 145 CYS A CA  1 
ATOM   1151 C  C   . CYS A 1 145 ? 2.816   0.080   8.615   1.00 10.72  ? 145 CYS A C   1 
ATOM   1152 O  O   . CYS A 1 145 ? 3.761   -0.180  7.878   1.00 16.55  ? 145 CYS A O   1 
ATOM   1153 C  CB  . CYS A 1 145 ? 0.540   0.559   7.548   1.00 16.31  ? 145 CYS A CB  1 
ATOM   1154 S  SG  . CYS A 1 145 ? -0.825  -0.237  6.650   1.00 17.37  ? 145 CYS A SG  1 
ATOM   1155 N  N   . VAL A 1 146 ? 2.958   0.763   9.727   1.00 14.34  ? 146 VAL A N   1 
ATOM   1156 C  CA  . VAL A 1 146 ? 4.268   1.310   10.088  1.00 17.05  ? 146 VAL A CA  1 
ATOM   1157 C  C   . VAL A 1 146 ? 5.283   0.206   10.269  1.00 17.31  ? 146 VAL A C   1 
ATOM   1158 O  O   . VAL A 1 146 ? 6.370   0.255   9.725   1.00 18.76  ? 146 VAL A O   1 
ATOM   1159 C  CB  . VAL A 1 146 ? 4.095   2.060   11.393  1.00 19.98  ? 146 VAL A CB  1 
ATOM   1160 C  CG1 . VAL A 1 146 ? 5.436   2.585   11.901  1.00 22.35  ? 146 VAL A CG1 1 
ATOM   1161 C  CG2 . VAL A 1 146 ? 3.176   3.253   11.120  1.00 22.69  ? 146 VAL A CG2 1 
ATOM   1162 N  N   . ARG A 1 147 ? 4.911   -0.800  11.049  1.00 14.61  ? 147 ARG A N   1 
ATOM   1163 C  CA  . ARG A 1 147 ? 5.788   -1.935  11.231  1.00 15.33  ? 147 ARG A CA  1 
ATOM   1164 C  C   . ARG A 1 147 ? 6.183   -2.511  9.889   1.00 14.58  ? 147 ARG A C   1 
ATOM   1165 O  O   . ARG A 1 147 ? 7.374   -2.606  9.558   1.00 15.14  ? 147 ARG A O   1 
ATOM   1166 C  CB  . ARG A 1 147 ? 5.110   -3.040  12.053  1.00 13.80  ? 147 ARG A CB  1 
ATOM   1167 C  CG  . ARG A 1 147 ? 5.199   -2.803  13.548  1.00 13.14  ? 147 ARG A CG  1 
ATOM   1168 C  CD  . ARG A 1 147 ? 4.590   -3.957  14.327  1.00 17.97  ? 147 ARG A CD  1 
ATOM   1169 N  NE  . ARG A 1 147 ? 3.154   -3.762  14.441  1.00 33.64  ? 147 ARG A NE  1 
ATOM   1170 C  CZ  . ARG A 1 147 ? 2.123   -4.525  14.123  1.00 33.53  ? 147 ARG A CZ  1 
ATOM   1171 N  NH1 . ARG A 1 147 ? 2.187   -5.748  13.647  1.00 32.15  ? 147 ARG A NH1 1 
ATOM   1172 N  NH2 . ARG A 1 147 ? 0.939   -3.989  14.353  1.00 35.85  ? 147 ARG A NH2 1 
ATOM   1173 N  N   . CYS A 1 148 ? 5.171   -2.927  9.114   1.00 14.33  ? 148 CYS A N   1 
ATOM   1174 C  CA  . CYS A 1 148 ? 5.473   -3.515  7.811   1.00 10.29  ? 148 CYS A CA  1 
ATOM   1175 C  C   . CYS A 1 148 ? 6.225   -2.602  6.903   1.00 9.95   ? 148 CYS A C   1 
ATOM   1176 O  O   . CYS A 1 148 ? 7.085   -3.069  6.165   1.00 14.88  ? 148 CYS A O   1 
ATOM   1177 C  CB  . CYS A 1 148 ? 4.249   -4.060  7.048   1.00 11.59  ? 148 CYS A CB  1 
ATOM   1178 S  SG  . CYS A 1 148 ? 3.360   -5.163  8.167   1.00 15.19  ? 148 CYS A SG  1 
ATOM   1179 N  N   . CYS A 1 149 ? 5.889   -1.316  6.869   1.00 7.04   ? 149 CYS A N   1 
ATOM   1180 C  CA  . CYS A 1 149 ? 6.605   -0.495  5.884   1.00 7.26   ? 149 CYS A CA  1 
ATOM   1181 C  C   . CYS A 1 149 ? 8.028   -0.200  6.269   1.00 14.39  ? 149 CYS A C   1 
ATOM   1182 O  O   . CYS A 1 149 ? 8.877   -0.035  5.388   1.00 18.43  ? 149 CYS A O   1 
ATOM   1183 C  CB  . CYS A 1 149 ? 5.894   0.830   5.532   1.00 14.32  ? 149 CYS A CB  1 
ATOM   1184 S  SG  . CYS A 1 149 ? 4.278   0.650   4.728   1.00 17.75  ? 149 CYS A SG  1 
ATOM   1185 N  N   . ARG A 1 150 ? 8.311   -0.081  7.573   1.00 18.41  ? 150 ARG A N   1 
ATOM   1186 C  CA  . ARG A 1 150 ? 9.698   0.174   7.926   1.00 18.55  ? 150 ARG A CA  1 
ATOM   1187 C  C   . ARG A 1 150 ? 10.498  -1.092  7.636   1.00 16.30  ? 150 ARG A C   1 
ATOM   1188 O  O   . ARG A 1 150 ? 11.626  -1.033  7.220   1.00 16.95  ? 150 ARG A O   1 
ATOM   1189 C  CB  . ARG A 1 150 ? 9.933   0.426   9.411   1.00 22.06  ? 150 ARG A CB  1 
ATOM   1190 C  CG  . ARG A 1 150 ? 9.149   1.524   10.105  1.00 30.52  ? 150 ARG A CG  1 
ATOM   1191 C  CD  . ARG A 1 150 ? 9.794   1.745   11.466  1.00 33.66  ? 150 ARG A CD  1 
ATOM   1192 N  NE  . ARG A 1 150 ? 8.939   2.277   12.518  1.00 36.95  ? 150 ARG A NE  1 
ATOM   1193 C  CZ  . ARG A 1 150 ? 8.837   3.569   12.827  1.00 42.59  ? 150 ARG A CZ  1 
ATOM   1194 N  NH1 . ARG A 1 150 ? 9.519   4.506   12.149  1.00 40.43  ? 150 ARG A NH1 1 
ATOM   1195 N  NH2 . ARG A 1 150 ? 8.060   3.909   13.870  1.00 45.42  ? 150 ARG A NH2 1 
ATOM   1196 N  N   . ALA A 1 151 ? 9.937   -2.254  7.931   1.00 17.50  ? 151 ALA A N   1 
ATOM   1197 C  CA  . ALA A 1 151 ? 10.610  -3.534  7.734   1.00 15.97  ? 151 ALA A CA  1 
ATOM   1198 C  C   . ALA A 1 151 ? 10.896  -3.753  6.253   1.00 16.72  ? 151 ALA A C   1 
ATOM   1199 O  O   . ALA A 1 151 ? 11.998  -4.102  5.827   1.00 16.94  ? 151 ALA A O   1 
ATOM   1200 C  CB  . ALA A 1 151 ? 9.716   -4.627  8.341   1.00 17.58  ? 151 ALA A CB  1 
ATOM   1201 N  N   . PHE A 1 152 ? 9.918   -3.470  5.401   1.00 18.14  ? 152 PHE A N   1 
ATOM   1202 C  CA  . PHE A 1 152 ? 10.144  -3.589  3.959   1.00 14.13  ? 152 PHE A CA  1 
ATOM   1203 C  C   . PHE A 1 152 ? 11.256  -2.653  3.465   1.00 13.82  ? 152 PHE A C   1 
ATOM   1204 O  O   . PHE A 1 152 ? 12.183  -2.999  2.711   1.00 11.45  ? 152 PHE A O   1 
ATOM   1205 C  CB  . PHE A 1 152 ? 8.789   -3.223  3.300   1.00 18.38  ? 152 PHE A CB  1 
ATOM   1206 C  CG  . PHE A 1 152 ? 8.842   -2.912  1.816   1.00 17.16  ? 152 PHE A CG  1 
ATOM   1207 C  CD1 . PHE A 1 152 ? 9.071   -3.935  0.900   1.00 17.31  ? 152 PHE A CD1 1 
ATOM   1208 C  CD2 . PHE A 1 152 ? 8.620   -1.616  1.341   1.00 13.19  ? 152 PHE A CD2 1 
ATOM   1209 C  CE1 . PHE A 1 152 ? 9.152   -3.673  -0.469  1.00 18.63  ? 152 PHE A CE1 1 
ATOM   1210 C  CE2 . PHE A 1 152 ? 8.653   -1.338  -0.022  1.00 12.06  ? 152 PHE A CE2 1 
ATOM   1211 C  CZ  . PHE A 1 152 ? 8.962   -2.364  -0.916  1.00 19.05  ? 152 PHE A CZ  1 
ATOM   1212 N  N   . LEU A 1 153 ? 11.164  -1.397  3.878   1.00 14.40  ? 153 LEU A N   1 
ATOM   1213 C  CA  . LEU A 1 153 ? 12.153  -0.411  3.464   1.00 17.88  ? 153 LEU A CA  1 
ATOM   1214 C  C   . LEU A 1 153 ? 13.592  -0.729  3.868   1.00 20.41  ? 153 LEU A C   1 
ATOM   1215 O  O   . LEU A 1 153 ? 14.522  -0.476  3.079   1.00 15.83  ? 153 LEU A O   1 
ATOM   1216 C  CB  . LEU A 1 153 ? 11.832  0.985   4.050   1.00 19.51  ? 153 LEU A CB  1 
ATOM   1217 C  CG  . LEU A 1 153 ? 12.842  2.055   3.622   1.00 22.39  ? 153 LEU A CG  1 
ATOM   1218 C  CD1 . LEU A 1 153 ? 12.916  2.147   2.087   1.00 21.84  ? 153 LEU A CD1 1 
ATOM   1219 C  CD2 . LEU A 1 153 ? 12.507  3.408   4.263   1.00 23.04  ? 153 LEU A CD2 1 
ATOM   1220 N  N   . GLU A 1 154 ? 13.784  -1.234  5.092   1.00 22.68  ? 154 GLU A N   1 
ATOM   1221 C  CA  . GLU A 1 154 ? 15.152  -1.490  5.531   1.00 31.54  ? 154 GLU A CA  1 
ATOM   1222 C  C   . GLU A 1 154 ? 15.757  -2.579  4.684   1.00 32.28  ? 154 GLU A C   1 
ATOM   1223 O  O   . GLU A 1 154 ? 16.964  -2.682  4.550   1.00 33.04  ? 154 GLU A O   1 
ATOM   1224 C  CB  . GLU A 1 154 ? 15.292  -1.872  7.009   1.00 40.10  ? 154 GLU A CB  1 
ATOM   1225 C  CG  . GLU A 1 154 ? 14.378  -1.008  7.897   1.00 54.70  ? 154 GLU A CG  1 
ATOM   1226 C  CD  . GLU A 1 154 ? 14.672  0.467   7.815   1.00 64.85  ? 154 GLU A CD  1 
ATOM   1227 O  OE1 . GLU A 1 154 ? 15.729  0.894   7.348   1.00 66.89  ? 154 GLU A OE1 1 
ATOM   1228 O  OE2 . GLU A 1 154 ? 13.694  1.216   8.312   1.00 67.17  ? 154 GLU A OE2 1 
ATOM   1229 N  N   . LYS A 1 155 ? 14.895  -3.360  4.065   1.00 30.75  ? 155 LYS A N   1 
ATOM   1230 C  CA  . LYS A 1 155 ? 15.366  -4.436  3.227   1.00 35.43  ? 155 LYS A CA  1 
ATOM   1231 C  C   . LYS A 1 155 ? 15.510  -4.158  1.718   1.00 33.99  ? 155 LYS A C   1 
ATOM   1232 O  O   . LYS A 1 155 ? 16.325  -4.788  1.043   1.00 35.30  ? 155 LYS A O   1 
ATOM   1233 C  CB  . LYS A 1 155 ? 14.660  -5.726  3.540   1.00 40.25  ? 155 LYS A CB  1 
ATOM   1234 C  CG  . LYS A 1 155 ? 13.428  -5.975  2.718   1.00 43.75  ? 155 LYS A CG  1 
ATOM   1235 C  CD  . LYS A 1 155 ? 13.271  -7.478  2.779   1.00 50.79  ? 155 LYS A CD  1 
ATOM   1236 C  CE  . LYS A 1 155 ? 14.650  -8.107  2.596   1.00 56.67  ? 155 LYS A CE  1 
ATOM   1237 N  NZ  . LYS A 1 155 ? 14.731  -9.544  2.903   1.00 61.27  ? 155 LYS A NZ  1 
ATOM   1238 N  N   . VAL A 1 156 ? 14.757  -3.212  1.156   1.00 29.49  ? 156 VAL A N   1 
ATOM   1239 C  CA  . VAL A 1 156 ? 14.905  -2.875  -0.245  1.00 25.70  ? 156 VAL A CA  1 
ATOM   1240 C  C   . VAL A 1 156 ? 15.630  -1.557  -0.334  1.00 30.93  ? 156 VAL A C   1 
ATOM   1241 O  O   . VAL A 1 156 ? 15.975  -1.133  -1.433  1.00 32.52  ? 156 VAL A O   1 
ATOM   1242 C  CB  . VAL A 1 156 ? 13.632  -2.835  -1.088  1.00 24.26  ? 156 VAL A CB  1 
ATOM   1243 C  CG1 . VAL A 1 156 ? 12.811  -4.101  -0.881  1.00 24.27  ? 156 VAL A CG1 1 
ATOM   1244 C  CG2 . VAL A 1 156 ? 12.789  -1.588  -0.804  1.00 21.60  ? 156 VAL A CG2 1 
ATOM   1245 N  N   . ARG A 1 157 ? 15.836  -0.924  0.819   1.00 35.75  ? 157 ARG A N   1 
ATOM   1246 C  CA  . ARG A 1 157 ? 16.515  0.356   0.866   1.00 43.28  ? 157 ARG A CA  1 
ATOM   1247 C  C   . ARG A 1 157 ? 17.776  0.265   0.027   1.00 51.79  ? 157 ARG A C   1 
ATOM   1248 O  O   . ARG A 1 157 ? 18.813  -0.162  0.581   1.00 54.75  ? 157 ARG A O   1 
ATOM   1249 C  CB  . ARG A 1 157 ? 16.958  0.670   2.286   1.00 45.86  ? 157 ARG A CB  1 
ATOM   1250 C  CG  . ARG A 1 157 ? 17.109  2.158   2.594   1.00 48.57  ? 157 ARG A CG  1 
ATOM   1251 C  CD  . ARG A 1 157 ? 17.808  2.383   3.927   1.00 49.33  ? 157 ARG A CD  1 
ATOM   1252 N  NE  . ARG A 1 157 ? 17.320  3.520   4.705   1.00 53.47  ? 157 ARG A NE  1 
ATOM   1253 C  CZ  . ARG A 1 157 ? 17.618  4.805   4.509   1.00 55.39  ? 157 ARG A CZ  1 
ATOM   1254 N  NH1 . ARG A 1 157 ? 18.379  5.216   3.499   1.00 56.88  ? 157 ARG A NH1 1 
ATOM   1255 N  NH2 . ARG A 1 157 ? 17.132  5.707   5.361   1.00 54.68  ? 157 ARG A NH2 1 
ATOM   1256 O  OXT . ARG A 1 157 ? 17.711  0.521   -1.192  1.00 53.12  ? 157 ARG A OXT 1 
HETATM 1257 MO MO  . MOO B 2 .   ? -10.370 -1.213  1.632   1.00 39.12  ? 158 MOO A MO  1 
HETATM 1258 O  O1  . MOO B 2 .   ? -12.038 -1.173  2.098   1.00 44.27  ? 158 MOO A O1  1 
HETATM 1259 O  O2  . MOO B 2 .   ? -9.872  0.230   0.851   1.00 36.44  ? 158 MOO A O2  1 
HETATM 1260 O  O3  . MOO B 2 .   ? -10.013 -2.516  0.551   1.00 28.87  ? 158 MOO A O3  1 
HETATM 1261 O  O4  . MOO B 2 .   ? -9.587  -1.232  3.168   1.00 35.89  ? 158 MOO A O4  1 
# 
loop_
_pdbx_poly_seq_scheme.asym_id 
_pdbx_poly_seq_scheme.entity_id 
_pdbx_poly_seq_scheme.seq_id 
_pdbx_poly_seq_scheme.mon_id 
_pdbx_poly_seq_scheme.ndb_seq_num 
_pdbx_poly_seq_scheme.pdb_seq_num 
_pdbx_poly_seq_scheme.auth_seq_num 
_pdbx_poly_seq_scheme.pdb_mon_id 
_pdbx_poly_seq_scheme.auth_mon_id 
_pdbx_poly_seq_scheme.pdb_strand_id 
_pdbx_poly_seq_scheme.pdb_ins_code 
_pdbx_poly_seq_scheme.hetero 
A 1 1   ALA 1   1   1   ALA ALA A . n 
A 1 2   GLU 2   2   2   GLU GLU A . n 
A 1 3   GLN 3   3   3   GLN GLN A . n 
A 1 4   VAL 4   4   4   VAL VAL A . n 
A 1 5   THR 5   5   5   THR THR A . n 
A 1 6   LYS 6   6   6   LYS LYS A . n 
A 1 7   SER 7   7   7   SER SER A . n 
A 1 8   VAL 8   8   8   VAL VAL A . n 
A 1 9   LEU 9   9   9   LEU LEU A . n 
A 1 10  PHE 10  10  10  PHE PHE A . n 
A 1 11  VAL 11  11  11  VAL VAL A . n 
A 1 12  CYS 12  12  12  CYS CYS A . n 
A 1 13  LEU 13  13  13  LEU LEU A . n 
A 1 14  GLY 14  14  14  GLY GLY A . n 
A 1 15  ASN 15  15  15  ASN ASN A . n 
A 1 16  ILE 16  16  16  ILE ILE A . n 
A 1 17  CYS 17  17  17  CYS CYS A . n 
A 1 18  ARG 18  18  18  ARG ARG A . n 
A 1 19  SER 19  19  19  SER SER A . n 
A 1 20  PRO 20  20  20  PRO PRO A . n 
A 1 21  ILE 21  21  21  ILE ILE A . n 
A 1 22  ALA 22  22  22  ALA ALA A . n 
A 1 23  GLU 23  23  23  GLU GLU A . n 
A 1 24  ALA 24  24  24  ALA ALA A . n 
A 1 25  VAL 25  25  25  VAL VAL A . n 
A 1 26  PHE 26  26  26  PHE PHE A . n 
A 1 27  ARG 27  27  27  ARG ARG A . n 
A 1 28  LYS 28  28  28  LYS LYS A . n 
A 1 29  LEU 29  29  29  LEU LEU A . n 
A 1 30  VAL 30  30  30  VAL VAL A . n 
A 1 31  THR 31  31  31  THR THR A . n 
A 1 32  ASP 32  32  32  ASP ASP A . n 
A 1 33  GLN 33  33  33  GLN GLN A . n 
A 1 34  ASN 34  34  34  ASN ASN A . n 
A 1 35  ILE 35  35  35  ILE ILE A . n 
A 1 36  SER 36  36  36  SER SER A . n 
A 1 37  ASP 37  37  37  ASP ASP A . n 
A 1 38  ASN 38  38  38  ASN ASN A . n 
A 1 39  TRP 39  39  39  TRP TRP A . n 
A 1 40  VAL 40  40  40  VAL VAL A . n 
A 1 41  ILE 41  41  41  ILE ILE A . n 
A 1 42  ASP 42  42  42  ASP ASP A . n 
A 1 43  SER 43  43  43  SER SER A . n 
A 1 44  GLY 44  44  44  GLY GLY A . n 
A 1 45  ALA 45  45  45  ALA ALA A . n 
A 1 46  VAL 46  46  46  VAL VAL A . n 
A 1 47  SER 47  47  47  SER SER A . n 
A 1 48  ASP 48  48  48  ASP ASP A . n 
A 1 49  TRP 49  49  49  TRP TRP A . n 
A 1 50  ASN 50  50  50  ASN ASN A . n 
A 1 51  VAL 51  51  51  VAL VAL A . n 
A 1 52  GLY 52  52  52  GLY GLY A . n 
A 1 53  ARG 53  53  53  ARG ARG A . n 
A 1 54  SER 54  54  54  SER SER A . n 
A 1 55  PRO 55  55  55  PRO PRO A . n 
A 1 56  ASP 56  56  56  ASP ASP A . n 
A 1 57  PRO 57  57  57  PRO PRO A . n 
A 1 58  ARG 58  58  58  ARG ARG A . n 
A 1 59  ALA 59  59  59  ALA ALA A . n 
A 1 60  VAL 60  60  60  VAL VAL A . n 
A 1 61  SER 61  61  61  SER SER A . n 
A 1 62  CYS 62  62  62  CYS CYS A . n 
A 1 63  LEU 63  63  63  LEU LEU A . n 
A 1 64  ARG 64  64  64  ARG ARG A . n 
A 1 65  ASN 65  65  65  ASN ASN A . n 
A 1 66  HIS 66  66  66  HIS HIS A . n 
A 1 67  GLY 67  67  67  GLY GLY A . n 
A 1 68  ILE 68  68  68  ILE ILE A . n 
A 1 69  ASN 69  69  69  ASN ASN A . n 
A 1 70  THR 70  70  70  THR THR A . n 
A 1 71  ALA 71  71  71  ALA ALA A . n 
A 1 72  HIS 72  72  72  HIS HIS A . n 
A 1 73  LYS 73  73  73  LYS LYS A . n 
A 1 74  ALA 74  74  74  ALA ALA A . n 
A 1 75  ARG 75  75  75  ARG ARG A . n 
A 1 76  GLN 76  76  76  GLN GLN A . n 
A 1 77  VAL 77  77  77  VAL VAL A . n 
A 1 78  THR 78  78  78  THR THR A . n 
A 1 79  LYS 79  79  79  LYS LYS A . n 
A 1 80  GLU 80  80  80  GLU GLU A . n 
A 1 81  ASP 81  81  81  ASP ASP A . n 
A 1 82  PHE 82  82  82  PHE PHE A . n 
A 1 83  VAL 83  83  83  VAL VAL A . n 
A 1 84  THR 84  84  84  THR THR A . n 
A 1 85  PHE 85  85  85  PHE PHE A . n 
A 1 86  ASP 86  86  86  ASP ASP A . n 
A 1 87  TYR 87  87  87  TYR TYR A . n 
A 1 88  ILE 88  88  88  ILE ILE A . n 
A 1 89  LEU 89  89  89  LEU LEU A . n 
A 1 90  CYS 90  90  90  CYS CYS A . n 
A 1 91  MET 91  91  91  MET MET A . n 
A 1 92  ASP 92  92  92  ASP ASP A . n 
A 1 93  GLU 93  93  93  GLU GLU A . n 
A 1 94  SER 94  94  94  SER SER A . n 
A 1 95  ASN 95  95  95  ASN ASN A . n 
A 1 96  LEU 96  96  96  LEU LEU A . n 
A 1 97  ARG 97  97  97  ARG ARG A . n 
A 1 98  ASP 98  98  98  ASP ASP A . n 
A 1 99  LEU 99  99  99  LEU LEU A . n 
A 1 100 ASN 100 100 100 ASN ASN A . n 
A 1 101 ARG 101 101 101 ARG ARG A . n 
A 1 102 LYS 102 102 102 LYS LYS A . n 
A 1 103 SER 103 103 103 SER SER A . n 
A 1 104 ASN 104 104 104 ASN ASN A . n 
A 1 105 GLN 105 105 105 GLN GLN A . n 
A 1 106 VAL 106 106 106 VAL VAL A . n 
A 1 107 LYS 107 107 107 LYS LYS A . n 
A 1 108 ASN 108 108 108 ASN ASN A . n 
A 1 109 CYS 109 109 109 CYS CYS A . n 
A 1 110 ARG 110 110 110 ARG ARG A . n 
A 1 111 ALA 111 111 111 ALA ALA A . n 
A 1 112 LYS 112 112 112 LYS LYS A . n 
A 1 113 ILE 113 113 113 ILE ILE A . n 
A 1 114 GLU 114 114 114 GLU GLU A . n 
A 1 115 LEU 115 115 115 LEU LEU A . n 
A 1 116 LEU 116 116 116 LEU LEU A . n 
A 1 117 GLY 117 117 117 GLY GLY A . n 
A 1 118 SER 118 118 118 SER SER A . n 
A 1 119 TYR 119 119 119 TYR TYR A . n 
A 1 120 ASP 120 120 120 ASP ASP A . n 
A 1 121 PRO 121 121 121 PRO PRO A . n 
A 1 122 GLN 122 122 122 GLN GLN A . n 
A 1 123 LYS 123 123 123 LYS LYS A . n 
A 1 124 GLN 124 124 124 GLN GLN A . n 
A 1 125 LEU 125 125 125 LEU LEU A . n 
A 1 126 ILE 126 126 126 ILE ILE A . n 
A 1 127 ILE 127 127 127 ILE ILE A . n 
A 1 128 GLU 128 128 128 GLU GLU A . n 
A 1 129 ASP 129 129 129 ASP ASP A . n 
A 1 130 PRO 130 130 130 PRO PRO A . n 
A 1 131 TYR 131 131 131 TYR TYR A . n 
A 1 132 TYR 132 132 132 TYR TYR A . n 
A 1 133 GLY 133 133 133 GLY GLY A . n 
A 1 134 ASN 134 134 134 ASN ASN A . n 
A 1 135 ASP 135 135 135 ASP ASP A . n 
A 1 136 ALA 136 136 136 ALA ALA A . n 
A 1 137 ASP 137 137 137 ASP ASP A . n 
A 1 138 PHE 138 138 138 PHE PHE A . n 
A 1 139 GLU 139 139 139 GLU GLU A . n 
A 1 140 THR 140 140 140 THR THR A . n 
A 1 141 VAL 141 141 141 VAL VAL A . n 
A 1 142 TYR 142 142 142 TYR TYR A . n 
A 1 143 GLN 143 143 143 GLN GLN A . n 
A 1 144 GLN 144 144 144 GLN GLN A . n 
A 1 145 CYS 145 145 145 CYS CYS A . n 
A 1 146 VAL 146 146 146 VAL VAL A . n 
A 1 147 ARG 147 147 147 ARG ARG A . n 
A 1 148 CYS 148 148 148 CYS CYS A . n 
A 1 149 CYS 149 149 149 CYS CYS A . n 
A 1 150 ARG 150 150 150 ARG ARG A . n 
A 1 151 ALA 151 151 151 ALA ALA A . n 
A 1 152 PHE 152 152 152 PHE PHE A . n 
A 1 153 LEU 153 153 153 LEU LEU A . n 
A 1 154 GLU 154 154 154 GLU GLU A . n 
A 1 155 LYS 155 155 155 LYS LYS A . n 
A 1 156 VAL 156 156 156 VAL VAL A . n 
A 1 157 ARG 157 157 157 ARG ARG A . n 
# 
_pdbx_nonpoly_scheme.asym_id         B 
_pdbx_nonpoly_scheme.entity_id       2 
_pdbx_nonpoly_scheme.mon_id          MOO 
_pdbx_nonpoly_scheme.ndb_seq_num     1 
_pdbx_nonpoly_scheme.pdb_seq_num     158 
_pdbx_nonpoly_scheme.auth_seq_num    1 
_pdbx_nonpoly_scheme.pdb_mon_id      MOO 
_pdbx_nonpoly_scheme.auth_mon_id     MOO 
_pdbx_nonpoly_scheme.pdb_strand_id   A 
_pdbx_nonpoly_scheme.pdb_ins_code    . 
# 
_pdbx_struct_assembly.id                   1 
_pdbx_struct_assembly.details              author_defined_assembly 
_pdbx_struct_assembly.method_details       ? 
_pdbx_struct_assembly.oligomeric_details   monomeric 
_pdbx_struct_assembly.oligomeric_count     1 
# 
_pdbx_struct_assembly_gen.assembly_id       1 
_pdbx_struct_assembly_gen.oper_expression   1 
_pdbx_struct_assembly_gen.asym_id_list      A,B 
# 
_pdbx_struct_oper_list.id                   1 
_pdbx_struct_oper_list.type                 'identity operation' 
_pdbx_struct_oper_list.name                 1_555 
_pdbx_struct_oper_list.symmetry_operation   x,y,z 
_pdbx_struct_oper_list.matrix[1][1]         1.0000000000 
_pdbx_struct_oper_list.matrix[1][2]         0.0000000000 
_pdbx_struct_oper_list.matrix[1][3]         0.0000000000 
_pdbx_struct_oper_list.vector[1]            0.0000000000 
_pdbx_struct_oper_list.matrix[2][1]         0.0000000000 
_pdbx_struct_oper_list.matrix[2][2]         1.0000000000 
_pdbx_struct_oper_list.matrix[2][3]         0.0000000000 
_pdbx_struct_oper_list.vector[2]            0.0000000000 
_pdbx_struct_oper_list.matrix[3][1]         0.0000000000 
_pdbx_struct_oper_list.matrix[3][2]         0.0000000000 
_pdbx_struct_oper_list.matrix[3][3]         1.0000000000 
_pdbx_struct_oper_list.vector[3]            0.0000000000 
# 
loop_
_pdbx_audit_revision_history.ordinal 
_pdbx_audit_revision_history.data_content_type 
_pdbx_audit_revision_history.major_revision 
_pdbx_audit_revision_history.minor_revision 
_pdbx_audit_revision_history.revision_date 
1 'Structure model' 1 0 2005-04-05 
2 'Structure model' 1 1 2008-04-30 
3 'Structure model' 1 2 2011-07-13 
4 'Structure model' 1 3 2023-08-23 
# 
_pdbx_audit_revision_details.ordinal             1 
_pdbx_audit_revision_details.revision_ordinal    1 
_pdbx_audit_revision_details.data_content_type   'Structure model' 
_pdbx_audit_revision_details.provider            repository 
_pdbx_audit_revision_details.type                'Initial release' 
_pdbx_audit_revision_details.description         ? 
_pdbx_audit_revision_details.details             ? 
# 
loop_
_pdbx_audit_revision_group.ordinal 
_pdbx_audit_revision_group.revision_ordinal 
_pdbx_audit_revision_group.data_content_type 
_pdbx_audit_revision_group.group 
1 2 'Structure model' 'Version format compliance' 
2 3 'Structure model' 'Version format compliance' 
3 4 'Structure model' 'Data collection'           
4 4 'Structure model' 'Database references'       
5 4 'Structure model' 'Derived calculations'      
6 4 'Structure model' 'Refinement description'    
# 
loop_
_pdbx_audit_revision_category.ordinal 
_pdbx_audit_revision_category.revision_ordinal 
_pdbx_audit_revision_category.data_content_type 
_pdbx_audit_revision_category.category 
1 4 'Structure model' chem_comp_atom                
2 4 'Structure model' chem_comp_bond                
3 4 'Structure model' database_2                    
4 4 'Structure model' pdbx_initial_refinement_model 
5 4 'Structure model' struct_site                   
# 
loop_
_pdbx_audit_revision_item.ordinal 
_pdbx_audit_revision_item.revision_ordinal 
_pdbx_audit_revision_item.data_content_type 
_pdbx_audit_revision_item.item 
1 4 'Structure model' '_database_2.pdbx_DOI'                
2 4 'Structure model' '_database_2.pdbx_database_accession' 
3 4 'Structure model' '_struct_site.pdbx_auth_asym_id'      
4 4 'Structure model' '_struct_site.pdbx_auth_comp_id'      
5 4 'Structure model' '_struct_site.pdbx_auth_seq_id'       
# 
loop_
_software.name 
_software.classification 
_software.version 
_software.citation_id 
_software.pdbx_ordinal 
DENZO     'data reduction' . ? 1 
SCALEPACK 'data scaling'   . ? 2 
TNT       refinement       . ? 3 
TNT       phasing          . ? 4 
# 
_pdbx_validate_close_contact.id               1 
_pdbx_validate_close_contact.PDB_model_num    1 
_pdbx_validate_close_contact.auth_atom_id_1   NE 
_pdbx_validate_close_contact.auth_asym_id_1   A 
_pdbx_validate_close_contact.auth_comp_id_1   ARG 
_pdbx_validate_close_contact.auth_seq_id_1    64 
_pdbx_validate_close_contact.PDB_ins_code_1   ? 
_pdbx_validate_close_contact.label_alt_id_1   ? 
_pdbx_validate_close_contact.auth_atom_id_2   OD1 
_pdbx_validate_close_contact.auth_asym_id_2   A 
_pdbx_validate_close_contact.auth_comp_id_2   ASN 
_pdbx_validate_close_contact.auth_seq_id_2    69 
_pdbx_validate_close_contact.PDB_ins_code_2   ? 
_pdbx_validate_close_contact.label_alt_id_2   ? 
_pdbx_validate_close_contact.dist             2.19 
# 
_pdbx_validate_rmsd_bond.id                        1 
_pdbx_validate_rmsd_bond.PDB_model_num             1 
_pdbx_validate_rmsd_bond.auth_atom_id_1            CD 
_pdbx_validate_rmsd_bond.auth_asym_id_1            A 
_pdbx_validate_rmsd_bond.auth_comp_id_1            GLU 
_pdbx_validate_rmsd_bond.auth_seq_id_1             154 
_pdbx_validate_rmsd_bond.PDB_ins_code_1            ? 
_pdbx_validate_rmsd_bond.label_alt_id_1            ? 
_pdbx_validate_rmsd_bond.auth_atom_id_2            OE2 
_pdbx_validate_rmsd_bond.auth_asym_id_2            A 
_pdbx_validate_rmsd_bond.auth_comp_id_2            GLU 
_pdbx_validate_rmsd_bond.auth_seq_id_2             154 
_pdbx_validate_rmsd_bond.PDB_ins_code_2            ? 
_pdbx_validate_rmsd_bond.label_alt_id_2            ? 
_pdbx_validate_rmsd_bond.bond_value                1.328 
_pdbx_validate_rmsd_bond.bond_target_value         1.252 
_pdbx_validate_rmsd_bond.bond_deviation            0.076 
_pdbx_validate_rmsd_bond.bond_standard_deviation   0.011 
_pdbx_validate_rmsd_bond.linker_flag               N 
# 
loop_
_pdbx_validate_rmsd_angle.id 
_pdbx_validate_rmsd_angle.PDB_model_num 
_pdbx_validate_rmsd_angle.auth_atom_id_1 
_pdbx_validate_rmsd_angle.auth_asym_id_1 
_pdbx_validate_rmsd_angle.auth_comp_id_1 
_pdbx_validate_rmsd_angle.auth_seq_id_1 
_pdbx_validate_rmsd_angle.PDB_ins_code_1 
_pdbx_validate_rmsd_angle.label_alt_id_1 
_pdbx_validate_rmsd_angle.auth_atom_id_2 
_pdbx_validate_rmsd_angle.auth_asym_id_2 
_pdbx_validate_rmsd_angle.auth_comp_id_2 
_pdbx_validate_rmsd_angle.auth_seq_id_2 
_pdbx_validate_rmsd_angle.PDB_ins_code_2 
_pdbx_validate_rmsd_angle.label_alt_id_2 
_pdbx_validate_rmsd_angle.auth_atom_id_3 
_pdbx_validate_rmsd_angle.auth_asym_id_3 
_pdbx_validate_rmsd_angle.auth_comp_id_3 
_pdbx_validate_rmsd_angle.auth_seq_id_3 
_pdbx_validate_rmsd_angle.PDB_ins_code_3 
_pdbx_validate_rmsd_angle.label_alt_id_3 
_pdbx_validate_rmsd_angle.angle_value 
_pdbx_validate_rmsd_angle.angle_target_value 
_pdbx_validate_rmsd_angle.angle_deviation 
_pdbx_validate_rmsd_angle.angle_standard_deviation 
_pdbx_validate_rmsd_angle.linker_flag 
1  1 NE A ARG 27  ? ? CZ A ARG 27  ? ? NH1 A ARG 27  ? ? 123.83 120.30 3.53  0.50 N 
2  1 CB A ASP 37  ? ? CG A ASP 37  ? ? OD1 A ASP 37  ? ? 126.20 118.30 7.90  0.90 N 
3  1 CB A ASP 37  ? ? CG A ASP 37  ? ? OD2 A ASP 37  ? ? 112.26 118.30 -6.04 0.90 N 
4  1 CB A ASP 42  ? ? CG A ASP 42  ? ? OD1 A ASP 42  ? ? 125.54 118.30 7.24  0.90 N 
5  1 CB A ASP 42  ? ? CG A ASP 42  ? ? OD2 A ASP 42  ? ? 111.14 118.30 -7.16 0.90 N 
6  1 CB A ASP 48  ? ? CG A ASP 48  ? ? OD1 A ASP 48  ? ? 124.40 118.30 6.10  0.90 N 
7  1 CB A ASP 48  ? ? CG A ASP 48  ? ? OD2 A ASP 48  ? ? 112.63 118.30 -5.67 0.90 N 
8  1 CB A ASP 56  ? ? CG A ASP 56  ? ? OD1 A ASP 56  ? ? 125.17 118.30 6.87  0.90 N 
9  1 CB A ASP 56  ? ? CG A ASP 56  ? ? OD2 A ASP 56  ? ? 109.73 118.30 -8.57 0.90 N 
10 1 NE A ARG 58  ? ? CZ A ARG 58  ? ? NH1 A ARG 58  ? ? 116.81 120.30 -3.49 0.50 N 
11 1 NE A ARG 75  ? ? CZ A ARG 75  ? ? NH1 A ARG 75  ? ? 124.54 120.30 4.24  0.50 N 
12 1 NE A ARG 75  ? ? CZ A ARG 75  ? ? NH2 A ARG 75  ? ? 116.95 120.30 -3.35 0.50 N 
13 1 CB A ASP 92  ? ? CG A ASP 92  ? ? OD2 A ASP 92  ? ? 111.67 118.30 -6.63 0.90 N 
14 1 CB A ASP 120 ? ? CG A ASP 120 ? ? OD1 A ASP 120 ? ? 125.17 118.30 6.87  0.90 N 
15 1 CB A ASP 120 ? ? CG A ASP 120 ? ? OD2 A ASP 120 ? ? 112.87 118.30 -5.43 0.90 N 
16 1 CB A ASP 135 ? ? CG A ASP 135 ? ? OD1 A ASP 135 ? ? 124.03 118.30 5.73  0.90 N 
17 1 CB A ASP 135 ? ? CG A ASP 135 ? ? OD2 A ASP 135 ? ? 111.27 118.30 -7.03 0.90 N 
18 1 CD A ARG 147 ? ? NE A ARG 147 ? ? CZ  A ARG 147 ? ? 132.45 123.60 8.85  1.40 N 
19 1 NE A ARG 147 ? ? CZ A ARG 147 ? ? NH1 A ARG 147 ? ? 125.91 120.30 5.61  0.50 N 
20 1 NE A ARG 147 ? ? CZ A ARG 147 ? ? NH2 A ARG 147 ? ? 115.03 120.30 -5.27 0.50 N 
# 
loop_
_pdbx_validate_torsion.id 
_pdbx_validate_torsion.PDB_model_num 
_pdbx_validate_torsion.auth_comp_id 
_pdbx_validate_torsion.auth_asym_id 
_pdbx_validate_torsion.auth_seq_id 
_pdbx_validate_torsion.PDB_ins_code 
_pdbx_validate_torsion.label_alt_id 
_pdbx_validate_torsion.phi 
_pdbx_validate_torsion.psi 
1 1 GLN A 3   ? ? -138.69 -141.40 
2 1 ASN A 108 ? ? -107.54 64.39   
# 
loop_
_chem_comp_atom.comp_id 
_chem_comp_atom.atom_id 
_chem_comp_atom.type_symbol 
_chem_comp_atom.pdbx_aromatic_flag 
_chem_comp_atom.pdbx_stereo_config 
_chem_comp_atom.pdbx_ordinal 
ALA N    N  N N 1   
ALA CA   C  N S 2   
ALA C    C  N N 3   
ALA O    O  N N 4   
ALA CB   C  N N 5   
ALA OXT  O  N N 6   
ALA H    H  N N 7   
ALA H2   H  N N 8   
ALA HA   H  N N 9   
ALA HB1  H  N N 10  
ALA HB2  H  N N 11  
ALA HB3  H  N N 12  
ALA HXT  H  N N 13  
ARG N    N  N N 14  
ARG CA   C  N S 15  
ARG C    C  N N 16  
ARG O    O  N N 17  
ARG CB   C  N N 18  
ARG CG   C  N N 19  
ARG CD   C  N N 20  
ARG NE   N  N N 21  
ARG CZ   C  N N 22  
ARG NH1  N  N N 23  
ARG NH2  N  N N 24  
ARG OXT  O  N N 25  
ARG H    H  N N 26  
ARG H2   H  N N 27  
ARG HA   H  N N 28  
ARG HB2  H  N N 29  
ARG HB3  H  N N 30  
ARG HG2  H  N N 31  
ARG HG3  H  N N 32  
ARG HD2  H  N N 33  
ARG HD3  H  N N 34  
ARG HE   H  N N 35  
ARG HH11 H  N N 36  
ARG HH12 H  N N 37  
ARG HH21 H  N N 38  
ARG HH22 H  N N 39  
ARG HXT  H  N N 40  
ASN N    N  N N 41  
ASN CA   C  N S 42  
ASN C    C  N N 43  
ASN O    O  N N 44  
ASN CB   C  N N 45  
ASN CG   C  N N 46  
ASN OD1  O  N N 47  
ASN ND2  N  N N 48  
ASN OXT  O  N N 49  
ASN H    H  N N 50  
ASN H2   H  N N 51  
ASN HA   H  N N 52  
ASN HB2  H  N N 53  
ASN HB3  H  N N 54  
ASN HD21 H  N N 55  
ASN HD22 H  N N 56  
ASN HXT  H  N N 57  
ASP N    N  N N 58  
ASP CA   C  N S 59  
ASP C    C  N N 60  
ASP O    O  N N 61  
ASP CB   C  N N 62  
ASP CG   C  N N 63  
ASP OD1  O  N N 64  
ASP OD2  O  N N 65  
ASP OXT  O  N N 66  
ASP H    H  N N 67  
ASP H2   H  N N 68  
ASP HA   H  N N 69  
ASP HB2  H  N N 70  
ASP HB3  H  N N 71  
ASP HD2  H  N N 72  
ASP HXT  H  N N 73  
CYS N    N  N N 74  
CYS CA   C  N R 75  
CYS C    C  N N 76  
CYS O    O  N N 77  
CYS CB   C  N N 78  
CYS SG   S  N N 79  
CYS OXT  O  N N 80  
CYS H    H  N N 81  
CYS H2   H  N N 82  
CYS HA   H  N N 83  
CYS HB2  H  N N 84  
CYS HB3  H  N N 85  
CYS HG   H  N N 86  
CYS HXT  H  N N 87  
GLN N    N  N N 88  
GLN CA   C  N S 89  
GLN C    C  N N 90  
GLN O    O  N N 91  
GLN CB   C  N N 92  
GLN CG   C  N N 93  
GLN CD   C  N N 94  
GLN OE1  O  N N 95  
GLN NE2  N  N N 96  
GLN OXT  O  N N 97  
GLN H    H  N N 98  
GLN H2   H  N N 99  
GLN HA   H  N N 100 
GLN HB2  H  N N 101 
GLN HB3  H  N N 102 
GLN HG2  H  N N 103 
GLN HG3  H  N N 104 
GLN HE21 H  N N 105 
GLN HE22 H  N N 106 
GLN HXT  H  N N 107 
GLU N    N  N N 108 
GLU CA   C  N S 109 
GLU C    C  N N 110 
GLU O    O  N N 111 
GLU CB   C  N N 112 
GLU CG   C  N N 113 
GLU CD   C  N N 114 
GLU OE1  O  N N 115 
GLU OE2  O  N N 116 
GLU OXT  O  N N 117 
GLU H    H  N N 118 
GLU H2   H  N N 119 
GLU HA   H  N N 120 
GLU HB2  H  N N 121 
GLU HB3  H  N N 122 
GLU HG2  H  N N 123 
GLU HG3  H  N N 124 
GLU HE2  H  N N 125 
GLU HXT  H  N N 126 
GLY N    N  N N 127 
GLY CA   C  N N 128 
GLY C    C  N N 129 
GLY O    O  N N 130 
GLY OXT  O  N N 131 
GLY H    H  N N 132 
GLY H2   H  N N 133 
GLY HA2  H  N N 134 
GLY HA3  H  N N 135 
GLY HXT  H  N N 136 
HIS N    N  N N 137 
HIS CA   C  N S 138 
HIS C    C  N N 139 
HIS O    O  N N 140 
HIS CB   C  N N 141 
HIS CG   C  Y N 142 
HIS ND1  N  Y N 143 
HIS CD2  C  Y N 144 
HIS CE1  C  Y N 145 
HIS NE2  N  Y N 146 
HIS OXT  O  N N 147 
HIS H    H  N N 148 
HIS H2   H  N N 149 
HIS HA   H  N N 150 
HIS HB2  H  N N 151 
HIS HB3  H  N N 152 
HIS HD1  H  N N 153 
HIS HD2  H  N N 154 
HIS HE1  H  N N 155 
HIS HE2  H  N N 156 
HIS HXT  H  N N 157 
ILE N    N  N N 158 
ILE CA   C  N S 159 
ILE C    C  N N 160 
ILE O    O  N N 161 
ILE CB   C  N S 162 
ILE CG1  C  N N 163 
ILE CG2  C  N N 164 
ILE CD1  C  N N 165 
ILE OXT  O  N N 166 
ILE H    H  N N 167 
ILE H2   H  N N 168 
ILE HA   H  N N 169 
ILE HB   H  N N 170 
ILE HG12 H  N N 171 
ILE HG13 H  N N 172 
ILE HG21 H  N N 173 
ILE HG22 H  N N 174 
ILE HG23 H  N N 175 
ILE HD11 H  N N 176 
ILE HD12 H  N N 177 
ILE HD13 H  N N 178 
ILE HXT  H  N N 179 
LEU N    N  N N 180 
LEU CA   C  N S 181 
LEU C    C  N N 182 
LEU O    O  N N 183 
LEU CB   C  N N 184 
LEU CG   C  N N 185 
LEU CD1  C  N N 186 
LEU CD2  C  N N 187 
LEU OXT  O  N N 188 
LEU H    H  N N 189 
LEU H2   H  N N 190 
LEU HA   H  N N 191 
LEU HB2  H  N N 192 
LEU HB3  H  N N 193 
LEU HG   H  N N 194 
LEU HD11 H  N N 195 
LEU HD12 H  N N 196 
LEU HD13 H  N N 197 
LEU HD21 H  N N 198 
LEU HD22 H  N N 199 
LEU HD23 H  N N 200 
LEU HXT  H  N N 201 
LYS N    N  N N 202 
LYS CA   C  N S 203 
LYS C    C  N N 204 
LYS O    O  N N 205 
LYS CB   C  N N 206 
LYS CG   C  N N 207 
LYS CD   C  N N 208 
LYS CE   C  N N 209 
LYS NZ   N  N N 210 
LYS OXT  O  N N 211 
LYS H    H  N N 212 
LYS H2   H  N N 213 
LYS HA   H  N N 214 
LYS HB2  H  N N 215 
LYS HB3  H  N N 216 
LYS HG2  H  N N 217 
LYS HG3  H  N N 218 
LYS HD2  H  N N 219 
LYS HD3  H  N N 220 
LYS HE2  H  N N 221 
LYS HE3  H  N N 222 
LYS HZ1  H  N N 223 
LYS HZ2  H  N N 224 
LYS HZ3  H  N N 225 
LYS HXT  H  N N 226 
MET N    N  N N 227 
MET CA   C  N S 228 
MET C    C  N N 229 
MET O    O  N N 230 
MET CB   C  N N 231 
MET CG   C  N N 232 
MET SD   S  N N 233 
MET CE   C  N N 234 
MET OXT  O  N N 235 
MET H    H  N N 236 
MET H2   H  N N 237 
MET HA   H  N N 238 
MET HB2  H  N N 239 
MET HB3  H  N N 240 
MET HG2  H  N N 241 
MET HG3  H  N N 242 
MET HE1  H  N N 243 
MET HE2  H  N N 244 
MET HE3  H  N N 245 
MET HXT  H  N N 246 
MOO MO   MO N N 247 
MOO O1   O  N N 248 
MOO O2   O  N N 249 
MOO O3   O  N N 250 
MOO O4   O  N N 251 
PHE N    N  N N 252 
PHE CA   C  N S 253 
PHE C    C  N N 254 
PHE O    O  N N 255 
PHE CB   C  N N 256 
PHE CG   C  Y N 257 
PHE CD1  C  Y N 258 
PHE CD2  C  Y N 259 
PHE CE1  C  Y N 260 
PHE CE2  C  Y N 261 
PHE CZ   C  Y N 262 
PHE OXT  O  N N 263 
PHE H    H  N N 264 
PHE H2   H  N N 265 
PHE HA   H  N N 266 
PHE HB2  H  N N 267 
PHE HB3  H  N N 268 
PHE HD1  H  N N 269 
PHE HD2  H  N N 270 
PHE HE1  H  N N 271 
PHE HE2  H  N N 272 
PHE HZ   H  N N 273 
PHE HXT  H  N N 274 
PRO N    N  N N 275 
PRO CA   C  N S 276 
PRO C    C  N N 277 
PRO O    O  N N 278 
PRO CB   C  N N 279 
PRO CG   C  N N 280 
PRO CD   C  N N 281 
PRO OXT  O  N N 282 
PRO H    H  N N 283 
PRO HA   H  N N 284 
PRO HB2  H  N N 285 
PRO HB3  H  N N 286 
PRO HG2  H  N N 287 
PRO HG3  H  N N 288 
PRO HD2  H  N N 289 
PRO HD3  H  N N 290 
PRO HXT  H  N N 291 
SER N    N  N N 292 
SER CA   C  N S 293 
SER C    C  N N 294 
SER O    O  N N 295 
SER CB   C  N N 296 
SER OG   O  N N 297 
SER OXT  O  N N 298 
SER H    H  N N 299 
SER H2   H  N N 300 
SER HA   H  N N 301 
SER HB2  H  N N 302 
SER HB3  H  N N 303 
SER HG   H  N N 304 
SER HXT  H  N N 305 
THR N    N  N N 306 
THR CA   C  N S 307 
THR C    C  N N 308 
THR O    O  N N 309 
THR CB   C  N R 310 
THR OG1  O  N N 311 
THR CG2  C  N N 312 
THR OXT  O  N N 313 
THR H    H  N N 314 
THR H2   H  N N 315 
THR HA   H  N N 316 
THR HB   H  N N 317 
THR HG1  H  N N 318 
THR HG21 H  N N 319 
THR HG22 H  N N 320 
THR HG23 H  N N 321 
THR HXT  H  N N 322 
TRP N    N  N N 323 
TRP CA   C  N S 324 
TRP C    C  N N 325 
TRP O    O  N N 326 
TRP CB   C  N N 327 
TRP CG   C  Y N 328 
TRP CD1  C  Y N 329 
TRP CD2  C  Y N 330 
TRP NE1  N  Y N 331 
TRP CE2  C  Y N 332 
TRP CE3  C  Y N 333 
TRP CZ2  C  Y N 334 
TRP CZ3  C  Y N 335 
TRP CH2  C  Y N 336 
TRP OXT  O  N N 337 
TRP H    H  N N 338 
TRP H2   H  N N 339 
TRP HA   H  N N 340 
TRP HB2  H  N N 341 
TRP HB3  H  N N 342 
TRP HD1  H  N N 343 
TRP HE1  H  N N 344 
TRP HE3  H  N N 345 
TRP HZ2  H  N N 346 
TRP HZ3  H  N N 347 
TRP HH2  H  N N 348 
TRP HXT  H  N N 349 
TYR N    N  N N 350 
TYR CA   C  N S 351 
TYR C    C  N N 352 
TYR O    O  N N 353 
TYR CB   C  N N 354 
TYR CG   C  Y N 355 
TYR CD1  C  Y N 356 
TYR CD2  C  Y N 357 
TYR CE1  C  Y N 358 
TYR CE2  C  Y N 359 
TYR CZ   C  Y N 360 
TYR OH   O  N N 361 
TYR OXT  O  N N 362 
TYR H    H  N N 363 
TYR H2   H  N N 364 
TYR HA   H  N N 365 
TYR HB2  H  N N 366 
TYR HB3  H  N N 367 
TYR HD1  H  N N 368 
TYR HD2  H  N N 369 
TYR HE1  H  N N 370 
TYR HE2  H  N N 371 
TYR HH   H  N N 372 
TYR HXT  H  N N 373 
VAL N    N  N N 374 
VAL CA   C  N S 375 
VAL C    C  N N 376 
VAL O    O  N N 377 
VAL CB   C  N N 378 
VAL CG1  C  N N 379 
VAL CG2  C  N N 380 
VAL OXT  O  N N 381 
VAL H    H  N N 382 
VAL H2   H  N N 383 
VAL HA   H  N N 384 
VAL HB   H  N N 385 
VAL HG11 H  N N 386 
VAL HG12 H  N N 387 
VAL HG13 H  N N 388 
VAL HG21 H  N N 389 
VAL HG22 H  N N 390 
VAL HG23 H  N N 391 
VAL HXT  H  N N 392 
# 
loop_
_chem_comp_bond.comp_id 
_chem_comp_bond.atom_id_1 
_chem_comp_bond.atom_id_2 
_chem_comp_bond.value_order 
_chem_comp_bond.pdbx_aromatic_flag 
_chem_comp_bond.pdbx_stereo_config 
_chem_comp_bond.pdbx_ordinal 
ALA N   CA   sing N N 1   
ALA N   H    sing N N 2   
ALA N   H2   sing N N 3   
ALA CA  C    sing N N 4   
ALA CA  CB   sing N N 5   
ALA CA  HA   sing N N 6   
ALA C   O    doub N N 7   
ALA C   OXT  sing N N 8   
ALA CB  HB1  sing N N 9   
ALA CB  HB2  sing N N 10  
ALA CB  HB3  sing N N 11  
ALA OXT HXT  sing N N 12  
ARG N   CA   sing N N 13  
ARG N   H    sing N N 14  
ARG N   H2   sing N N 15  
ARG CA  C    sing N N 16  
ARG CA  CB   sing N N 17  
ARG CA  HA   sing N N 18  
ARG C   O    doub N N 19  
ARG C   OXT  sing N N 20  
ARG CB  CG   sing N N 21  
ARG CB  HB2  sing N N 22  
ARG CB  HB3  sing N N 23  
ARG CG  CD   sing N N 24  
ARG CG  HG2  sing N N 25  
ARG CG  HG3  sing N N 26  
ARG CD  NE   sing N N 27  
ARG CD  HD2  sing N N 28  
ARG CD  HD3  sing N N 29  
ARG NE  CZ   sing N N 30  
ARG NE  HE   sing N N 31  
ARG CZ  NH1  sing N N 32  
ARG CZ  NH2  doub N N 33  
ARG NH1 HH11 sing N N 34  
ARG NH1 HH12 sing N N 35  
ARG NH2 HH21 sing N N 36  
ARG NH2 HH22 sing N N 37  
ARG OXT HXT  sing N N 38  
ASN N   CA   sing N N 39  
ASN N   H    sing N N 40  
ASN N   H2   sing N N 41  
ASN CA  C    sing N N 42  
ASN CA  CB   sing N N 43  
ASN CA  HA   sing N N 44  
ASN C   O    doub N N 45  
ASN C   OXT  sing N N 46  
ASN CB  CG   sing N N 47  
ASN CB  HB2  sing N N 48  
ASN CB  HB3  sing N N 49  
ASN CG  OD1  doub N N 50  
ASN CG  ND2  sing N N 51  
ASN ND2 HD21 sing N N 52  
ASN ND2 HD22 sing N N 53  
ASN OXT HXT  sing N N 54  
ASP N   CA   sing N N 55  
ASP N   H    sing N N 56  
ASP N   H2   sing N N 57  
ASP CA  C    sing N N 58  
ASP CA  CB   sing N N 59  
ASP CA  HA   sing N N 60  
ASP C   O    doub N N 61  
ASP C   OXT  sing N N 62  
ASP CB  CG   sing N N 63  
ASP CB  HB2  sing N N 64  
ASP CB  HB3  sing N N 65  
ASP CG  OD1  doub N N 66  
ASP CG  OD2  sing N N 67  
ASP OD2 HD2  sing N N 68  
ASP OXT HXT  sing N N 69  
CYS N   CA   sing N N 70  
CYS N   H    sing N N 71  
CYS N   H2   sing N N 72  
CYS CA  C    sing N N 73  
CYS CA  CB   sing N N 74  
CYS CA  HA   sing N N 75  
CYS C   O    doub N N 76  
CYS C   OXT  sing N N 77  
CYS CB  SG   sing N N 78  
CYS CB  HB2  sing N N 79  
CYS CB  HB3  sing N N 80  
CYS SG  HG   sing N N 81  
CYS OXT HXT  sing N N 82  
GLN N   CA   sing N N 83  
GLN N   H    sing N N 84  
GLN N   H2   sing N N 85  
GLN CA  C    sing N N 86  
GLN CA  CB   sing N N 87  
GLN CA  HA   sing N N 88  
GLN C   O    doub N N 89  
GLN C   OXT  sing N N 90  
GLN CB  CG   sing N N 91  
GLN CB  HB2  sing N N 92  
GLN CB  HB3  sing N N 93  
GLN CG  CD   sing N N 94  
GLN CG  HG2  sing N N 95  
GLN CG  HG3  sing N N 96  
GLN CD  OE1  doub N N 97  
GLN CD  NE2  sing N N 98  
GLN NE2 HE21 sing N N 99  
GLN NE2 HE22 sing N N 100 
GLN OXT HXT  sing N N 101 
GLU N   CA   sing N N 102 
GLU N   H    sing N N 103 
GLU N   H2   sing N N 104 
GLU CA  C    sing N N 105 
GLU CA  CB   sing N N 106 
GLU CA  HA   sing N N 107 
GLU C   O    doub N N 108 
GLU C   OXT  sing N N 109 
GLU CB  CG   sing N N 110 
GLU CB  HB2  sing N N 111 
GLU CB  HB3  sing N N 112 
GLU CG  CD   sing N N 113 
GLU CG  HG2  sing N N 114 
GLU CG  HG3  sing N N 115 
GLU CD  OE1  doub N N 116 
GLU CD  OE2  sing N N 117 
GLU OE2 HE2  sing N N 118 
GLU OXT HXT  sing N N 119 
GLY N   CA   sing N N 120 
GLY N   H    sing N N 121 
GLY N   H2   sing N N 122 
GLY CA  C    sing N N 123 
GLY CA  HA2  sing N N 124 
GLY CA  HA3  sing N N 125 
GLY C   O    doub N N 126 
GLY C   OXT  sing N N 127 
GLY OXT HXT  sing N N 128 
HIS N   CA   sing N N 129 
HIS N   H    sing N N 130 
HIS N   H2   sing N N 131 
HIS CA  C    sing N N 132 
HIS CA  CB   sing N N 133 
HIS CA  HA   sing N N 134 
HIS C   O    doub N N 135 
HIS C   OXT  sing N N 136 
HIS CB  CG   sing N N 137 
HIS CB  HB2  sing N N 138 
HIS CB  HB3  sing N N 139 
HIS CG  ND1  sing Y N 140 
HIS CG  CD2  doub Y N 141 
HIS ND1 CE1  doub Y N 142 
HIS ND1 HD1  sing N N 143 
HIS CD2 NE2  sing Y N 144 
HIS CD2 HD2  sing N N 145 
HIS CE1 NE2  sing Y N 146 
HIS CE1 HE1  sing N N 147 
HIS NE2 HE2  sing N N 148 
HIS OXT HXT  sing N N 149 
ILE N   CA   sing N N 150 
ILE N   H    sing N N 151 
ILE N   H2   sing N N 152 
ILE CA  C    sing N N 153 
ILE CA  CB   sing N N 154 
ILE CA  HA   sing N N 155 
ILE C   O    doub N N 156 
ILE C   OXT  sing N N 157 
ILE CB  CG1  sing N N 158 
ILE CB  CG2  sing N N 159 
ILE CB  HB   sing N N 160 
ILE CG1 CD1  sing N N 161 
ILE CG1 HG12 sing N N 162 
ILE CG1 HG13 sing N N 163 
ILE CG2 HG21 sing N N 164 
ILE CG2 HG22 sing N N 165 
ILE CG2 HG23 sing N N 166 
ILE CD1 HD11 sing N N 167 
ILE CD1 HD12 sing N N 168 
ILE CD1 HD13 sing N N 169 
ILE OXT HXT  sing N N 170 
LEU N   CA   sing N N 171 
LEU N   H    sing N N 172 
LEU N   H2   sing N N 173 
LEU CA  C    sing N N 174 
LEU CA  CB   sing N N 175 
LEU CA  HA   sing N N 176 
LEU C   O    doub N N 177 
LEU C   OXT  sing N N 178 
LEU CB  CG   sing N N 179 
LEU CB  HB2  sing N N 180 
LEU CB  HB3  sing N N 181 
LEU CG  CD1  sing N N 182 
LEU CG  CD2  sing N N 183 
LEU CG  HG   sing N N 184 
LEU CD1 HD11 sing N N 185 
LEU CD1 HD12 sing N N 186 
LEU CD1 HD13 sing N N 187 
LEU CD2 HD21 sing N N 188 
LEU CD2 HD22 sing N N 189 
LEU CD2 HD23 sing N N 190 
LEU OXT HXT  sing N N 191 
LYS N   CA   sing N N 192 
LYS N   H    sing N N 193 
LYS N   H2   sing N N 194 
LYS CA  C    sing N N 195 
LYS CA  CB   sing N N 196 
LYS CA  HA   sing N N 197 
LYS C   O    doub N N 198 
LYS C   OXT  sing N N 199 
LYS CB  CG   sing N N 200 
LYS CB  HB2  sing N N 201 
LYS CB  HB3  sing N N 202 
LYS CG  CD   sing N N 203 
LYS CG  HG2  sing N N 204 
LYS CG  HG3  sing N N 205 
LYS CD  CE   sing N N 206 
LYS CD  HD2  sing N N 207 
LYS CD  HD3  sing N N 208 
LYS CE  NZ   sing N N 209 
LYS CE  HE2  sing N N 210 
LYS CE  HE3  sing N N 211 
LYS NZ  HZ1  sing N N 212 
LYS NZ  HZ2  sing N N 213 
LYS NZ  HZ3  sing N N 214 
LYS OXT HXT  sing N N 215 
MET N   CA   sing N N 216 
MET N   H    sing N N 217 
MET N   H2   sing N N 218 
MET CA  C    sing N N 219 
MET CA  CB   sing N N 220 
MET CA  HA   sing N N 221 
MET C   O    doub N N 222 
MET C   OXT  sing N N 223 
MET CB  CG   sing N N 224 
MET CB  HB2  sing N N 225 
MET CB  HB3  sing N N 226 
MET CG  SD   sing N N 227 
MET CG  HG2  sing N N 228 
MET CG  HG3  sing N N 229 
MET SD  CE   sing N N 230 
MET CE  HE1  sing N N 231 
MET CE  HE2  sing N N 232 
MET CE  HE3  sing N N 233 
MET OXT HXT  sing N N 234 
MOO MO  O1   doub N N 235 
MOO MO  O2   doub N N 236 
MOO MO  O3   sing N N 237 
MOO MO  O4   sing N N 238 
PHE N   CA   sing N N 239 
PHE N   H    sing N N 240 
PHE N   H2   sing N N 241 
PHE CA  C    sing N N 242 
PHE CA  CB   sing N N 243 
PHE CA  HA   sing N N 244 
PHE C   O    doub N N 245 
PHE C   OXT  sing N N 246 
PHE CB  CG   sing N N 247 
PHE CB  HB2  sing N N 248 
PHE CB  HB3  sing N N 249 
PHE CG  CD1  doub Y N 250 
PHE CG  CD2  sing Y N 251 
PHE CD1 CE1  sing Y N 252 
PHE CD1 HD1  sing N N 253 
PHE CD2 CE2  doub Y N 254 
PHE CD2 HD2  sing N N 255 
PHE CE1 CZ   doub Y N 256 
PHE CE1 HE1  sing N N 257 
PHE CE2 CZ   sing Y N 258 
PHE CE2 HE2  sing N N 259 
PHE CZ  HZ   sing N N 260 
PHE OXT HXT  sing N N 261 
PRO N   CA   sing N N 262 
PRO N   CD   sing N N 263 
PRO N   H    sing N N 264 
PRO CA  C    sing N N 265 
PRO CA  CB   sing N N 266 
PRO CA  HA   sing N N 267 
PRO C   O    doub N N 268 
PRO C   OXT  sing N N 269 
PRO CB  CG   sing N N 270 
PRO CB  HB2  sing N N 271 
PRO CB  HB3  sing N N 272 
PRO CG  CD   sing N N 273 
PRO CG  HG2  sing N N 274 
PRO CG  HG3  sing N N 275 
PRO CD  HD2  sing N N 276 
PRO CD  HD3  sing N N 277 
PRO OXT HXT  sing N N 278 
SER N   CA   sing N N 279 
SER N   H    sing N N 280 
SER N   H2   sing N N 281 
SER CA  C    sing N N 282 
SER CA  CB   sing N N 283 
SER CA  HA   sing N N 284 
SER C   O    doub N N 285 
SER C   OXT  sing N N 286 
SER CB  OG   sing N N 287 
SER CB  HB2  sing N N 288 
SER CB  HB3  sing N N 289 
SER OG  HG   sing N N 290 
SER OXT HXT  sing N N 291 
THR N   CA   sing N N 292 
THR N   H    sing N N 293 
THR N   H2   sing N N 294 
THR CA  C    sing N N 295 
THR CA  CB   sing N N 296 
THR CA  HA   sing N N 297 
THR C   O    doub N N 298 
THR C   OXT  sing N N 299 
THR CB  OG1  sing N N 300 
THR CB  CG2  sing N N 301 
THR CB  HB   sing N N 302 
THR OG1 HG1  sing N N 303 
THR CG2 HG21 sing N N 304 
THR CG2 HG22 sing N N 305 
THR CG2 HG23 sing N N 306 
THR OXT HXT  sing N N 307 
TRP N   CA   sing N N 308 
TRP N   H    sing N N 309 
TRP N   H2   sing N N 310 
TRP CA  C    sing N N 311 
TRP CA  CB   sing N N 312 
TRP CA  HA   sing N N 313 
TRP C   O    doub N N 314 
TRP C   OXT  sing N N 315 
TRP CB  CG   sing N N 316 
TRP CB  HB2  sing N N 317 
TRP CB  HB3  sing N N 318 
TRP CG  CD1  doub Y N 319 
TRP CG  CD2  sing Y N 320 
TRP CD1 NE1  sing Y N 321 
TRP CD1 HD1  sing N N 322 
TRP CD2 CE2  doub Y N 323 
TRP CD2 CE3  sing Y N 324 
TRP NE1 CE2  sing Y N 325 
TRP NE1 HE1  sing N N 326 
TRP CE2 CZ2  sing Y N 327 
TRP CE3 CZ3  doub Y N 328 
TRP CE3 HE3  sing N N 329 
TRP CZ2 CH2  doub Y N 330 
TRP CZ2 HZ2  sing N N 331 
TRP CZ3 CH2  sing Y N 332 
TRP CZ3 HZ3  sing N N 333 
TRP CH2 HH2  sing N N 334 
TRP OXT HXT  sing N N 335 
TYR N   CA   sing N N 336 
TYR N   H    sing N N 337 
TYR N   H2   sing N N 338 
TYR CA  C    sing N N 339 
TYR CA  CB   sing N N 340 
TYR CA  HA   sing N N 341 
TYR C   O    doub N N 342 
TYR C   OXT  sing N N 343 
TYR CB  CG   sing N N 344 
TYR CB  HB2  sing N N 345 
TYR CB  HB3  sing N N 346 
TYR CG  CD1  doub Y N 347 
TYR CG  CD2  sing Y N 348 
TYR CD1 CE1  sing Y N 349 
TYR CD1 HD1  sing N N 350 
TYR CD2 CE2  doub Y N 351 
TYR CD2 HD2  sing N N 352 
TYR CE1 CZ   doub Y N 353 
TYR CE1 HE1  sing N N 354 
TYR CE2 CZ   sing Y N 355 
TYR CE2 HE2  sing N N 356 
TYR CZ  OH   sing N N 357 
TYR OH  HH   sing N N 358 
TYR OXT HXT  sing N N 359 
VAL N   CA   sing N N 360 
VAL N   H    sing N N 361 
VAL N   H2   sing N N 362 
VAL CA  C    sing N N 363 
VAL CA  CB   sing N N 364 
VAL CA  HA   sing N N 365 
VAL C   O    doub N N 366 
VAL C   OXT  sing N N 367 
VAL CB  CG1  sing N N 368 
VAL CB  CG2  sing N N 369 
VAL CB  HB   sing N N 370 
VAL CG1 HG11 sing N N 371 
VAL CG1 HG12 sing N N 372 
VAL CG1 HG13 sing N N 373 
VAL CG2 HG21 sing N N 374 
VAL CG2 HG22 sing N N 375 
VAL CG2 HG23 sing N N 376 
VAL OXT HXT  sing N N 377 
# 
_pdbx_entity_nonpoly.entity_id   2 
_pdbx_entity_nonpoly.name        'MOLYBDATE ION' 
_pdbx_entity_nonpoly.comp_id     MOO 
# 
_pdbx_initial_refinement_model.id               1 
_pdbx_initial_refinement_model.entity_id_list   ? 
_pdbx_initial_refinement_model.type             'experimental model' 
_pdbx_initial_refinement_model.source_name      PDB 
_pdbx_initial_refinement_model.accession_code   1DG9 
_pdbx_initial_refinement_model.details          'PDB entry 1DG9' 
# 
